data_2DL4
#
_entry.id   2DL4
#
_entity_poly.entity_id   1
_entity_poly.type   'polypeptide(L)'
_entity_poly.pdbx_seq_one_letter_code
;GSSGSSGNTYVALYKFVPQENEDLEMRPGDIITLLEDSNEDWWKGKIQDRIGFFPANFVQRLSGPSSG
;
_entity_poly.pdbx_strand_id   A
#
# COMPACT_ATOMS: atom_id res chain seq x y z
N GLY A 1 10.57 10.30 -2.61
CA GLY A 1 11.55 9.44 -2.01
C GLY A 1 12.98 9.79 -2.44
N SER A 2 13.73 10.39 -1.53
CA SER A 2 15.11 10.78 -1.82
C SER A 2 16.00 9.55 -1.97
N SER A 3 16.58 9.38 -3.15
CA SER A 3 17.46 8.25 -3.42
C SER A 3 16.77 6.93 -3.04
N GLY A 4 15.50 6.81 -3.39
CA GLY A 4 14.75 5.61 -3.08
C GLY A 4 15.47 4.35 -3.53
N SER A 5 15.06 3.21 -2.98
CA SER A 5 15.68 1.94 -3.33
C SER A 5 14.67 0.99 -3.97
N SER A 6 13.61 0.66 -3.22
CA SER A 6 12.57 -0.23 -3.72
C SER A 6 11.29 0.54 -4.00
N GLY A 7 11.08 0.89 -5.26
CA GLY A 7 9.89 1.63 -5.65
C GLY A 7 8.76 0.71 -6.08
N ASN A 8 8.20 -0.02 -5.12
CA ASN A 8 7.09 -0.93 -5.40
C ASN A 8 5.75 -0.30 -5.04
N THR A 9 4.88 -0.17 -6.03
CA THR A 9 3.56 0.42 -5.82
C THR A 9 2.49 -0.66 -5.76
N TYR A 10 1.47 -0.43 -4.92
CA TYR A 10 0.39 -1.38 -4.76
C TYR A 10 -0.97 -0.67 -4.86
N VAL A 11 -1.92 -1.33 -5.52
CA VAL A 11 -3.26 -0.77 -5.68
C VAL A 11 -4.28 -1.54 -4.84
N ALA A 12 -4.83 -0.87 -3.84
CA ALA A 12 -5.82 -1.49 -2.96
C ALA A 12 -6.97 -2.08 -3.77
N LEU A 13 -7.24 -3.36 -3.56
CA LEU A 13 -8.31 -4.05 -4.26
C LEU A 13 -9.66 -3.74 -3.63
N TYR A 14 -9.72 -3.78 -2.31
CA TYR A 14 -10.95 -3.51 -1.58
C TYR A 14 -10.72 -2.47 -0.48
N LYS A 15 -11.81 -1.95 0.06
CA LYS A 15 -11.73 -0.94 1.12
C LYS A 15 -11.41 -1.59 2.45
N PHE A 16 -10.49 -0.99 3.20
CA PHE A 16 -10.10 -1.51 4.51
C PHE A 16 -10.69 -0.66 5.63
N VAL A 17 -11.04 -1.31 6.74
CA VAL A 17 -11.61 -0.63 7.88
C VAL A 17 -10.75 -0.82 9.13
N PRO A 18 -9.85 0.14 9.38
CA PRO A 18 -8.95 0.10 10.54
C PRO A 18 -9.69 0.31 11.85
N GLN A 19 -9.55 -0.65 12.76
CA GLN A 19 -10.21 -0.56 14.06
C GLN A 19 -9.45 0.38 14.99
N GLU A 20 -8.14 0.44 14.83
CA GLU A 20 -7.31 1.31 15.65
C GLU A 20 -6.33 2.10 14.79
N ASN A 21 -5.88 3.24 15.32
CA ASN A 21 -4.94 4.10 14.59
C ASN A 21 -3.87 3.27 13.89
N GLU A 22 -3.22 2.38 14.64
CA GLU A 22 -2.18 1.52 14.10
C GLU A 22 -2.55 1.06 12.68
N ASP A 23 -3.80 0.68 12.50
CA ASP A 23 -4.28 0.22 11.19
C ASP A 23 -4.40 1.39 10.22
N LEU A 24 -4.38 1.07 8.92
CA LEU A 24 -4.48 2.10 7.89
C LEU A 24 -5.73 1.89 7.04
N GLU A 25 -6.38 2.99 6.65
CA GLU A 25 -7.58 2.91 5.84
C GLU A 25 -7.25 3.08 4.36
N MET A 26 -7.87 2.26 3.52
CA MET A 26 -7.63 2.32 2.09
C MET A 26 -8.92 2.03 1.31
N ARG A 27 -8.98 2.52 0.08
CA ARG A 27 -10.15 2.32 -0.76
C ARG A 27 -9.77 1.62 -2.08
N PRO A 28 -10.75 0.93 -2.68
CA PRO A 28 -10.55 0.22 -3.95
C PRO A 28 -10.34 1.16 -5.12
N GLY A 29 -9.08 1.42 -5.46
CA GLY A 29 -8.77 2.32 -6.55
C GLY A 29 -7.72 3.35 -6.20
N ASP A 30 -7.13 3.20 -5.01
CA ASP A 30 -6.11 4.14 -4.56
C ASP A 30 -4.71 3.57 -4.78
N ILE A 31 -3.71 4.43 -4.64
CA ILE A 31 -2.32 4.01 -4.82
C ILE A 31 -1.55 4.07 -3.51
N ILE A 32 -1.09 2.92 -3.04
CA ILE A 32 -0.33 2.84 -1.79
C ILE A 32 1.15 2.60 -2.06
N THR A 33 1.99 3.32 -1.33
CA THR A 33 3.43 3.19 -1.49
C THR A 33 4.02 2.24 -0.45
N LEU A 34 4.37 1.03 -0.89
CA LEU A 34 4.95 0.04 0.01
C LEU A 34 6.30 0.50 0.55
N LEU A 35 6.35 0.76 1.85
CA LEU A 35 7.58 1.20 2.49
C LEU A 35 8.30 0.04 3.17
N GLU A 36 7.57 -0.68 4.03
CA GLU A 36 8.14 -1.82 4.74
C GLU A 36 7.52 -3.12 4.25
N ASP A 37 8.36 -4.03 3.78
CA ASP A 37 7.91 -5.33 3.28
C ASP A 37 8.63 -6.47 3.98
N SER A 38 8.96 -6.26 5.26
CA SER A 38 9.66 -7.27 6.04
C SER A 38 8.74 -8.45 6.35
N ASN A 39 7.48 -8.15 6.64
CA ASN A 39 6.51 -9.18 6.96
C ASN A 39 6.07 -9.93 5.69
N GLU A 40 5.11 -10.83 5.85
CA GLU A 40 4.61 -11.61 4.72
C GLU A 40 3.08 -11.54 4.65
N ASP A 41 2.44 -11.67 5.81
CA ASP A 41 0.98 -11.62 5.88
C ASP A 41 0.47 -10.20 5.64
N TRP A 42 1.03 -9.24 6.38
CA TRP A 42 0.63 -7.84 6.25
C TRP A 42 1.83 -6.97 5.91
N TRP A 43 1.60 -5.96 5.08
CA TRP A 43 2.65 -5.04 4.68
C TRP A 43 2.33 -3.61 5.09
N LYS A 44 3.36 -2.77 5.16
CA LYS A 44 3.18 -1.37 5.54
C LYS A 44 3.48 -0.44 4.37
N GLY A 45 2.69 0.61 4.22
CA GLY A 45 2.88 1.55 3.14
C GLY A 45 2.53 2.97 3.54
N LYS A 46 2.48 3.86 2.55
CA LYS A 46 2.15 5.26 2.80
C LYS A 46 1.12 5.77 1.80
N ILE A 47 0.03 6.32 2.31
CA ILE A 47 -1.03 6.86 1.45
C ILE A 47 -1.00 8.38 1.42
N GLN A 48 -1.67 8.95 0.43
CA GLN A 48 -1.73 10.40 0.29
C GLN A 48 -1.71 11.09 1.65
N ASP A 49 -2.84 11.04 2.35
CA ASP A 49 -2.96 11.66 3.66
C ASP A 49 -3.20 10.60 4.74
N ARG A 50 -2.99 9.34 4.37
CA ARG A 50 -3.19 8.23 5.30
C ARG A 50 -1.92 7.39 5.42
N ILE A 51 -1.76 6.72 6.56
CA ILE A 51 -0.60 5.88 6.80
C ILE A 51 -0.88 4.81 7.85
N GLY A 52 -0.15 3.72 7.79
CA GLY A 52 -0.34 2.64 8.75
C GLY A 52 -0.13 1.28 8.12
N PHE A 53 -0.54 0.23 8.85
CA PHE A 53 -0.38 -1.14 8.36
C PHE A 53 -1.64 -1.60 7.62
N PHE A 54 -1.48 -2.60 6.77
CA PHE A 54 -2.60 -3.14 6.00
C PHE A 54 -2.27 -4.53 5.47
N PRO A 55 -3.32 -5.34 5.26
CA PRO A 55 -3.18 -6.71 4.74
C PRO A 55 -2.73 -6.74 3.29
N ALA A 56 -1.96 -7.76 2.92
CA ALA A 56 -1.48 -7.90 1.55
C ALA A 56 -2.55 -8.50 0.66
N ASN A 57 -3.36 -9.38 1.21
CA ASN A 57 -4.43 -10.03 0.46
C ASN A 57 -5.44 -9.00 -0.04
N PHE A 58 -5.29 -7.76 0.40
CA PHE A 58 -6.19 -6.69 -0.01
C PHE A 58 -5.61 -5.92 -1.20
N VAL A 59 -4.29 -5.84 -1.25
CA VAL A 59 -3.62 -5.12 -2.33
C VAL A 59 -2.97 -6.10 -3.31
N GLN A 60 -2.50 -5.58 -4.44
CA GLN A 60 -1.87 -6.42 -5.45
C GLN A 60 -0.69 -5.69 -6.08
N ARG A 61 0.53 -6.14 -5.74
CA ARG A 61 1.74 -5.53 -6.27
C ARG A 61 1.55 -5.12 -7.73
N LEU A 62 1.92 -3.88 -8.05
CA LEU A 62 1.79 -3.38 -9.41
C LEU A 62 3.05 -3.68 -10.22
N SER A 63 2.94 -4.65 -11.12
CA SER A 63 4.08 -5.03 -11.96
C SER A 63 4.34 -3.98 -13.04
N GLY A 64 3.29 -3.64 -13.78
CA GLY A 64 3.42 -2.65 -14.84
C GLY A 64 2.50 -2.92 -16.01
N PRO A 65 2.57 -2.07 -17.04
CA PRO A 65 1.75 -2.20 -18.24
C PRO A 65 2.16 -3.40 -19.09
N SER A 66 1.42 -4.50 -18.96
CA SER A 66 1.71 -5.71 -19.71
C SER A 66 1.53 -5.48 -21.20
N SER A 67 2.52 -5.90 -21.98
CA SER A 67 2.47 -5.74 -23.43
C SER A 67 3.48 -6.65 -24.12
N GLY A 68 3.27 -6.90 -25.40
CA GLY A 68 4.17 -7.76 -26.15
C GLY A 68 5.61 -7.34 -26.03
N GLY A 1 12.65 16.45 4.63
CA GLY A 1 13.98 16.70 4.08
C GLY A 1 13.97 16.87 2.57
N SER A 2 13.28 15.98 1.89
CA SER A 2 13.20 16.02 0.43
C SER A 2 12.23 14.97 -0.11
N SER A 3 11.81 15.14 -1.35
CA SER A 3 10.89 14.21 -1.98
C SER A 3 11.62 12.99 -2.53
N GLY A 4 11.05 11.81 -2.32
CA GLY A 4 11.66 10.59 -2.80
C GLY A 4 11.12 9.35 -2.10
N SER A 5 12.02 8.57 -1.49
CA SER A 5 11.62 7.36 -0.80
C SER A 5 10.58 6.58 -1.59
N SER A 6 10.78 6.50 -2.90
CA SER A 6 9.85 5.80 -3.77
C SER A 6 10.34 4.38 -4.06
N GLY A 7 9.40 3.48 -4.35
CA GLY A 7 9.76 2.11 -4.64
C GLY A 7 8.59 1.31 -5.20
N ASN A 8 8.40 0.10 -4.69
CA ASN A 8 7.31 -0.75 -5.15
C ASN A 8 5.96 -0.19 -4.74
N THR A 9 5.11 0.07 -5.73
CA THR A 9 3.78 0.62 -5.48
C THR A 9 2.71 -0.45 -5.66
N TYR A 10 1.67 -0.37 -4.83
CA TYR A 10 0.57 -1.33 -4.90
C TYR A 10 -0.77 -0.62 -5.01
N VAL A 11 -1.82 -1.37 -5.37
CA VAL A 11 -3.16 -0.81 -5.50
C VAL A 11 -4.15 -1.56 -4.63
N ALA A 12 -4.90 -0.82 -3.82
CA ALA A 12 -5.90 -1.42 -2.95
C ALA A 12 -7.04 -2.04 -3.74
N LEU A 13 -7.31 -3.32 -3.51
CA LEU A 13 -8.37 -4.03 -4.20
C LEU A 13 -9.73 -3.74 -3.56
N TYR A 14 -9.77 -3.82 -2.23
CA TYR A 14 -11.00 -3.57 -1.50
C TYR A 14 -10.80 -2.50 -0.44
N LYS A 15 -11.90 -1.97 0.09
CA LYS A 15 -11.85 -0.94 1.11
C LYS A 15 -11.51 -1.54 2.48
N PHE A 16 -10.46 -1.02 3.10
CA PHE A 16 -10.03 -1.51 4.41
C PHE A 16 -10.59 -0.63 5.52
N VAL A 17 -10.79 -1.23 6.70
CA VAL A 17 -11.33 -0.49 7.84
C VAL A 17 -10.43 -0.66 9.06
N PRO A 18 -9.51 0.31 9.25
CA PRO A 18 -8.57 0.29 10.38
C PRO A 18 -9.27 0.55 11.72
N GLN A 19 -9.32 -0.49 12.55
CA GLN A 19 -9.95 -0.38 13.87
C GLN A 19 -9.21 0.63 14.74
N GLU A 20 -7.90 0.71 14.57
CA GLU A 20 -7.08 1.63 15.35
C GLU A 20 -6.10 2.38 14.45
N ASN A 21 -5.72 3.58 14.88
CA ASN A 21 -4.80 4.41 14.11
C ASN A 21 -3.69 3.56 13.51
N GLU A 22 -3.09 2.70 14.33
CA GLU A 22 -2.01 1.82 13.87
C GLU A 22 -2.30 1.31 12.46
N ASP A 23 -3.53 0.87 12.23
CA ASP A 23 -3.93 0.36 10.93
C ASP A 23 -3.98 1.47 9.89
N LEU A 24 -3.99 1.08 8.61
CA LEU A 24 -4.04 2.05 7.52
C LEU A 24 -5.31 1.91 6.72
N GLU A 25 -6.00 3.03 6.49
CA GLU A 25 -7.24 3.03 5.73
C GLU A 25 -6.97 3.13 4.24
N MET A 26 -7.56 2.23 3.46
CA MET A 26 -7.38 2.23 2.02
C MET A 26 -8.70 1.93 1.31
N ARG A 27 -8.77 2.30 0.04
CA ARG A 27 -9.98 2.07 -0.76
C ARG A 27 -9.65 1.34 -2.05
N PRO A 28 -10.68 0.75 -2.68
CA PRO A 28 -10.52 0.00 -3.93
C PRO A 28 -10.22 0.92 -5.11
N GLY A 29 -8.93 1.16 -5.35
CA GLY A 29 -8.54 2.02 -6.45
C GLY A 29 -7.54 3.09 -6.03
N ASP A 30 -7.00 2.93 -4.83
CA ASP A 30 -6.03 3.89 -4.30
C ASP A 30 -4.60 3.41 -4.56
N ILE A 31 -3.65 4.34 -4.48
CA ILE A 31 -2.24 4.01 -4.71
C ILE A 31 -1.47 3.99 -3.39
N ILE A 32 -1.12 2.78 -2.94
CA ILE A 32 -0.37 2.63 -1.70
C ILE A 32 1.11 2.41 -1.98
N THR A 33 1.95 3.12 -1.24
CA THR A 33 3.40 3.00 -1.40
C THR A 33 4.00 2.08 -0.34
N LEU A 34 4.38 0.88 -0.75
CA LEU A 34 4.98 -0.09 0.16
C LEU A 34 6.26 0.46 0.77
N LEU A 35 6.25 0.65 2.09
CA LEU A 35 7.41 1.17 2.80
C LEU A 35 8.16 0.04 3.52
N GLU A 36 7.43 -0.74 4.31
CA GLU A 36 8.01 -1.85 5.04
C GLU A 36 7.41 -3.17 4.61
N ASP A 37 8.22 -4.01 3.97
CA ASP A 37 7.77 -5.31 3.50
C ASP A 37 8.50 -6.43 4.22
N SER A 38 8.80 -6.22 5.49
CA SER A 38 9.50 -7.21 6.30
C SER A 38 8.63 -8.45 6.51
N ASN A 39 7.33 -8.22 6.69
CA ASN A 39 6.39 -9.32 6.91
C ASN A 39 5.97 -9.94 5.58
N GLU A 40 5.08 -10.92 5.65
CA GLU A 40 4.59 -11.60 4.46
C GLU A 40 3.06 -11.50 4.37
N ASP A 41 2.39 -11.74 5.49
CA ASP A 41 0.94 -11.68 5.53
C ASP A 41 0.45 -10.24 5.41
N TRP A 42 1.00 -9.36 6.23
CA TRP A 42 0.62 -7.95 6.21
C TRP A 42 1.82 -7.06 5.88
N TRP A 43 1.59 -6.02 5.10
CA TRP A 43 2.65 -5.10 4.71
C TRP A 43 2.28 -3.66 5.07
N LYS A 44 3.29 -2.82 5.24
CA LYS A 44 3.07 -1.42 5.57
C LYS A 44 3.26 -0.53 4.35
N GLY A 45 2.50 0.57 4.30
CA GLY A 45 2.60 1.48 3.18
C GLY A 45 2.28 2.90 3.57
N LYS A 46 2.04 3.76 2.56
CA LYS A 46 1.71 5.15 2.80
C LYS A 46 0.62 5.63 1.85
N ILE A 47 -0.15 6.63 2.29
CA ILE A 47 -1.22 7.17 1.47
C ILE A 47 -1.28 8.69 1.58
N GLN A 48 -1.98 9.32 0.64
CA GLN A 48 -2.12 10.77 0.64
C GLN A 48 -2.15 11.32 2.06
N ASP A 49 -3.24 11.06 2.76
CA ASP A 49 -3.40 11.52 4.13
C ASP A 49 -3.65 10.36 5.09
N ARG A 50 -3.34 9.15 4.62
CA ARG A 50 -3.53 7.95 5.42
C ARG A 50 -2.23 7.17 5.55
N ILE A 51 -2.02 6.56 6.71
CA ILE A 51 -0.82 5.78 6.96
C ILE A 51 -1.07 4.67 7.97
N GLY A 52 -0.24 3.63 7.93
CA GLY A 52 -0.39 2.53 8.85
C GLY A 52 -0.18 1.18 8.18
N PHE A 53 -0.48 0.11 8.89
CA PHE A 53 -0.32 -1.25 8.36
C PHE A 53 -1.58 -1.69 7.62
N PHE A 54 -1.44 -2.74 6.81
CA PHE A 54 -2.56 -3.26 6.04
C PHE A 54 -2.25 -4.64 5.49
N PRO A 55 -3.29 -5.46 5.29
CA PRO A 55 -3.14 -6.82 4.76
C PRO A 55 -2.73 -6.83 3.29
N ALA A 56 -1.71 -7.63 2.99
CA ALA A 56 -1.21 -7.73 1.62
C ALA A 56 -2.23 -8.40 0.71
N ASN A 57 -3.24 -9.02 1.32
CA ASN A 57 -4.28 -9.70 0.57
C ASN A 57 -5.34 -8.71 0.08
N PHE A 58 -5.17 -7.45 0.44
CA PHE A 58 -6.11 -6.41 0.05
C PHE A 58 -5.50 -5.51 -1.03
N VAL A 59 -4.39 -5.96 -1.61
CA VAL A 59 -3.72 -5.20 -2.65
C VAL A 59 -3.14 -6.12 -3.72
N GLN A 60 -3.06 -5.63 -4.95
CA GLN A 60 -2.53 -6.41 -6.05
C GLN A 60 -1.25 -5.78 -6.60
N ARG A 61 -0.13 -6.41 -6.31
CA ARG A 61 1.17 -5.92 -6.77
C ARG A 61 1.10 -5.46 -8.22
N LEU A 62 1.65 -4.29 -8.50
CA LEU A 62 1.63 -3.74 -9.86
C LEU A 62 3.03 -3.81 -10.48
N SER A 63 3.16 -4.61 -11.53
CA SER A 63 4.44 -4.77 -12.21
C SER A 63 4.34 -4.30 -13.67
N GLY A 64 3.44 -4.92 -14.42
CA GLY A 64 3.26 -4.55 -15.81
C GLY A 64 3.63 -5.68 -16.76
N PRO A 65 2.91 -5.77 -17.88
CA PRO A 65 3.16 -6.80 -18.89
C PRO A 65 4.48 -6.60 -19.63
N SER A 66 5.41 -7.51 -19.43
CA SER A 66 6.72 -7.43 -20.07
C SER A 66 6.91 -8.56 -21.08
N SER A 67 7.84 -8.38 -21.99
CA SER A 67 8.13 -9.40 -23.01
C SER A 67 9.54 -9.94 -22.86
N GLY A 68 10.52 -9.04 -22.88
CA GLY A 68 11.91 -9.45 -22.74
C GLY A 68 12.84 -8.67 -23.65
N GLY A 1 18.93 17.22 -8.69
CA GLY A 1 17.91 16.50 -7.96
C GLY A 1 16.95 15.77 -8.88
N SER A 2 17.05 14.44 -8.90
CA SER A 2 16.20 13.62 -9.74
C SER A 2 15.03 13.06 -8.95
N SER A 3 13.92 12.76 -9.64
CA SER A 3 12.74 12.23 -9.00
C SER A 3 12.37 10.87 -9.58
N GLY A 4 12.31 9.85 -8.73
CA GLY A 4 11.97 8.52 -9.18
C GLY A 4 12.61 7.44 -8.32
N SER A 5 12.79 6.26 -8.91
CA SER A 5 13.39 5.14 -8.19
C SER A 5 12.98 5.15 -6.72
N SER A 6 11.75 5.57 -6.46
CA SER A 6 11.24 5.64 -5.10
C SER A 6 11.20 4.25 -4.47
N GLY A 7 10.56 3.31 -5.15
CA GLY A 7 10.46 1.95 -4.64
C GLY A 7 9.36 1.15 -5.30
N ASN A 8 8.77 0.23 -4.56
CA ASN A 8 7.70 -0.61 -5.09
C ASN A 8 6.34 -0.01 -4.77
N THR A 9 5.45 0.02 -5.76
CA THR A 9 4.12 0.56 -5.59
C THR A 9 3.08 -0.54 -5.57
N TYR A 10 1.94 -0.26 -4.93
CA TYR A 10 0.86 -1.23 -4.83
C TYR A 10 -0.50 -0.54 -4.86
N VAL A 11 -1.50 -1.25 -5.37
CA VAL A 11 -2.85 -0.71 -5.46
C VAL A 11 -3.83 -1.51 -4.61
N ALA A 12 -4.76 -0.81 -3.96
CA ALA A 12 -5.75 -1.46 -3.12
C ALA A 12 -6.81 -2.18 -3.95
N LEU A 13 -7.35 -3.25 -3.40
CA LEU A 13 -8.37 -4.03 -4.10
C LEU A 13 -9.71 -3.94 -3.38
N TYR A 14 -9.66 -3.70 -2.07
CA TYR A 14 -10.87 -3.59 -1.27
C TYR A 14 -10.72 -2.50 -0.20
N LYS A 15 -11.84 -1.96 0.25
CA LYS A 15 -11.84 -0.93 1.27
C LYS A 15 -11.50 -1.51 2.64
N PHE A 16 -10.43 -1.01 3.24
CA PHE A 16 -9.99 -1.49 4.55
C PHE A 16 -10.50 -0.57 5.65
N VAL A 17 -10.95 -1.16 6.75
CA VAL A 17 -11.45 -0.38 7.88
C VAL A 17 -10.59 -0.59 9.12
N PRO A 18 -9.63 0.32 9.34
CA PRO A 18 -8.72 0.25 10.49
C PRO A 18 -9.44 0.54 11.80
N GLN A 19 -9.32 -0.40 12.75
CA GLN A 19 -9.96 -0.24 14.05
C GLN A 19 -9.16 0.71 14.94
N GLU A 20 -7.84 0.70 14.76
CA GLU A 20 -6.96 1.56 15.55
C GLU A 20 -5.89 2.20 14.67
N ASN A 21 -5.30 3.29 15.15
CA ASN A 21 -4.26 4.00 14.41
C ASN A 21 -3.34 3.01 13.69
N GLU A 22 -2.86 2.02 14.44
CA GLU A 22 -1.97 1.01 13.88
C GLU A 22 -2.41 0.60 12.48
N ASP A 23 -3.70 0.34 12.33
CA ASP A 23 -4.26 -0.05 11.03
C ASP A 23 -4.31 1.14 10.08
N LEU A 24 -4.41 0.84 8.79
CA LEU A 24 -4.46 1.88 7.76
C LEU A 24 -5.76 1.79 6.96
N GLU A 25 -6.25 2.94 6.52
CA GLU A 25 -7.49 2.99 5.75
C GLU A 25 -7.18 3.16 4.26
N MET A 26 -7.68 2.23 3.45
CA MET A 26 -7.46 2.28 2.01
C MET A 26 -8.75 1.99 1.25
N ARG A 27 -8.88 2.55 0.05
CA ARG A 27 -10.06 2.34 -0.77
C ARG A 27 -9.73 1.53 -2.01
N PRO A 28 -10.76 0.89 -2.60
CA PRO A 28 -10.59 0.07 -3.80
C PRO A 28 -10.27 0.90 -5.04
N GLY A 29 -8.98 1.10 -5.30
CA GLY A 29 -8.58 1.89 -6.45
C GLY A 29 -7.45 2.84 -6.12
N ASP A 30 -7.31 3.17 -4.85
CA ASP A 30 -6.26 4.09 -4.41
C ASP A 30 -4.87 3.48 -4.62
N ILE A 31 -3.84 4.32 -4.54
CA ILE A 31 -2.48 3.85 -4.72
C ILE A 31 -1.68 3.95 -3.42
N ILE A 32 -1.15 2.82 -2.98
CA ILE A 32 -0.36 2.78 -1.74
C ILE A 32 1.12 2.55 -2.04
N THR A 33 1.97 3.26 -1.32
CA THR A 33 3.41 3.14 -1.51
C THR A 33 4.02 2.19 -0.48
N LEU A 34 4.34 0.98 -0.91
CA LEU A 34 4.93 -0.02 -0.02
C LEU A 34 6.23 0.50 0.59
N LEU A 35 6.29 0.50 1.92
CA LEU A 35 7.48 0.97 2.63
C LEU A 35 8.20 -0.19 3.29
N GLU A 36 7.43 -1.12 3.87
CA GLU A 36 8.00 -2.28 4.54
C GLU A 36 7.41 -3.58 3.99
N ASP A 37 8.28 -4.54 3.71
CA ASP A 37 7.84 -5.83 3.18
C ASP A 37 8.47 -6.98 3.96
N SER A 38 8.51 -6.83 5.28
CA SER A 38 9.08 -7.86 6.15
C SER A 38 8.02 -8.87 6.57
N ASN A 39 6.80 -8.36 6.82
CA ASN A 39 5.70 -9.21 7.23
C ASN A 39 4.74 -9.47 6.07
N GLU A 40 5.07 -10.45 5.24
CA GLU A 40 4.24 -10.80 4.09
C GLU A 40 2.77 -10.65 4.43
N ASP A 41 2.37 -11.22 5.55
CA ASP A 41 0.97 -11.16 6.00
C ASP A 41 0.46 -9.71 5.96
N TRP A 42 1.16 -8.83 6.67
CA TRP A 42 0.78 -7.43 6.72
C TRP A 42 1.89 -6.54 6.18
N TRP A 43 1.58 -5.75 5.17
CA TRP A 43 2.56 -4.85 4.57
C TRP A 43 2.27 -3.40 4.94
N LYS A 44 3.32 -2.61 5.11
CA LYS A 44 3.18 -1.21 5.47
C LYS A 44 3.38 -0.31 4.25
N GLY A 45 2.68 0.82 4.24
CA GLY A 45 2.80 1.75 3.13
C GLY A 45 2.49 3.18 3.53
N LYS A 46 2.18 4.01 2.55
CA LYS A 46 1.87 5.42 2.81
C LYS A 46 0.87 5.95 1.79
N ILE A 47 -0.29 6.39 2.28
CA ILE A 47 -1.33 6.93 1.42
C ILE A 47 -1.33 8.45 1.44
N GLN A 48 -1.99 9.05 0.45
CA GLN A 48 -2.08 10.50 0.37
C GLN A 48 -2.14 11.13 1.77
N ASP A 49 -3.28 10.97 2.42
CA ASP A 49 -3.47 11.51 3.77
C ASP A 49 -3.71 10.40 4.78
N ARG A 50 -3.46 9.16 4.35
CA ARG A 50 -3.65 8.01 5.23
C ARG A 50 -2.36 7.23 5.38
N ILE A 51 -2.16 6.65 6.56
CA ILE A 51 -0.96 5.87 6.84
C ILE A 51 -1.21 4.82 7.91
N GLY A 52 -0.47 3.72 7.84
CA GLY A 52 -0.64 2.66 8.81
C GLY A 52 -0.30 1.29 8.24
N PHE A 53 -0.80 0.24 8.89
CA PHE A 53 -0.55 -1.12 8.44
C PHE A 53 -1.75 -1.67 7.66
N PHE A 54 -1.47 -2.60 6.75
CA PHE A 54 -2.52 -3.20 5.94
C PHE A 54 -2.10 -4.57 5.42
N PRO A 55 -3.08 -5.46 5.21
CA PRO A 55 -2.83 -6.82 4.72
C PRO A 55 -2.38 -6.83 3.26
N ALA A 56 -1.59 -7.84 2.90
CA ALA A 56 -1.10 -7.97 1.53
C ALA A 56 -2.12 -8.66 0.64
N ASN A 57 -3.20 -9.15 1.25
CA ASN A 57 -4.25 -9.83 0.51
C ASN A 57 -5.31 -8.85 0.03
N PHE A 58 -5.14 -7.59 0.41
CA PHE A 58 -6.09 -6.54 0.01
C PHE A 58 -5.56 -5.75 -1.18
N VAL A 59 -4.24 -5.76 -1.35
CA VAL A 59 -3.60 -5.05 -2.45
C VAL A 59 -3.06 -6.02 -3.49
N GLN A 60 -2.60 -5.48 -4.61
CA GLN A 60 -2.05 -6.29 -5.69
C GLN A 60 -0.80 -5.66 -6.28
N ARG A 61 0.24 -6.46 -6.45
CA ARG A 61 1.50 -5.97 -7.00
C ARG A 61 1.32 -5.55 -8.45
N LEU A 62 1.76 -4.33 -8.77
CA LEU A 62 1.65 -3.81 -10.13
C LEU A 62 2.98 -3.94 -10.86
N SER A 63 3.20 -5.09 -11.49
CA SER A 63 4.42 -5.34 -12.23
C SER A 63 4.12 -5.89 -13.63
N GLY A 64 4.46 -5.12 -14.65
CA GLY A 64 4.22 -5.56 -16.02
C GLY A 64 4.24 -4.41 -17.00
N PRO A 65 3.83 -4.68 -18.25
CA PRO A 65 3.81 -3.68 -19.31
C PRO A 65 2.74 -2.62 -19.09
N SER A 66 3.16 -1.37 -18.94
CA SER A 66 2.23 -0.27 -18.72
C SER A 66 2.94 1.07 -18.87
N SER A 67 2.18 2.10 -19.24
CA SER A 67 2.73 3.44 -19.43
C SER A 67 2.23 4.38 -18.34
N GLY A 68 2.89 4.35 -17.19
CA GLY A 68 2.50 5.21 -16.08
C GLY A 68 2.58 6.68 -16.43
N GLY A 1 11.36 12.51 4.62
CA GLY A 1 11.05 11.20 4.09
C GLY A 1 12.02 10.77 2.99
N SER A 2 12.06 9.48 2.72
CA SER A 2 12.97 8.94 1.70
C SER A 2 12.17 8.25 0.59
N SER A 3 11.64 9.03 -0.33
CA SER A 3 10.86 8.50 -1.44
C SER A 3 11.27 9.14 -2.76
N GLY A 4 11.86 8.34 -3.65
CA GLY A 4 12.29 8.85 -4.94
C GLY A 4 11.18 8.84 -5.96
N SER A 5 11.45 9.41 -7.13
CA SER A 5 10.47 9.47 -8.20
C SER A 5 9.81 8.11 -8.41
N SER A 6 10.64 7.10 -8.69
CA SER A 6 10.15 5.75 -8.92
C SER A 6 10.26 4.91 -7.65
N GLY A 7 9.51 3.81 -7.61
CA GLY A 7 9.54 2.94 -6.45
C GLY A 7 8.48 1.85 -6.51
N ASN A 8 8.30 1.14 -5.41
CA ASN A 8 7.32 0.07 -5.34
C ASN A 8 5.95 0.61 -4.93
N THR A 9 4.96 0.42 -5.81
CA THR A 9 3.61 0.89 -5.54
C THR A 9 2.60 -0.24 -5.67
N TYR A 10 1.57 -0.20 -4.84
CA TYR A 10 0.53 -1.22 -4.87
C TYR A 10 -0.86 -0.60 -4.92
N VAL A 11 -1.81 -1.31 -5.52
CA VAL A 11 -3.17 -0.82 -5.65
C VAL A 11 -4.13 -1.63 -4.76
N ALA A 12 -4.78 -0.95 -3.83
CA ALA A 12 -5.72 -1.59 -2.93
C ALA A 12 -6.88 -2.23 -3.69
N LEU A 13 -7.09 -3.52 -3.47
CA LEU A 13 -8.16 -4.25 -4.14
C LEU A 13 -9.52 -3.88 -3.55
N TYR A 14 -9.58 -3.84 -2.22
CA TYR A 14 -10.82 -3.50 -1.53
C TYR A 14 -10.58 -2.45 -0.46
N LYS A 15 -11.66 -1.89 0.09
CA LYS A 15 -11.56 -0.88 1.13
C LYS A 15 -11.29 -1.52 2.49
N PHE A 16 -10.26 -1.05 3.16
CA PHE A 16 -9.90 -1.58 4.47
C PHE A 16 -10.46 -0.70 5.59
N VAL A 17 -10.88 -1.33 6.68
CA VAL A 17 -11.43 -0.59 7.82
C VAL A 17 -10.57 -0.79 9.06
N PRO A 18 -9.63 0.13 9.29
CA PRO A 18 -8.73 0.10 10.43
C PRO A 18 -9.45 0.39 11.74
N GLN A 19 -9.45 -0.60 12.64
CA GLN A 19 -10.11 -0.45 13.93
C GLN A 19 -9.30 0.45 14.86
N GLU A 20 -7.99 0.48 14.64
CA GLU A 20 -7.10 1.30 15.45
C GLU A 20 -6.12 2.08 14.58
N ASN A 21 -5.62 3.20 15.11
CA ASN A 21 -4.68 4.03 14.37
C ASN A 21 -3.62 3.17 13.67
N GLU A 22 -3.01 2.26 14.42
CA GLU A 22 -1.99 1.38 13.86
C GLU A 22 -2.35 0.95 12.45
N ASP A 23 -3.58 0.50 12.26
CA ASP A 23 -4.05 0.07 10.96
C ASP A 23 -4.14 1.24 9.99
N LEU A 24 -4.22 0.94 8.69
CA LEU A 24 -4.31 1.98 7.67
C LEU A 24 -5.58 1.82 6.84
N GLU A 25 -6.22 2.94 6.53
CA GLU A 25 -7.45 2.92 5.74
C GLU A 25 -7.14 3.11 4.26
N MET A 26 -7.69 2.21 3.44
CA MET A 26 -7.48 2.28 2.00
C MET A 26 -8.78 2.02 1.25
N ARG A 27 -8.81 2.38 -0.03
CA ARG A 27 -9.99 2.19 -0.86
C ARG A 27 -9.62 1.53 -2.18
N PRO A 28 -10.63 0.90 -2.83
CA PRO A 28 -10.43 0.22 -4.10
C PRO A 28 -10.17 1.19 -5.25
N GLY A 29 -8.91 1.36 -5.61
CA GLY A 29 -8.56 2.26 -6.69
C GLY A 29 -7.51 3.28 -6.27
N ASP A 30 -7.03 3.17 -5.04
CA ASP A 30 -6.04 4.09 -4.52
C ASP A 30 -4.62 3.53 -4.72
N ILE A 31 -3.64 4.41 -4.70
CA ILE A 31 -2.25 4.01 -4.88
C ILE A 31 -1.48 4.07 -3.57
N ILE A 32 -1.07 2.90 -3.07
CA ILE A 32 -0.32 2.82 -1.83
C ILE A 32 1.17 2.65 -2.09
N THR A 33 1.99 3.33 -1.29
CA THR A 33 3.44 3.25 -1.44
C THR A 33 4.03 2.24 -0.46
N LEU A 34 4.36 1.06 -0.97
CA LEU A 34 4.94 0.00 -0.15
C LEU A 34 6.23 0.48 0.52
N LEU A 35 6.24 0.48 1.84
CA LEU A 35 7.41 0.90 2.61
C LEU A 35 8.12 -0.29 3.23
N GLU A 36 7.35 -1.11 3.95
CA GLU A 36 7.91 -2.29 4.60
C GLU A 36 7.33 -3.57 4.00
N ASP A 37 8.21 -4.44 3.52
CA ASP A 37 7.79 -5.71 2.92
C ASP A 37 8.43 -6.89 3.64
N SER A 38 8.43 -6.84 4.96
CA SER A 38 9.01 -7.90 5.77
C SER A 38 7.93 -8.85 6.30
N ASN A 39 6.85 -8.26 6.81
CA ASN A 39 5.75 -9.05 7.35
C ASN A 39 4.77 -9.43 6.24
N GLU A 40 5.10 -10.50 5.51
CA GLU A 40 4.25 -10.96 4.42
C GLU A 40 2.77 -10.77 4.77
N ASP A 41 2.37 -11.25 5.94
CA ASP A 41 0.99 -11.14 6.38
C ASP A 41 0.49 -9.72 6.20
N TRP A 42 1.11 -8.77 6.89
CA TRP A 42 0.71 -7.37 6.80
C TRP A 42 1.84 -6.52 6.24
N TRP A 43 1.53 -5.74 5.20
CA TRP A 43 2.53 -4.88 4.56
C TRP A 43 2.28 -3.42 4.91
N LYS A 44 3.36 -2.69 5.16
CA LYS A 44 3.26 -1.27 5.50
C LYS A 44 3.35 -0.40 4.25
N GLY A 45 2.58 0.68 4.24
CA GLY A 45 2.59 1.58 3.09
C GLY A 45 2.36 3.02 3.49
N LYS A 46 2.22 3.90 2.50
CA LYS A 46 1.99 5.32 2.75
C LYS A 46 0.99 5.89 1.76
N ILE A 47 -0.15 6.34 2.26
CA ILE A 47 -1.19 6.92 1.41
C ILE A 47 -1.15 8.44 1.47
N GLN A 48 -1.82 9.08 0.51
CA GLN A 48 -1.87 10.54 0.45
C GLN A 48 -1.86 11.13 1.86
N ASP A 49 -2.97 10.98 2.57
CA ASP A 49 -3.09 11.51 3.92
C ASP A 49 -3.40 10.40 4.91
N ARG A 50 -3.17 9.15 4.50
CA ARG A 50 -3.43 7.99 5.34
C ARG A 50 -2.17 7.15 5.51
N ILE A 51 -1.86 6.80 6.74
CA ILE A 51 -0.68 5.99 7.04
C ILE A 51 -1.00 4.88 8.04
N GLY A 52 -0.33 3.75 7.90
CA GLY A 52 -0.56 2.64 8.81
C GLY A 52 -0.24 1.30 8.17
N PHE A 53 -0.70 0.22 8.81
CA PHE A 53 -0.46 -1.12 8.29
C PHE A 53 -1.69 -1.66 7.57
N PHE A 54 -1.52 -2.76 6.85
CA PHE A 54 -2.61 -3.38 6.12
C PHE A 54 -2.21 -4.76 5.59
N PRO A 55 -3.22 -5.64 5.41
CA PRO A 55 -2.99 -6.99 4.92
C PRO A 55 -2.57 -7.01 3.45
N ALA A 56 -1.69 -7.95 3.10
CA ALA A 56 -1.21 -8.08 1.73
C ALA A 56 -2.27 -8.73 0.84
N ASN A 57 -3.22 -9.42 1.47
CA ASN A 57 -4.29 -10.08 0.72
C ASN A 57 -5.33 -9.08 0.25
N PHE A 58 -5.15 -7.83 0.65
CA PHE A 58 -6.09 -6.77 0.26
C PHE A 58 -5.53 -5.96 -0.91
N VAL A 59 -4.21 -5.98 -1.06
CA VAL A 59 -3.56 -5.24 -2.14
C VAL A 59 -2.91 -6.20 -3.13
N GLN A 60 -2.68 -5.69 -4.35
CA GLN A 60 -2.07 -6.50 -5.40
C GLN A 60 -0.96 -5.73 -6.10
N ARG A 61 0.23 -6.35 -6.17
CA ARG A 61 1.37 -5.72 -6.81
C ARG A 61 0.93 -4.89 -8.01
N LEU A 62 1.51 -3.69 -8.14
CA LEU A 62 1.18 -2.81 -9.25
C LEU A 62 2.23 -2.88 -10.34
N SER A 63 1.82 -3.29 -11.53
CA SER A 63 2.73 -3.41 -12.67
C SER A 63 3.41 -2.07 -12.96
N GLY A 64 4.73 -2.07 -12.92
CA GLY A 64 5.48 -0.85 -13.18
C GLY A 64 5.48 -0.48 -14.66
N PRO A 65 5.47 0.84 -14.93
CA PRO A 65 5.47 1.35 -16.30
C PRO A 65 6.78 1.10 -17.02
N SER A 66 6.89 -0.07 -17.64
CA SER A 66 8.10 -0.44 -18.37
C SER A 66 7.77 -1.04 -19.73
N SER A 67 8.32 -0.46 -20.78
CA SER A 67 8.07 -0.94 -22.14
C SER A 67 9.10 -0.37 -23.12
N GLY A 68 9.11 -0.90 -24.33
CA GLY A 68 10.04 -0.44 -25.34
C GLY A 68 9.67 -0.90 -26.73
N GLY A 1 12.79 3.39 1.42
CA GLY A 1 13.37 4.47 2.20
C GLY A 1 13.96 5.56 1.33
N SER A 2 15.16 6.02 1.67
CA SER A 2 15.83 7.06 0.91
C SER A 2 16.62 6.48 -0.25
N SER A 3 17.48 5.52 0.05
CA SER A 3 18.30 4.88 -0.97
C SER A 3 17.43 4.33 -2.10
N GLY A 4 17.70 4.77 -3.31
CA GLY A 4 16.93 4.31 -4.46
C GLY A 4 16.21 5.44 -5.17
N SER A 5 15.70 5.15 -6.36
CA SER A 5 14.99 6.17 -7.14
C SER A 5 13.48 5.93 -7.09
N SER A 6 13.08 4.69 -7.33
CA SER A 6 11.66 4.34 -7.30
C SER A 6 11.41 3.16 -6.37
N GLY A 7 10.17 3.03 -5.91
CA GLY A 7 9.83 1.94 -5.01
C GLY A 7 8.67 1.10 -5.53
N ASN A 8 8.34 0.04 -4.80
CA ASN A 8 7.25 -0.84 -5.20
C ASN A 8 5.89 -0.23 -4.86
N THR A 9 5.03 -0.14 -5.87
CA THR A 9 3.70 0.43 -5.69
C THR A 9 2.63 -0.66 -5.64
N TYR A 10 1.64 -0.47 -4.79
CA TYR A 10 0.55 -1.44 -4.66
C TYR A 10 -0.81 -0.74 -4.61
N VAL A 11 -1.75 -1.24 -5.41
CA VAL A 11 -3.08 -0.67 -5.46
C VAL A 11 -4.06 -1.48 -4.62
N ALA A 12 -4.82 -0.79 -3.77
CA ALA A 12 -5.80 -1.44 -2.91
C ALA A 12 -6.95 -2.00 -3.73
N LEU A 13 -7.14 -3.32 -3.66
CA LEU A 13 -8.21 -3.97 -4.40
C LEU A 13 -9.56 -3.73 -3.73
N TYR A 14 -9.55 -3.69 -2.39
CA TYR A 14 -10.77 -3.46 -1.63
C TYR A 14 -10.54 -2.43 -0.53
N LYS A 15 -11.64 -1.95 0.05
CA LYS A 15 -11.55 -0.95 1.12
C LYS A 15 -11.24 -1.62 2.45
N PHE A 16 -10.45 -0.94 3.28
CA PHE A 16 -10.07 -1.46 4.59
C PHE A 16 -10.63 -0.59 5.70
N VAL A 17 -11.15 -1.24 6.75
CA VAL A 17 -11.71 -0.52 7.88
C VAL A 17 -10.86 -0.70 9.13
N PRO A 18 -9.97 0.28 9.37
CA PRO A 18 -9.07 0.26 10.53
C PRO A 18 -9.82 0.47 11.85
N GLN A 19 -9.70 -0.50 12.74
CA GLN A 19 -10.37 -0.42 14.04
C GLN A 19 -9.64 0.56 14.96
N GLU A 20 -8.33 0.67 14.78
CA GLU A 20 -7.52 1.57 15.60
C GLU A 20 -6.54 2.36 14.74
N ASN A 21 -6.07 3.49 15.27
CA ASN A 21 -5.13 4.33 14.55
C ASN A 21 -4.06 3.51 13.85
N GLU A 22 -3.44 2.60 14.61
CA GLU A 22 -2.40 1.74 14.07
C GLU A 22 -2.76 1.25 12.68
N ASP A 23 -3.99 0.77 12.53
CA ASP A 23 -4.46 0.28 11.23
C ASP A 23 -4.56 1.41 10.21
N LEU A 24 -4.37 1.08 8.94
CA LEU A 24 -4.43 2.06 7.87
C LEU A 24 -5.70 1.90 7.04
N GLU A 25 -6.30 3.02 6.66
CA GLU A 25 -7.52 2.99 5.87
C GLU A 25 -7.21 3.10 4.38
N MET A 26 -7.83 2.23 3.58
CA MET A 26 -7.62 2.23 2.14
C MET A 26 -8.92 1.97 1.40
N ARG A 27 -8.93 2.27 0.11
CA ARG A 27 -10.11 2.07 -0.72
C ARG A 27 -9.76 1.40 -2.05
N PRO A 28 -10.76 0.77 -2.68
CA PRO A 28 -10.56 0.08 -3.96
C PRO A 28 -10.31 1.06 -5.11
N GLY A 29 -9.04 1.34 -5.38
CA GLY A 29 -8.70 2.24 -6.46
C GLY A 29 -7.65 3.25 -6.03
N ASP A 30 -7.13 3.11 -4.83
CA ASP A 30 -6.11 4.02 -4.30
C ASP A 30 -4.71 3.47 -4.57
N ILE A 31 -3.73 4.36 -4.51
CA ILE A 31 -2.33 3.97 -4.73
C ILE A 31 -1.54 3.99 -3.44
N ILE A 32 -1.04 2.84 -3.03
CA ILE A 32 -0.26 2.72 -1.80
C ILE A 32 1.22 2.55 -2.11
N THR A 33 2.07 3.21 -1.32
CA THR A 33 3.51 3.12 -1.52
C THR A 33 4.14 2.17 -0.51
N LEU A 34 4.45 0.96 -0.95
CA LEU A 34 5.05 -0.05 -0.09
C LEU A 34 6.44 0.40 0.38
N LEU A 35 6.58 0.60 1.69
CA LEU A 35 7.84 1.03 2.27
C LEU A 35 8.54 -0.13 2.98
N GLU A 36 7.78 -0.87 3.78
CA GLU A 36 8.33 -2.01 4.52
C GLU A 36 7.66 -3.31 4.07
N ASP A 37 8.48 -4.32 3.79
CA ASP A 37 7.97 -5.61 3.35
C ASP A 37 8.62 -6.74 4.15
N SER A 38 9.16 -6.41 5.32
CA SER A 38 9.81 -7.39 6.17
C SER A 38 8.94 -8.63 6.35
N ASN A 39 7.65 -8.40 6.55
CA ASN A 39 6.70 -9.49 6.74
C ASN A 39 6.18 -10.01 5.39
N GLU A 40 5.35 -11.04 5.44
CA GLU A 40 4.79 -11.62 4.23
C GLU A 40 3.27 -11.46 4.21
N ASP A 41 2.65 -11.63 5.36
CA ASP A 41 1.20 -11.51 5.48
C ASP A 41 0.76 -10.05 5.34
N TRP A 42 1.09 -9.25 6.35
CA TRP A 42 0.74 -7.84 6.34
C TRP A 42 1.95 -6.97 6.00
N TRP A 43 1.72 -5.94 5.20
CA TRP A 43 2.79 -5.03 4.79
C TRP A 43 2.48 -3.60 5.21
N LYS A 44 3.49 -2.73 5.15
CA LYS A 44 3.32 -1.33 5.51
C LYS A 44 3.54 -0.43 4.31
N GLY A 45 2.88 0.73 4.31
CA GLY A 45 3.02 1.67 3.21
C GLY A 45 2.65 3.08 3.61
N LYS A 46 2.46 3.93 2.61
CA LYS A 46 2.10 5.33 2.86
C LYS A 46 1.05 5.80 1.86
N ILE A 47 -0.13 6.15 2.36
CA ILE A 47 -1.22 6.62 1.51
C ILE A 47 -1.21 8.14 1.40
N GLN A 48 -1.89 8.67 0.38
CA GLN A 48 -1.96 10.10 0.17
C GLN A 48 -1.97 10.85 1.49
N ASP A 49 -3.08 10.76 2.21
CA ASP A 49 -3.22 11.43 3.50
C ASP A 49 -3.45 10.42 4.61
N ARG A 50 -3.18 9.15 4.31
CA ARG A 50 -3.36 8.08 5.30
C ARG A 50 -2.06 7.29 5.47
N ILE A 51 -1.90 6.69 6.64
CA ILE A 51 -0.72 5.89 6.92
C ILE A 51 -1.02 4.79 7.95
N GLY A 52 -0.26 3.71 7.88
CA GLY A 52 -0.47 2.60 8.80
C GLY A 52 -0.25 1.25 8.14
N PHE A 53 -0.54 0.18 8.88
CA PHE A 53 -0.37 -1.17 8.37
C PHE A 53 -1.61 -1.63 7.63
N PHE A 54 -1.45 -2.64 6.76
CA PHE A 54 -2.56 -3.17 6.00
C PHE A 54 -2.21 -4.56 5.44
N PRO A 55 -3.24 -5.41 5.31
CA PRO A 55 -3.08 -6.77 4.79
C PRO A 55 -2.74 -6.78 3.30
N ALA A 56 -1.87 -7.71 2.91
CA ALA A 56 -1.47 -7.83 1.51
C ALA A 56 -2.57 -8.45 0.67
N ASN A 57 -3.50 -9.15 1.33
CA ASN A 57 -4.61 -9.80 0.65
C ASN A 57 -5.64 -8.77 0.20
N PHE A 58 -5.40 -7.51 0.55
CA PHE A 58 -6.32 -6.44 0.19
C PHE A 58 -5.78 -5.64 -0.99
N VAL A 59 -4.46 -5.61 -1.12
CA VAL A 59 -3.81 -4.88 -2.21
C VAL A 59 -3.24 -5.85 -3.25
N GLN A 60 -2.74 -5.29 -4.35
CA GLN A 60 -2.17 -6.11 -5.42
C GLN A 60 -0.97 -5.41 -6.06
N ARG A 61 0.14 -6.12 -6.17
CA ARG A 61 1.36 -5.56 -6.75
C ARG A 61 1.05 -4.90 -8.09
N LEU A 62 1.59 -3.70 -8.28
CA LEU A 62 1.38 -2.95 -9.52
C LEU A 62 2.52 -3.20 -10.50
N SER A 63 2.30 -4.09 -11.47
CA SER A 63 3.30 -4.42 -12.46
C SER A 63 3.28 -3.40 -13.61
N GLY A 64 4.40 -2.73 -13.82
CA GLY A 64 4.50 -1.75 -14.88
C GLY A 64 5.39 -0.57 -14.52
N PRO A 65 6.04 0.01 -15.52
CA PRO A 65 6.94 1.16 -15.33
C PRO A 65 6.19 2.43 -14.93
N SER A 66 6.08 2.65 -13.63
CA SER A 66 5.38 3.84 -13.12
C SER A 66 3.91 3.80 -13.50
N SER A 67 3.32 2.62 -13.43
CA SER A 67 1.90 2.44 -13.77
C SER A 67 1.04 2.43 -12.51
N GLY A 68 0.42 3.57 -12.22
CA GLY A 68 -0.43 3.68 -11.04
C GLY A 68 -1.26 4.95 -11.03
N GLY A 1 6.17 8.59 -0.39
CA GLY A 1 6.43 9.87 0.23
C GLY A 1 5.82 11.03 -0.52
N SER A 2 5.91 12.23 0.05
CA SER A 2 5.36 13.42 -0.58
C SER A 2 6.03 13.68 -1.93
N SER A 3 5.35 13.29 -3.00
CA SER A 3 5.88 13.48 -4.35
C SER A 3 7.38 13.23 -4.39
N GLY A 4 7.81 12.16 -3.70
CA GLY A 4 9.22 11.84 -3.66
C GLY A 4 9.54 10.56 -4.43
N SER A 5 10.80 10.15 -4.40
CA SER A 5 11.24 8.95 -5.09
C SER A 5 10.38 7.75 -4.69
N SER A 6 9.56 7.28 -5.62
CA SER A 6 8.68 6.14 -5.37
C SER A 6 9.22 4.88 -6.02
N GLY A 7 9.11 3.76 -5.31
CA GLY A 7 9.61 2.50 -5.84
C GLY A 7 8.48 1.52 -6.12
N ASN A 8 8.32 0.54 -5.24
CA ASN A 8 7.27 -0.47 -5.40
C ASN A 8 5.91 0.08 -5.00
N THR A 9 4.97 0.07 -5.93
CA THR A 9 3.62 0.57 -5.68
C THR A 9 2.61 -0.57 -5.65
N TYR A 10 1.56 -0.40 -4.86
CA TYR A 10 0.51 -1.41 -4.73
C TYR A 10 -0.86 -0.77 -4.69
N VAL A 11 -1.80 -1.34 -5.44
CA VAL A 11 -3.17 -0.83 -5.49
C VAL A 11 -4.09 -1.63 -4.59
N ALA A 12 -5.02 -0.95 -3.93
CA ALA A 12 -5.96 -1.60 -3.04
C ALA A 12 -7.12 -2.23 -3.82
N LEU A 13 -7.33 -3.52 -3.60
CA LEU A 13 -8.39 -4.25 -4.29
C LEU A 13 -9.75 -3.92 -3.67
N TYR A 14 -9.78 -3.78 -2.35
CA TYR A 14 -11.01 -3.47 -1.64
C TYR A 14 -10.77 -2.45 -0.53
N LYS A 15 -11.85 -1.92 0.02
CA LYS A 15 -11.75 -0.93 1.10
C LYS A 15 -11.43 -1.61 2.43
N PHE A 16 -10.55 -1.00 3.20
CA PHE A 16 -10.16 -1.53 4.49
C PHE A 16 -10.70 -0.66 5.63
N VAL A 17 -11.08 -1.31 6.73
CA VAL A 17 -11.61 -0.59 7.89
C VAL A 17 -10.74 -0.82 9.12
N PRO A 18 -9.83 0.14 9.38
CA PRO A 18 -8.92 0.07 10.52
C PRO A 18 -9.65 0.26 11.86
N GLN A 19 -9.68 -0.81 12.66
CA GLN A 19 -10.35 -0.76 13.96
C GLN A 19 -9.65 0.21 14.89
N GLU A 20 -8.37 0.45 14.63
CA GLU A 20 -7.59 1.36 15.46
C GLU A 20 -6.56 2.12 14.61
N ASN A 21 -6.16 3.29 15.08
CA ASN A 21 -5.19 4.12 14.37
C ASN A 21 -4.08 3.26 13.77
N GLU A 22 -3.53 2.36 14.58
CA GLU A 22 -2.46 1.48 14.13
C GLU A 22 -2.69 1.04 12.68
N ASP A 23 -3.90 0.56 12.41
CA ASP A 23 -4.25 0.11 11.07
C ASP A 23 -4.41 1.28 10.12
N LEU A 24 -4.36 1.00 8.83
CA LEU A 24 -4.49 2.05 7.81
C LEU A 24 -5.77 1.86 7.01
N GLU A 25 -6.40 2.98 6.64
CA GLU A 25 -7.64 2.94 5.87
C GLU A 25 -7.36 3.12 4.38
N MET A 26 -7.81 2.16 3.58
CA MET A 26 -7.61 2.22 2.13
C MET A 26 -8.92 1.93 1.39
N ARG A 27 -8.98 2.34 0.13
CA ARG A 27 -10.17 2.13 -0.69
C ARG A 27 -9.80 1.48 -2.01
N PRO A 28 -10.81 0.88 -2.68
CA PRO A 28 -10.62 0.20 -3.96
C PRO A 28 -10.33 1.19 -5.10
N GLY A 29 -9.05 1.37 -5.39
CA GLY A 29 -8.66 2.30 -6.45
C GLY A 29 -7.65 3.32 -5.99
N ASP A 30 -7.16 3.16 -4.76
CA ASP A 30 -6.19 4.09 -4.20
C ASP A 30 -4.77 3.55 -4.35
N ILE A 31 -3.81 4.46 -4.47
CA ILE A 31 -2.41 4.07 -4.63
C ILE A 31 -1.70 4.05 -3.29
N ILE A 32 -0.97 2.97 -3.02
CA ILE A 32 -0.23 2.83 -1.77
C ILE A 32 1.26 2.62 -2.04
N THR A 33 2.10 3.31 -1.27
CA THR A 33 3.54 3.19 -1.41
C THR A 33 4.13 2.24 -0.37
N LEU A 34 4.55 1.07 -0.83
CA LEU A 34 5.13 0.06 0.06
C LEU A 34 6.49 0.51 0.57
N LEU A 35 6.61 0.64 1.89
CA LEU A 35 7.87 1.06 2.51
C LEU A 35 8.59 -0.13 3.13
N GLU A 36 7.87 -0.91 3.92
CA GLU A 36 8.44 -2.08 4.59
C GLU A 36 7.79 -3.36 4.08
N ASP A 37 8.61 -4.38 3.83
CA ASP A 37 8.10 -5.65 3.35
C ASP A 37 8.74 -6.81 4.11
N SER A 38 9.15 -6.53 5.35
CA SER A 38 9.78 -7.56 6.18
C SER A 38 8.85 -8.75 6.38
N ASN A 39 7.58 -8.46 6.68
CA ASN A 39 6.59 -9.51 6.90
C ASN A 39 6.08 -10.05 5.57
N GLU A 40 5.26 -11.10 5.65
CA GLU A 40 4.69 -11.71 4.45
C GLU A 40 3.18 -11.50 4.39
N ASP A 41 2.54 -11.61 5.55
CA ASP A 41 1.10 -11.44 5.63
C ASP A 41 0.70 -9.98 5.47
N TRP A 42 1.03 -9.17 6.46
CA TRP A 42 0.71 -7.74 6.43
C TRP A 42 1.93 -6.93 6.03
N TRP A 43 1.71 -5.82 5.33
CA TRP A 43 2.79 -4.96 4.89
C TRP A 43 2.50 -3.50 5.25
N LYS A 44 3.56 -2.70 5.34
CA LYS A 44 3.42 -1.29 5.67
C LYS A 44 3.60 -0.42 4.43
N GLY A 45 2.88 0.71 4.40
CA GLY A 45 2.98 1.61 3.26
C GLY A 45 2.53 3.02 3.61
N LYS A 46 2.64 3.93 2.64
CA LYS A 46 2.25 5.32 2.84
C LYS A 46 1.21 5.74 1.82
N ILE A 47 0.12 6.32 2.29
CA ILE A 47 -0.95 6.78 1.40
C ILE A 47 -0.94 8.30 1.28
N GLN A 48 -1.63 8.81 0.26
CA GLN A 48 -1.71 10.24 0.03
C GLN A 48 -1.72 11.01 1.36
N ASP A 49 -2.84 10.95 2.05
CA ASP A 49 -2.99 11.64 3.33
C ASP A 49 -3.23 10.64 4.46
N ARG A 50 -2.99 9.35 4.16
CA ARG A 50 -3.17 8.30 5.16
C ARG A 50 -1.89 7.49 5.34
N ILE A 51 -1.74 6.89 6.51
CA ILE A 51 -0.57 6.08 6.80
C ILE A 51 -0.87 5.05 7.89
N GLY A 52 -0.25 3.88 7.77
CA GLY A 52 -0.46 2.82 8.74
C GLY A 52 -0.19 1.44 8.18
N PHE A 53 -0.69 0.42 8.85
CA PHE A 53 -0.49 -0.96 8.41
C PHE A 53 -1.72 -1.46 7.64
N PHE A 54 -1.49 -2.41 6.73
CA PHE A 54 -2.56 -2.97 5.93
C PHE A 54 -2.18 -4.35 5.41
N PRO A 55 -3.18 -5.24 5.28
CA PRO A 55 -2.97 -6.60 4.78
C PRO A 55 -2.62 -6.63 3.31
N ALA A 56 -1.83 -7.63 2.91
CA ALA A 56 -1.42 -7.77 1.52
C ALA A 56 -2.53 -8.43 0.69
N ASN A 57 -3.33 -9.27 1.33
CA ASN A 57 -4.41 -9.97 0.66
C ASN A 57 -5.48 -8.98 0.20
N PHE A 58 -5.33 -7.72 0.59
CA PHE A 58 -6.28 -6.68 0.20
C PHE A 58 -5.75 -5.86 -0.96
N VAL A 59 -4.42 -5.79 -1.07
CA VAL A 59 -3.79 -5.03 -2.15
C VAL A 59 -3.25 -5.96 -3.23
N GLN A 60 -2.96 -5.39 -4.39
CA GLN A 60 -2.42 -6.18 -5.50
C GLN A 60 -1.20 -5.50 -6.12
N ARG A 61 -0.08 -6.21 -6.11
CA ARG A 61 1.17 -5.68 -6.66
C ARG A 61 0.92 -5.03 -8.02
N LEU A 62 1.53 -3.85 -8.22
CA LEU A 62 1.38 -3.13 -9.48
C LEU A 62 2.66 -3.19 -10.30
N SER A 63 2.51 -3.16 -11.62
CA SER A 63 3.65 -3.21 -12.52
C SER A 63 4.53 -4.42 -12.20
N GLY A 64 3.90 -5.57 -12.05
CA GLY A 64 4.65 -6.78 -11.74
C GLY A 64 4.65 -7.78 -12.89
N PRO A 65 5.75 -8.52 -13.04
CA PRO A 65 5.90 -9.52 -14.11
C PRO A 65 4.99 -10.72 -13.89
N SER A 66 4.37 -11.19 -14.96
CA SER A 66 3.47 -12.33 -14.88
C SER A 66 4.25 -13.64 -15.03
N SER A 67 4.96 -13.77 -16.14
CA SER A 67 5.75 -14.97 -16.41
C SER A 67 6.84 -15.14 -15.35
N GLY A 68 6.74 -16.22 -14.58
CA GLY A 68 7.73 -16.48 -13.55
C GLY A 68 7.15 -17.28 -12.39
N GLY A 1 17.70 18.27 -3.82
CA GLY A 1 16.28 18.47 -4.05
C GLY A 1 15.64 17.30 -4.77
N SER A 2 14.87 16.51 -4.04
CA SER A 2 14.20 15.35 -4.62
C SER A 2 12.94 14.99 -3.83
N SER A 3 11.81 14.99 -4.53
CA SER A 3 10.52 14.67 -3.90
C SER A 3 9.95 13.37 -4.46
N GLY A 4 9.07 12.75 -3.69
CA GLY A 4 8.46 11.51 -4.12
C GLY A 4 9.46 10.38 -4.23
N SER A 5 9.46 9.47 -3.26
CA SER A 5 10.37 8.35 -3.25
C SER A 5 9.91 7.26 -4.21
N SER A 6 10.85 6.69 -4.96
CA SER A 6 10.53 5.65 -5.92
C SER A 6 10.66 4.26 -5.29
N GLY A 7 9.80 3.34 -5.71
CA GLY A 7 9.84 2.00 -5.16
C GLY A 7 8.71 1.13 -5.69
N ASN A 8 8.30 0.16 -4.88
CA ASN A 8 7.21 -0.75 -5.27
C ASN A 8 5.86 -0.14 -4.95
N THR A 9 5.02 0.00 -5.97
CA THR A 9 3.69 0.58 -5.80
C THR A 9 2.63 -0.51 -5.76
N TYR A 10 1.59 -0.29 -4.96
CA TYR A 10 0.50 -1.26 -4.84
C TYR A 10 -0.85 -0.57 -4.91
N VAL A 11 -1.87 -1.31 -5.33
CA VAL A 11 -3.22 -0.77 -5.45
C VAL A 11 -4.21 -1.56 -4.60
N ALA A 12 -4.99 -0.85 -3.80
CA ALA A 12 -5.98 -1.48 -2.94
C ALA A 12 -7.07 -2.17 -3.76
N LEU A 13 -7.41 -3.39 -3.38
CA LEU A 13 -8.44 -4.15 -4.08
C LEU A 13 -9.81 -3.94 -3.44
N TYR A 14 -9.80 -3.60 -2.15
CA TYR A 14 -11.04 -3.38 -1.42
C TYR A 14 -10.85 -2.31 -0.34
N LYS A 15 -11.95 -1.71 0.09
CA LYS A 15 -11.90 -0.68 1.11
C LYS A 15 -11.62 -1.28 2.48
N PHE A 16 -10.49 -0.91 3.07
CA PHE A 16 -10.11 -1.42 4.39
C PHE A 16 -10.69 -0.55 5.50
N VAL A 17 -11.03 -1.19 6.61
CA VAL A 17 -11.61 -0.47 7.75
C VAL A 17 -10.77 -0.68 9.01
N PRO A 18 -9.86 0.28 9.28
CA PRO A 18 -8.98 0.23 10.46
C PRO A 18 -9.75 0.42 11.76
N GLN A 19 -9.79 -0.62 12.58
CA GLN A 19 -10.49 -0.56 13.86
C GLN A 19 -9.73 0.33 14.85
N GLU A 20 -8.43 0.45 14.64
CA GLU A 20 -7.59 1.28 15.52
C GLU A 20 -6.61 2.11 14.70
N ASN A 21 -6.18 3.22 15.28
CA ASN A 21 -5.23 4.11 14.60
C ASN A 21 -4.11 3.31 13.93
N GLU A 22 -3.46 2.45 14.70
CA GLU A 22 -2.38 1.62 14.19
C GLU A 22 -2.69 1.15 12.77
N ASP A 23 -3.94 0.76 12.54
CA ASP A 23 -4.37 0.29 11.24
C ASP A 23 -4.46 1.45 10.24
N LEU A 24 -4.41 1.13 8.95
CA LEU A 24 -4.48 2.13 7.90
C LEU A 24 -5.72 1.93 7.04
N GLU A 25 -6.31 3.04 6.59
CA GLU A 25 -7.51 2.97 5.76
C GLU A 25 -7.16 3.19 4.29
N MET A 26 -7.82 2.44 3.42
CA MET A 26 -7.58 2.55 1.98
C MET A 26 -8.86 2.35 1.19
N ARG A 27 -8.80 2.57 -0.12
CA ARG A 27 -9.96 2.41 -0.98
C ARG A 27 -9.63 1.54 -2.19
N PRO A 28 -10.66 0.89 -2.75
CA PRO A 28 -10.50 0.01 -3.91
C PRO A 28 -10.17 0.79 -5.18
N GLY A 29 -8.88 1.00 -5.43
CA GLY A 29 -8.46 1.73 -6.62
C GLY A 29 -7.44 2.81 -6.30
N ASP A 30 -7.15 2.99 -5.02
CA ASP A 30 -6.19 3.99 -4.58
C ASP A 30 -4.76 3.47 -4.74
N ILE A 31 -3.79 4.38 -4.66
CA ILE A 31 -2.38 4.02 -4.79
C ILE A 31 -1.68 4.06 -3.43
N ILE A 32 -0.89 3.04 -3.15
CA ILE A 32 -0.16 2.96 -1.90
C ILE A 32 1.32 2.71 -2.14
N THR A 33 2.17 3.36 -1.35
CA THR A 33 3.61 3.21 -1.48
C THR A 33 4.17 2.25 -0.43
N LEU A 34 4.42 1.01 -0.84
CA LEU A 34 4.95 0.00 0.07
C LEU A 34 6.27 0.46 0.69
N LEU A 35 6.24 0.75 1.98
CA LEU A 35 7.44 1.20 2.69
C LEU A 35 8.25 0.01 3.19
N GLU A 36 7.64 -0.78 4.08
CA GLU A 36 8.30 -1.95 4.64
C GLU A 36 7.65 -3.23 4.14
N ASP A 37 8.49 -4.21 3.78
CA ASP A 37 8.00 -5.48 3.27
C ASP A 37 8.72 -6.65 3.96
N SER A 38 9.21 -6.40 5.16
CA SER A 38 9.93 -7.42 5.92
C SER A 38 9.03 -8.64 6.17
N ASN A 39 7.75 -8.38 6.39
CA ASN A 39 6.79 -9.45 6.64
C ASN A 39 6.29 -10.05 5.33
N GLU A 40 5.39 -11.03 5.44
CA GLU A 40 4.83 -11.69 4.27
C GLU A 40 3.31 -11.58 4.25
N ASP A 41 2.72 -11.54 5.44
CA ASP A 41 1.27 -11.44 5.56
C ASP A 41 0.81 -10.00 5.43
N TRP A 42 1.21 -9.16 6.37
CA TRP A 42 0.84 -7.75 6.36
C TRP A 42 2.03 -6.88 5.99
N TRP A 43 1.78 -5.83 5.22
CA TRP A 43 2.84 -4.91 4.80
C TRP A 43 2.50 -3.47 5.17
N LYS A 44 3.51 -2.61 5.18
CA LYS A 44 3.32 -1.21 5.51
C LYS A 44 3.48 -0.32 4.28
N GLY A 45 2.66 0.72 4.19
CA GLY A 45 2.73 1.62 3.06
C GLY A 45 2.51 3.07 3.46
N LYS A 46 2.34 3.94 2.46
CA LYS A 46 2.12 5.35 2.72
C LYS A 46 1.15 5.94 1.71
N ILE A 47 0.03 6.46 2.19
CA ILE A 47 -0.99 7.05 1.34
C ILE A 47 -0.99 8.57 1.45
N GLN A 48 -1.62 9.23 0.48
CA GLN A 48 -1.69 10.68 0.47
C GLN A 48 -1.71 11.24 1.89
N ASP A 49 -2.76 10.90 2.63
CA ASP A 49 -2.91 11.36 4.00
C ASP A 49 -3.24 10.20 4.94
N ARG A 50 -3.01 8.98 4.46
CA ARG A 50 -3.29 7.79 5.25
C ARG A 50 -2.05 6.91 5.38
N ILE A 51 -1.66 6.62 6.62
CA ILE A 51 -0.49 5.79 6.87
C ILE A 51 -0.77 4.76 7.96
N GLY A 52 -0.14 3.60 7.84
CA GLY A 52 -0.34 2.54 8.81
C GLY A 52 -0.14 1.16 8.22
N PHE A 53 -0.62 0.14 8.93
CA PHE A 53 -0.49 -1.24 8.47
C PHE A 53 -1.71 -1.66 7.65
N PHE A 54 -1.57 -2.73 6.89
CA PHE A 54 -2.65 -3.23 6.05
C PHE A 54 -2.33 -4.62 5.52
N PRO A 55 -3.38 -5.44 5.33
CA PRO A 55 -3.22 -6.81 4.82
C PRO A 55 -2.81 -6.84 3.35
N ALA A 56 -1.72 -7.53 3.06
CA ALA A 56 -1.21 -7.64 1.70
C ALA A 56 -2.23 -8.35 0.80
N ASN A 57 -3.20 -9.02 1.42
CA ASN A 57 -4.22 -9.74 0.68
C ASN A 57 -5.25 -8.78 0.11
N PHE A 58 -5.31 -7.57 0.68
CA PHE A 58 -6.26 -6.56 0.23
C PHE A 58 -5.73 -5.84 -1.01
N VAL A 59 -4.41 -5.76 -1.12
CA VAL A 59 -3.79 -5.09 -2.26
C VAL A 59 -3.20 -6.10 -3.23
N GLN A 60 -3.12 -5.72 -4.50
CA GLN A 60 -2.58 -6.60 -5.53
C GLN A 60 -1.30 -6.01 -6.13
N ARG A 61 -0.17 -6.60 -5.77
CA ARG A 61 1.12 -6.14 -6.26
C ARG A 61 1.02 -5.69 -7.72
N LEU A 62 1.62 -4.54 -8.01
CA LEU A 62 1.60 -4.00 -9.36
C LEU A 62 2.89 -4.34 -10.11
N SER A 63 2.74 -4.89 -11.32
CA SER A 63 3.89 -5.26 -12.13
C SER A 63 3.77 -4.66 -13.53
N GLY A 64 4.91 -4.55 -14.21
CA GLY A 64 4.92 -4.00 -15.55
C GLY A 64 6.08 -3.03 -15.78
N PRO A 65 5.94 -2.15 -16.77
CA PRO A 65 6.97 -1.17 -17.11
C PRO A 65 7.11 -0.09 -16.03
N SER A 66 8.25 -0.10 -15.34
CA SER A 66 8.51 0.88 -14.29
C SER A 66 9.86 1.56 -14.50
N SER A 67 10.90 0.75 -14.68
CA SER A 67 12.24 1.27 -14.89
C SER A 67 12.22 2.46 -15.86
N GLY A 68 13.26 3.28 -15.79
CA GLY A 68 13.34 4.44 -16.67
C GLY A 68 13.60 5.72 -15.90
N GLY A 1 6.38 18.81 -2.92
CA GLY A 1 5.64 17.87 -2.10
C GLY A 1 6.54 16.79 -1.52
N SER A 2 6.37 15.57 -1.99
CA SER A 2 7.16 14.44 -1.51
C SER A 2 8.27 14.10 -2.49
N SER A 3 9.39 13.60 -1.97
CA SER A 3 10.54 13.24 -2.80
C SER A 3 10.23 12.02 -3.65
N GLY A 4 10.92 11.90 -4.78
CA GLY A 4 10.70 10.76 -5.66
C GLY A 4 10.93 9.43 -4.98
N SER A 5 12.14 8.89 -5.14
CA SER A 5 12.48 7.61 -4.53
C SER A 5 11.32 6.63 -4.63
N SER A 6 10.67 6.61 -5.79
CA SER A 6 9.53 5.71 -6.01
C SER A 6 10.01 4.30 -6.30
N GLY A 7 9.45 3.33 -5.58
CA GLY A 7 9.82 1.94 -5.77
C GLY A 7 8.65 1.08 -6.22
N ASN A 8 8.32 0.07 -5.42
CA ASN A 8 7.21 -0.82 -5.74
C ASN A 8 5.89 -0.25 -5.24
N THR A 9 4.96 -0.05 -6.17
CA THR A 9 3.65 0.49 -5.82
C THR A 9 2.59 -0.61 -5.81
N TYR A 10 1.59 -0.45 -4.95
CA TYR A 10 0.52 -1.43 -4.82
C TYR A 10 -0.85 -0.74 -4.84
N VAL A 11 -1.83 -1.41 -5.44
CA VAL A 11 -3.18 -0.87 -5.53
C VAL A 11 -4.15 -1.66 -4.65
N ALA A 12 -4.92 -0.96 -3.83
CA ALA A 12 -5.89 -1.59 -2.95
C ALA A 12 -7.02 -2.24 -3.75
N LEU A 13 -7.30 -3.51 -3.47
CA LEU A 13 -8.35 -4.24 -4.16
C LEU A 13 -9.71 -3.95 -3.53
N TYR A 14 -9.74 -3.81 -2.22
CA TYR A 14 -10.97 -3.52 -1.50
C TYR A 14 -10.74 -2.50 -0.39
N LYS A 15 -11.82 -1.91 0.11
CA LYS A 15 -11.73 -0.92 1.18
C LYS A 15 -11.41 -1.59 2.51
N PHE A 16 -10.47 -1.01 3.24
CA PHE A 16 -10.07 -1.55 4.54
C PHE A 16 -10.55 -0.64 5.68
N VAL A 17 -10.94 -1.25 6.79
CA VAL A 17 -11.42 -0.50 7.94
C VAL A 17 -10.50 -0.71 9.14
N PRO A 18 -9.52 0.19 9.29
CA PRO A 18 -8.56 0.13 10.40
C PRO A 18 -9.20 0.46 11.74
N GLN A 19 -9.41 -0.56 12.56
CA GLN A 19 -10.01 -0.38 13.87
C GLN A 19 -9.07 0.39 14.81
N GLU A 20 -7.78 0.05 14.74
CA GLU A 20 -6.78 0.69 15.58
C GLU A 20 -5.87 1.59 14.74
N ASN A 21 -5.39 2.66 15.36
CA ASN A 21 -4.51 3.60 14.68
C ASN A 21 -3.49 2.86 13.82
N GLU A 22 -2.84 1.86 14.41
CA GLU A 22 -1.83 1.07 13.70
C GLU A 22 -2.30 0.74 12.30
N ASP A 23 -3.55 0.29 12.18
CA ASP A 23 -4.11 -0.05 10.88
C ASP A 23 -4.25 1.18 9.99
N LEU A 24 -4.39 0.95 8.69
CA LEU A 24 -4.54 2.05 7.74
C LEU A 24 -5.81 1.89 6.91
N GLU A 25 -6.42 3.01 6.56
CA GLU A 25 -7.66 3.00 5.78
C GLU A 25 -7.35 3.19 4.29
N MET A 26 -7.78 2.23 3.48
CA MET A 26 -7.55 2.28 2.03
C MET A 26 -8.85 2.06 1.28
N ARG A 27 -8.87 2.47 0.01
CA ARG A 27 -10.05 2.31 -0.83
C ARG A 27 -9.72 1.52 -2.09
N PRO A 28 -10.75 0.93 -2.70
CA PRO A 28 -10.60 0.13 -3.93
C PRO A 28 -10.25 0.99 -5.14
N GLY A 29 -8.96 1.21 -5.34
CA GLY A 29 -8.52 2.01 -6.47
C GLY A 29 -7.53 3.09 -6.07
N ASP A 30 -7.02 2.98 -4.84
CA ASP A 30 -6.06 3.96 -4.33
C ASP A 30 -4.63 3.47 -4.53
N ILE A 31 -3.67 4.39 -4.41
CA ILE A 31 -2.27 4.05 -4.58
C ILE A 31 -1.54 4.03 -3.25
N ILE A 32 -0.98 2.86 -2.90
CA ILE A 32 -0.25 2.71 -1.66
C ILE A 32 1.22 2.39 -1.90
N THR A 33 2.10 3.24 -1.38
CA THR A 33 3.54 3.05 -1.54
C THR A 33 4.08 2.06 -0.54
N LEU A 34 4.61 0.94 -1.03
CA LEU A 34 5.17 -0.09 -0.17
C LEU A 34 6.41 0.42 0.56
N LEU A 35 6.29 0.60 1.88
CA LEU A 35 7.41 1.08 2.69
C LEU A 35 8.12 -0.08 3.36
N GLU A 36 7.35 -0.94 4.03
CA GLU A 36 7.91 -2.10 4.72
C GLU A 36 7.33 -3.39 4.17
N ASP A 37 8.20 -4.38 3.96
CA ASP A 37 7.79 -5.67 3.43
C ASP A 37 8.39 -6.82 4.25
N SER A 38 8.40 -6.64 5.57
CA SER A 38 8.96 -7.66 6.45
C SER A 38 7.87 -8.62 6.94
N ASN A 39 6.62 -8.16 6.89
CA ASN A 39 5.49 -8.96 7.32
C ASN A 39 4.63 -9.37 6.13
N GLU A 40 5.07 -10.40 5.40
CA GLU A 40 4.34 -10.88 4.24
C GLU A 40 2.83 -10.79 4.47
N ASP A 41 2.40 -11.23 5.64
CA ASP A 41 0.97 -11.19 5.99
C ASP A 41 0.41 -9.79 5.81
N TRP A 42 1.02 -8.82 6.47
CA TRP A 42 0.57 -7.43 6.39
C TRP A 42 1.72 -6.52 5.96
N TRP A 43 1.44 -5.65 4.99
CA TRP A 43 2.46 -4.72 4.49
C TRP A 43 2.11 -3.29 4.89
N LYS A 44 3.14 -2.47 5.10
CA LYS A 44 2.94 -1.08 5.48
C LYS A 44 3.20 -0.15 4.30
N GLY A 45 2.38 0.88 4.18
CA GLY A 45 2.54 1.84 3.08
C GLY A 45 2.12 3.24 3.47
N LYS A 46 2.43 4.20 2.62
CA LYS A 46 2.08 5.59 2.87
C LYS A 46 1.07 6.10 1.85
N ILE A 47 -0.10 6.51 2.34
CA ILE A 47 -1.16 7.02 1.46
C ILE A 47 -1.16 8.54 1.43
N GLN A 48 -1.84 9.10 0.43
CA GLN A 48 -1.93 10.55 0.30
C GLN A 48 -1.88 11.24 1.65
N ASP A 49 -2.98 11.17 2.39
CA ASP A 49 -3.06 11.78 3.71
C ASP A 49 -3.32 10.73 4.78
N ARG A 50 -3.12 9.46 4.42
CA ARG A 50 -3.33 8.36 5.35
C ARG A 50 -2.08 7.50 5.47
N ILE A 51 -1.89 6.90 6.64
CA ILE A 51 -0.74 6.05 6.89
C ILE A 51 -1.07 4.92 7.86
N GLY A 52 -0.25 3.88 7.86
CA GLY A 52 -0.47 2.75 8.74
C GLY A 52 -0.15 1.43 8.10
N PHE A 53 -0.68 0.35 8.66
CA PHE A 53 -0.44 -0.99 8.14
C PHE A 53 -1.66 -1.51 7.39
N PHE A 54 -1.49 -2.63 6.69
CA PHE A 54 -2.58 -3.23 5.94
C PHE A 54 -2.17 -4.60 5.39
N PRO A 55 -3.17 -5.48 5.20
CA PRO A 55 -2.94 -6.83 4.69
C PRO A 55 -2.54 -6.83 3.22
N ALA A 56 -1.69 -7.78 2.84
CA ALA A 56 -1.23 -7.89 1.46
C ALA A 56 -2.31 -8.48 0.56
N ASN A 57 -3.15 -9.33 1.15
CA ASN A 57 -4.23 -9.97 0.40
C ASN A 57 -5.21 -8.93 -0.13
N PHE A 58 -5.26 -7.78 0.53
CA PHE A 58 -6.16 -6.71 0.13
C PHE A 58 -5.59 -5.93 -1.06
N VAL A 59 -4.27 -5.77 -1.08
CA VAL A 59 -3.60 -5.06 -2.15
C VAL A 59 -2.92 -6.02 -3.12
N GLN A 60 -2.37 -5.49 -4.20
CA GLN A 60 -1.69 -6.30 -5.20
C GLN A 60 -0.44 -5.60 -5.72
N ARG A 61 0.59 -6.37 -6.02
CA ARG A 61 1.84 -5.82 -6.53
C ARG A 61 1.70 -5.43 -7.99
N LEU A 62 2.05 -4.19 -8.30
CA LEU A 62 1.97 -3.68 -9.66
C LEU A 62 3.30 -3.84 -10.40
N SER A 63 3.27 -3.76 -11.72
CA SER A 63 4.47 -3.89 -12.53
C SER A 63 4.49 -2.86 -13.64
N GLY A 64 5.57 -2.07 -13.69
CA GLY A 64 5.70 -1.06 -14.71
C GLY A 64 4.86 0.18 -14.42
N PRO A 65 5.36 1.35 -14.83
CA PRO A 65 4.66 2.62 -14.61
C PRO A 65 3.41 2.75 -15.47
N SER A 66 3.52 2.34 -16.73
CA SER A 66 2.40 2.41 -17.66
C SER A 66 1.35 1.37 -17.31
N SER A 67 0.10 1.81 -17.14
CA SER A 67 -1.00 0.91 -16.81
C SER A 67 -1.99 0.82 -17.96
N GLY A 68 -2.34 -0.40 -18.35
CA GLY A 68 -3.28 -0.60 -19.44
C GLY A 68 -4.11 -1.85 -19.25
N GLY A 1 6.65 17.61 -5.53
CA GLY A 1 7.69 17.10 -6.41
C GLY A 1 7.16 16.71 -7.78
N SER A 2 7.87 17.13 -8.83
CA SER A 2 7.46 16.81 -10.19
C SER A 2 7.54 15.32 -10.46
N SER A 3 8.69 14.73 -10.17
CA SER A 3 8.91 13.30 -10.38
C SER A 3 8.45 12.50 -9.16
N GLY A 4 7.44 11.66 -9.35
CA GLY A 4 6.92 10.85 -8.26
C GLY A 4 7.98 9.96 -7.66
N SER A 5 7.94 9.80 -6.35
CA SER A 5 8.91 8.97 -5.64
C SER A 5 8.99 7.57 -6.27
N SER A 6 10.05 7.34 -7.04
CA SER A 6 10.24 6.05 -7.70
C SER A 6 10.39 4.94 -6.68
N GLY A 7 9.92 3.74 -7.04
CA GLY A 7 10.02 2.61 -6.14
C GLY A 7 8.92 1.59 -6.38
N ASN A 8 8.46 0.96 -5.30
CA ASN A 8 7.40 -0.04 -5.40
C ASN A 8 6.02 0.60 -5.24
N THR A 9 5.05 0.09 -5.98
CA THR A 9 3.69 0.62 -5.92
C THR A 9 2.67 -0.51 -5.79
N TYR A 10 1.61 -0.26 -5.02
CA TYR A 10 0.57 -1.26 -4.80
C TYR A 10 -0.81 -0.61 -4.80
N VAL A 11 -1.74 -1.21 -5.52
CA VAL A 11 -3.11 -0.69 -5.60
C VAL A 11 -4.05 -1.47 -4.69
N ALA A 12 -4.79 -0.76 -3.86
CA ALA A 12 -5.73 -1.40 -2.95
C ALA A 12 -6.91 -2.00 -3.70
N LEU A 13 -7.14 -3.29 -3.49
CA LEU A 13 -8.23 -3.99 -4.16
C LEU A 13 -9.55 -3.77 -3.42
N TYR A 14 -9.49 -3.82 -2.09
CA TYR A 14 -10.68 -3.63 -1.27
C TYR A 14 -10.44 -2.56 -0.20
N LYS A 15 -11.52 -1.97 0.30
CA LYS A 15 -11.41 -0.94 1.33
C LYS A 15 -11.11 -1.56 2.69
N PHE A 16 -10.29 -0.87 3.48
CA PHE A 16 -9.92 -1.34 4.81
C PHE A 16 -10.40 -0.38 5.89
N VAL A 17 -11.05 -0.93 6.91
CA VAL A 17 -11.56 -0.11 8.01
C VAL A 17 -10.74 -0.31 9.27
N PRO A 18 -9.81 0.63 9.52
CA PRO A 18 -8.93 0.59 10.70
C PRO A 18 -9.69 0.85 11.99
N GLN A 19 -9.79 -0.19 12.83
CA GLN A 19 -10.48 -0.07 14.10
C GLN A 19 -9.71 0.82 15.08
N GLU A 20 -8.39 0.64 15.11
CA GLU A 20 -7.53 1.42 15.99
C GLU A 20 -6.62 2.34 15.18
N ASN A 21 -5.73 3.03 15.89
CA ASN A 21 -4.80 3.95 15.24
C ASN A 21 -3.57 3.21 14.73
N GLU A 22 -3.76 1.95 14.35
CA GLU A 22 -2.66 1.13 13.85
C GLU A 22 -2.90 0.73 12.40
N ASP A 23 -4.15 0.42 12.07
CA ASP A 23 -4.52 0.01 10.72
C ASP A 23 -4.55 1.22 9.78
N LEU A 24 -4.49 0.94 8.49
CA LEU A 24 -4.51 2.00 7.48
C LEU A 24 -5.81 1.96 6.67
N GLU A 25 -6.48 3.09 6.58
CA GLU A 25 -7.74 3.19 5.83
C GLU A 25 -7.46 3.35 4.34
N MET A 26 -7.78 2.32 3.57
CA MET A 26 -7.56 2.35 2.12
C MET A 26 -8.86 2.09 1.37
N ARG A 27 -8.88 2.44 0.09
CA ARG A 27 -10.06 2.25 -0.74
C ARG A 27 -9.71 1.49 -2.02
N PRO A 28 -10.73 0.84 -2.61
CA PRO A 28 -10.55 0.07 -3.85
C PRO A 28 -10.28 0.96 -5.06
N GLY A 29 -9.00 1.19 -5.35
CA GLY A 29 -8.64 2.04 -6.47
C GLY A 29 -7.58 3.06 -6.11
N ASP A 30 -7.26 3.15 -4.83
CA ASP A 30 -6.26 4.10 -4.36
C ASP A 30 -4.87 3.51 -4.46
N ILE A 31 -3.86 4.38 -4.59
CA ILE A 31 -2.48 3.94 -4.70
C ILE A 31 -1.80 3.89 -3.33
N ILE A 32 -0.89 2.95 -3.17
CA ILE A 32 -0.17 2.79 -1.90
C ILE A 32 1.31 2.54 -2.15
N THR A 33 2.15 3.25 -1.40
CA THR A 33 3.60 3.10 -1.53
C THR A 33 4.16 2.14 -0.48
N LEU A 34 4.45 0.92 -0.91
CA LEU A 34 4.99 -0.09 0.00
C LEU A 34 6.29 0.39 0.64
N LEU A 35 6.26 0.55 1.96
CA LEU A 35 7.44 1.00 2.70
C LEU A 35 8.18 -0.18 3.31
N GLU A 36 7.49 -0.95 4.13
CA GLU A 36 8.09 -2.12 4.78
C GLU A 36 7.47 -3.41 4.26
N ASP A 37 8.33 -4.37 3.93
CA ASP A 37 7.86 -5.65 3.42
C ASP A 37 8.49 -6.81 4.19
N SER A 38 9.02 -6.50 5.36
CA SER A 38 9.66 -7.51 6.20
C SER A 38 8.74 -8.71 6.41
N ASN A 39 7.48 -8.43 6.73
CA ASN A 39 6.49 -9.47 6.96
C ASN A 39 6.02 -10.07 5.63
N GLU A 40 5.32 -11.20 5.71
CA GLU A 40 4.81 -11.88 4.52
C GLU A 40 3.30 -11.76 4.44
N ASP A 41 2.64 -11.75 5.60
CA ASP A 41 1.20 -11.65 5.66
C ASP A 41 0.75 -10.21 5.48
N TRP A 42 1.07 -9.37 6.46
CA TRP A 42 0.69 -7.95 6.41
C TRP A 42 1.90 -7.09 6.07
N TRP A 43 1.66 -6.04 5.29
CA TRP A 43 2.73 -5.13 4.89
C TRP A 43 2.40 -3.69 5.28
N LYS A 44 3.34 -2.79 5.07
CA LYS A 44 3.15 -1.38 5.39
C LYS A 44 3.35 -0.51 4.16
N GLY A 45 2.61 0.60 4.11
CA GLY A 45 2.71 1.51 2.98
C GLY A 45 2.48 2.95 3.38
N LYS A 46 2.23 3.81 2.38
CA LYS A 46 2.00 5.23 2.63
C LYS A 46 1.06 5.81 1.59
N ILE A 47 -0.04 6.39 2.06
CA ILE A 47 -1.02 6.99 1.16
C ILE A 47 -1.00 8.51 1.26
N GLN A 48 -1.59 9.18 0.28
CA GLN A 48 -1.64 10.63 0.25
C GLN A 48 -1.75 11.20 1.67
N ASP A 49 -2.95 11.08 2.25
CA ASP A 49 -3.19 11.58 3.60
C ASP A 49 -3.50 10.43 4.55
N ARG A 50 -3.28 9.21 4.08
CA ARG A 50 -3.54 8.02 4.89
C ARG A 50 -2.27 7.19 5.05
N ILE A 51 -2.09 6.60 6.22
CA ILE A 51 -0.92 5.78 6.50
C ILE A 51 -1.24 4.69 7.52
N GLY A 52 -0.37 3.67 7.58
CA GLY A 52 -0.59 2.59 8.52
C GLY A 52 -0.31 1.23 7.90
N PHE A 53 -0.59 0.17 8.65
CA PHE A 53 -0.36 -1.19 8.17
C PHE A 53 -1.62 -1.74 7.49
N PHE A 54 -1.42 -2.73 6.63
CA PHE A 54 -2.53 -3.34 5.90
C PHE A 54 -2.14 -4.72 5.38
N PRO A 55 -3.14 -5.59 5.22
CA PRO A 55 -2.93 -6.95 4.73
C PRO A 55 -2.55 -6.99 3.26
N ALA A 56 -1.58 -7.84 2.92
CA ALA A 56 -1.13 -7.97 1.55
C ALA A 56 -2.19 -8.61 0.67
N ASN A 57 -3.19 -9.22 1.30
CA ASN A 57 -4.27 -9.87 0.57
C ASN A 57 -5.31 -8.84 0.11
N PHE A 58 -5.14 -7.59 0.56
CA PHE A 58 -6.06 -6.53 0.20
C PHE A 58 -5.52 -5.72 -0.98
N VAL A 59 -4.19 -5.63 -1.07
CA VAL A 59 -3.56 -4.88 -2.14
C VAL A 59 -2.98 -5.82 -3.19
N GLN A 60 -2.81 -5.31 -4.42
CA GLN A 60 -2.27 -6.11 -5.51
C GLN A 60 -1.02 -5.46 -6.09
N ARG A 61 0.08 -6.19 -6.08
CA ARG A 61 1.35 -5.68 -6.60
C ARG A 61 1.15 -5.09 -8.01
N LEU A 62 1.65 -3.89 -8.21
CA LEU A 62 1.53 -3.22 -9.50
C LEU A 62 2.80 -3.39 -10.32
N SER A 63 2.70 -4.14 -11.42
CA SER A 63 3.84 -4.38 -12.29
C SER A 63 3.79 -3.48 -13.51
N GLY A 64 2.60 -3.29 -14.06
CA GLY A 64 2.44 -2.45 -15.23
C GLY A 64 2.72 -3.19 -16.53
N PRO A 65 3.05 -2.43 -17.59
CA PRO A 65 3.34 -3.00 -18.90
C PRO A 65 4.66 -3.77 -18.92
N SER A 66 5.32 -3.83 -17.76
CA SER A 66 6.60 -4.53 -17.65
C SER A 66 6.38 -6.03 -17.48
N SER A 67 6.61 -6.78 -18.55
CA SER A 67 6.43 -8.23 -18.53
C SER A 67 7.09 -8.87 -19.75
N GLY A 68 7.18 -10.20 -19.73
CA GLY A 68 7.79 -10.91 -20.84
C GLY A 68 6.97 -12.12 -21.27
N GLY A 1 11.98 5.91 -17.65
CA GLY A 1 12.08 7.33 -17.36
C GLY A 1 12.96 7.63 -16.16
N SER A 2 12.33 7.91 -15.04
CA SER A 2 13.07 8.22 -13.81
C SER A 2 14.25 7.28 -13.64
N SER A 3 15.46 7.82 -13.81
CA SER A 3 16.68 7.03 -13.67
C SER A 3 16.73 6.34 -12.31
N GLY A 4 16.95 5.03 -12.34
CA GLY A 4 17.02 4.27 -11.10
C GLY A 4 15.70 4.27 -10.34
N SER A 5 14.73 3.52 -10.86
CA SER A 5 13.42 3.44 -10.24
C SER A 5 13.39 2.35 -9.17
N SER A 6 13.49 2.75 -7.91
CA SER A 6 13.48 1.81 -6.80
C SER A 6 12.31 2.08 -5.86
N GLY A 7 11.14 1.57 -6.23
CA GLY A 7 9.96 1.77 -5.42
C GLY A 7 8.80 0.90 -5.86
N ASN A 8 8.39 -0.02 -4.99
CA ASN A 8 7.27 -0.91 -5.31
C ASN A 8 5.94 -0.31 -4.85
N THR A 9 5.02 -0.14 -5.78
CA THR A 9 3.72 0.42 -5.48
C THR A 9 2.65 -0.66 -5.46
N TYR A 10 1.63 -0.46 -4.63
CA TYR A 10 0.54 -1.42 -4.52
C TYR A 10 -0.82 -0.71 -4.49
N VAL A 11 -1.77 -1.25 -5.25
CA VAL A 11 -3.11 -0.67 -5.31
C VAL A 11 -4.09 -1.47 -4.47
N ALA A 12 -5.04 -0.77 -3.86
CA ALA A 12 -6.05 -1.41 -3.02
C ALA A 12 -7.15 -2.04 -3.87
N LEU A 13 -7.45 -3.31 -3.59
CA LEU A 13 -8.48 -4.03 -4.33
C LEU A 13 -9.84 -3.89 -3.66
N TYR A 14 -9.82 -3.61 -2.36
CA TYR A 14 -11.05 -3.45 -1.58
C TYR A 14 -10.87 -2.43 -0.47
N LYS A 15 -11.98 -1.94 0.07
CA LYS A 15 -11.94 -0.96 1.15
C LYS A 15 -11.57 -1.63 2.47
N PHE A 16 -10.65 -1.01 3.21
CA PHE A 16 -10.21 -1.54 4.49
C PHE A 16 -10.81 -0.73 5.64
N VAL A 17 -11.04 -1.40 6.77
CA VAL A 17 -11.60 -0.74 7.94
C VAL A 17 -10.72 -0.93 9.16
N PRO A 18 -9.85 0.05 9.43
CA PRO A 18 -8.93 0.01 10.56
C PRO A 18 -9.64 0.15 11.90
N GLN A 19 -9.55 -0.88 12.72
CA GLN A 19 -10.20 -0.87 14.03
C GLN A 19 -9.53 0.15 14.96
N GLU A 20 -8.21 0.29 14.83
CA GLU A 20 -7.46 1.23 15.65
C GLU A 20 -6.53 2.09 14.80
N ASN A 21 -6.15 3.24 15.33
CA ASN A 21 -5.27 4.16 14.61
C ASN A 21 -4.14 3.39 13.93
N GLU A 22 -3.49 2.51 14.67
CA GLU A 22 -2.39 1.70 14.13
C GLU A 22 -2.69 1.27 12.71
N ASP A 23 -3.90 0.77 12.49
CA ASP A 23 -4.31 0.30 11.18
C ASP A 23 -4.49 1.47 10.22
N LEU A 24 -4.49 1.18 8.92
CA LEU A 24 -4.65 2.20 7.90
C LEU A 24 -5.92 1.98 7.08
N GLU A 25 -6.59 3.06 6.71
CA GLU A 25 -7.80 2.97 5.93
C GLU A 25 -7.52 3.18 4.45
N MET A 26 -7.99 2.25 3.62
CA MET A 26 -7.79 2.33 2.18
C MET A 26 -9.06 2.00 1.42
N ARG A 27 -9.13 2.41 0.16
CA ARG A 27 -10.30 2.16 -0.66
C ARG A 27 -9.91 1.43 -1.95
N PRO A 28 -10.91 0.81 -2.60
CA PRO A 28 -10.70 0.07 -3.85
C PRO A 28 -10.37 0.99 -5.02
N GLY A 29 -9.09 1.34 -5.15
CA GLY A 29 -8.67 2.21 -6.23
C GLY A 29 -7.70 3.28 -5.77
N ASP A 30 -6.92 2.96 -4.75
CA ASP A 30 -5.93 3.89 -4.21
C ASP A 30 -4.51 3.47 -4.57
N ILE A 31 -3.57 4.39 -4.42
CA ILE A 31 -2.17 4.10 -4.73
C ILE A 31 -1.32 4.12 -3.47
N ILE A 32 -1.04 2.93 -2.94
CA ILE A 32 -0.23 2.80 -1.73
C ILE A 32 1.23 2.53 -2.07
N THR A 33 2.14 3.11 -1.29
CA THR A 33 3.56 2.94 -1.52
C THR A 33 4.17 2.01 -0.47
N LEU A 34 4.56 0.82 -0.90
CA LEU A 34 5.17 -0.16 -0.01
C LEU A 34 6.48 0.36 0.57
N LEU A 35 6.47 0.68 1.86
CA LEU A 35 7.66 1.20 2.53
C LEU A 35 8.44 0.06 3.18
N GLU A 36 7.74 -0.80 3.90
CA GLU A 36 8.38 -1.93 4.58
C GLU A 36 7.77 -3.25 4.11
N ASP A 37 8.62 -4.23 3.83
CA ASP A 37 8.17 -5.54 3.38
C ASP A 37 8.84 -6.65 4.18
N SER A 38 9.12 -6.37 5.45
CA SER A 38 9.76 -7.35 6.32
C SER A 38 8.86 -8.56 6.54
N ASN A 39 7.56 -8.31 6.66
CA ASN A 39 6.60 -9.38 6.87
C ASN A 39 6.17 -10.00 5.54
N GLU A 40 5.26 -10.96 5.60
CA GLU A 40 4.77 -11.63 4.41
C GLU A 40 3.25 -11.49 4.27
N ASP A 41 2.54 -11.68 5.38
CA ASP A 41 1.09 -11.56 5.39
C ASP A 41 0.66 -10.10 5.24
N TRP A 42 1.04 -9.29 6.21
CA TRP A 42 0.68 -7.87 6.19
C TRP A 42 1.88 -7.02 5.77
N TRP A 43 1.60 -5.91 5.08
CA TRP A 43 2.66 -5.02 4.62
C TRP A 43 2.33 -3.58 4.96
N LYS A 44 3.36 -2.75 5.13
CA LYS A 44 3.18 -1.35 5.46
C LYS A 44 3.36 -0.47 4.22
N GLY A 45 2.62 0.63 4.17
CA GLY A 45 2.72 1.53 3.03
C GLY A 45 2.32 2.95 3.39
N LYS A 46 2.46 3.86 2.43
CA LYS A 46 2.12 5.26 2.65
C LYS A 46 1.05 5.71 1.66
N ILE A 47 -0.05 6.25 2.17
CA ILE A 47 -1.13 6.74 1.33
C ILE A 47 -1.09 8.25 1.19
N GLN A 48 -1.81 8.76 0.20
CA GLN A 48 -1.86 10.20 -0.06
C GLN A 48 -1.71 10.98 1.25
N ASP A 49 -2.76 11.01 2.05
CA ASP A 49 -2.75 11.72 3.32
C ASP A 49 -2.96 10.75 4.49
N ARG A 50 -2.85 9.46 4.20
CA ARG A 50 -3.02 8.44 5.23
C ARG A 50 -1.81 7.52 5.30
N ILE A 51 -1.60 6.91 6.46
CA ILE A 51 -0.47 6.01 6.66
C ILE A 51 -0.77 4.98 7.75
N GLY A 52 -0.15 3.81 7.63
CA GLY A 52 -0.36 2.76 8.61
C GLY A 52 -0.15 1.38 8.03
N PHE A 53 -0.58 0.36 8.77
CA PHE A 53 -0.43 -1.02 8.32
C PHE A 53 -1.67 -1.48 7.55
N PHE A 54 -1.54 -2.59 6.85
CA PHE A 54 -2.64 -3.13 6.07
C PHE A 54 -2.28 -4.50 5.48
N PRO A 55 -3.30 -5.34 5.25
CA PRO A 55 -3.12 -6.68 4.70
C PRO A 55 -2.70 -6.65 3.23
N ALA A 56 -1.78 -7.55 2.86
CA ALA A 56 -1.31 -7.62 1.50
C ALA A 56 -2.34 -8.25 0.57
N ASN A 57 -3.21 -9.07 1.15
CA ASN A 57 -4.26 -9.74 0.38
C ASN A 57 -5.29 -8.73 -0.14
N PHE A 58 -5.35 -7.57 0.51
CA PHE A 58 -6.27 -6.51 0.11
C PHE A 58 -5.71 -5.71 -1.07
N VAL A 59 -4.39 -5.58 -1.10
CA VAL A 59 -3.73 -4.84 -2.16
C VAL A 59 -3.13 -5.78 -3.20
N GLN A 60 -2.73 -5.22 -4.34
CA GLN A 60 -2.14 -6.01 -5.42
C GLN A 60 -0.81 -5.42 -5.86
N ARG A 61 0.20 -6.28 -6.01
CA ARG A 61 1.53 -5.85 -6.43
C ARG A 61 1.51 -5.35 -7.87
N LEU A 62 2.05 -4.16 -8.10
CA LEU A 62 2.09 -3.58 -9.43
C LEU A 62 3.48 -3.72 -10.04
N SER A 63 3.70 -4.82 -10.75
CA SER A 63 4.99 -5.07 -11.39
C SER A 63 4.99 -4.58 -12.83
N GLY A 64 5.92 -3.67 -13.14
CA GLY A 64 6.00 -3.14 -14.49
C GLY A 64 6.50 -4.16 -15.49
N PRO A 65 6.43 -3.81 -16.79
CA PRO A 65 6.86 -4.70 -17.86
C PRO A 65 8.37 -4.88 -17.90
N SER A 66 8.82 -6.12 -17.70
CA SER A 66 10.25 -6.42 -17.71
C SER A 66 10.55 -7.64 -18.57
N SER A 67 11.15 -7.40 -19.73
CA SER A 67 11.48 -8.48 -20.66
C SER A 67 10.34 -9.50 -20.73
N GLY A 68 9.11 -9.01 -20.77
CA GLY A 68 7.95 -9.88 -20.84
C GLY A 68 7.10 -9.60 -22.06
N GLY A 1 15.67 17.99 2.98
CA GLY A 1 16.18 17.46 1.75
C GLY A 1 15.13 16.68 0.97
N SER A 2 15.44 16.36 -0.28
CA SER A 2 14.51 15.62 -1.13
C SER A 2 15.12 14.28 -1.56
N SER A 3 14.87 13.24 -0.76
CA SER A 3 15.40 11.92 -1.06
C SER A 3 14.73 11.33 -2.31
N GLY A 4 15.48 10.51 -3.03
CA GLY A 4 14.95 9.90 -4.23
C GLY A 4 13.73 9.04 -3.97
N SER A 5 12.57 9.51 -4.42
CA SER A 5 11.32 8.78 -4.22
C SER A 5 11.15 7.69 -5.27
N SER A 6 11.42 6.45 -4.87
CA SER A 6 11.31 5.32 -5.78
C SER A 6 11.16 4.01 -5.00
N GLY A 7 10.39 3.08 -5.56
CA GLY A 7 10.19 1.80 -4.92
C GLY A 7 9.08 0.98 -5.57
N ASN A 8 8.37 0.20 -4.77
CA ASN A 8 7.29 -0.63 -5.28
C ASN A 8 5.93 -0.05 -4.90
N THR A 9 5.04 0.05 -5.88
CA THR A 9 3.70 0.58 -5.65
C THR A 9 2.66 -0.54 -5.61
N TYR A 10 1.66 -0.37 -4.75
CA TYR A 10 0.59 -1.37 -4.63
C TYR A 10 -0.77 -0.70 -4.64
N VAL A 11 -1.73 -1.35 -5.30
CA VAL A 11 -3.09 -0.82 -5.38
C VAL A 11 -4.04 -1.58 -4.46
N ALA A 12 -4.86 -0.85 -3.72
CA ALA A 12 -5.81 -1.45 -2.81
C ALA A 12 -6.97 -2.08 -3.56
N LEU A 13 -7.13 -3.40 -3.41
CA LEU A 13 -8.20 -4.12 -4.08
C LEU A 13 -9.55 -3.79 -3.46
N TYR A 14 -9.60 -3.74 -2.13
CA TYR A 14 -10.83 -3.43 -1.42
C TYR A 14 -10.58 -2.40 -0.33
N LYS A 15 -11.65 -1.79 0.16
CA LYS A 15 -11.56 -0.78 1.20
C LYS A 15 -11.23 -1.42 2.54
N PHE A 16 -10.30 -0.81 3.28
CA PHE A 16 -9.89 -1.32 4.57
C PHE A 16 -10.35 -0.38 5.70
N VAL A 17 -11.04 -0.95 6.69
CA VAL A 17 -11.53 -0.16 7.82
C VAL A 17 -10.68 -0.40 9.06
N PRO A 18 -9.71 0.51 9.28
CA PRO A 18 -8.80 0.43 10.44
C PRO A 18 -9.52 0.73 11.75
N GLN A 19 -9.62 -0.29 12.60
CA GLN A 19 -10.28 -0.14 13.90
C GLN A 19 -9.45 0.75 14.83
N GLU A 20 -8.13 0.64 14.71
CA GLU A 20 -7.22 1.42 15.54
C GLU A 20 -6.26 2.24 14.68
N ASN A 21 -5.58 3.20 15.30
CA ASN A 21 -4.63 4.04 14.60
C ASN A 21 -3.66 3.20 13.78
N GLU A 22 -2.95 2.29 14.45
CA GLU A 22 -1.99 1.43 13.78
C GLU A 22 -2.50 1.00 12.41
N ASP A 23 -3.77 0.61 12.36
CA ASP A 23 -4.37 0.18 11.10
C ASP A 23 -4.44 1.33 10.10
N LEU A 24 -4.60 0.99 8.82
CA LEU A 24 -4.67 1.99 7.76
C LEU A 24 -5.94 1.82 6.94
N GLU A 25 -6.49 2.94 6.49
CA GLU A 25 -7.71 2.91 5.67
C GLU A 25 -7.40 3.18 4.21
N MET A 26 -7.80 2.27 3.34
CA MET A 26 -7.56 2.41 1.91
C MET A 26 -8.85 2.22 1.12
N ARG A 27 -8.81 2.58 -0.16
CA ARG A 27 -9.99 2.45 -1.02
C ARG A 27 -9.66 1.61 -2.25
N PRO A 28 -10.70 0.98 -2.83
CA PRO A 28 -10.55 0.14 -4.02
C PRO A 28 -10.23 0.95 -5.27
N GLY A 29 -8.94 1.22 -5.48
CA GLY A 29 -8.52 1.99 -6.65
C GLY A 29 -7.51 3.06 -6.30
N ASP A 30 -7.07 3.07 -5.05
CA ASP A 30 -6.10 4.05 -4.59
C ASP A 30 -4.68 3.52 -4.72
N ILE A 31 -3.70 4.42 -4.71
CA ILE A 31 -2.30 4.03 -4.83
C ILE A 31 -1.60 4.07 -3.47
N ILE A 32 -0.87 3.01 -3.16
CA ILE A 32 -0.15 2.92 -1.90
C ILE A 32 1.34 2.66 -2.12
N THR A 33 2.18 3.36 -1.37
CA THR A 33 3.62 3.19 -1.49
C THR A 33 4.14 2.17 -0.49
N LEU A 34 4.59 1.02 -1.00
CA LEU A 34 5.12 -0.04 -0.15
C LEU A 34 6.38 0.41 0.56
N LEU A 35 6.25 0.73 1.84
CA LEU A 35 7.40 1.19 2.64
C LEU A 35 8.12 0.00 3.26
N GLU A 36 7.42 -0.76 4.09
CA GLU A 36 8.01 -1.93 4.74
C GLU A 36 7.36 -3.22 4.23
N ASP A 37 8.17 -4.03 3.55
CA ASP A 37 7.68 -5.29 3.00
C ASP A 37 8.49 -6.47 3.54
N SER A 38 8.85 -6.39 4.81
CA SER A 38 9.63 -7.44 5.45
C SER A 38 8.76 -8.64 5.79
N ASN A 39 7.54 -8.37 6.25
CA ASN A 39 6.60 -9.43 6.61
C ASN A 39 6.04 -10.10 5.37
N GLU A 40 5.10 -11.03 5.57
CA GLU A 40 4.48 -11.74 4.46
C GLU A 40 2.96 -11.61 4.52
N ASP A 41 2.41 -11.61 5.73
CA ASP A 41 0.97 -11.49 5.91
C ASP A 41 0.51 -10.06 5.68
N TRP A 42 0.95 -9.16 6.55
CA TRP A 42 0.59 -7.75 6.45
C TRP A 42 1.80 -6.90 6.09
N TRP A 43 1.57 -5.86 5.29
CA TRP A 43 2.64 -4.96 4.87
C TRP A 43 2.35 -3.53 5.29
N LYS A 44 3.35 -2.66 5.16
CA LYS A 44 3.20 -1.26 5.52
C LYS A 44 3.33 -0.36 4.30
N GLY A 45 2.51 0.69 4.25
CA GLY A 45 2.55 1.61 3.13
C GLY A 45 2.30 3.05 3.54
N LYS A 46 2.12 3.92 2.57
CA LYS A 46 1.87 5.33 2.84
C LYS A 46 0.90 5.93 1.81
N ILE A 47 -0.13 6.59 2.30
CA ILE A 47 -1.13 7.20 1.44
C ILE A 47 -1.17 8.72 1.63
N GLN A 48 -1.79 9.42 0.68
CA GLN A 48 -1.89 10.86 0.75
C GLN A 48 -1.95 11.34 2.19
N ASP A 49 -3.07 11.08 2.86
CA ASP A 49 -3.25 11.49 4.24
C ASP A 49 -3.61 10.29 5.11
N ARG A 50 -3.35 9.08 4.60
CA ARG A 50 -3.65 7.86 5.34
C ARG A 50 -2.40 7.00 5.47
N ILE A 51 -1.99 6.75 6.72
CA ILE A 51 -0.82 5.92 6.98
C ILE A 51 -1.14 4.82 7.97
N GLY A 52 -0.41 3.71 7.87
CA GLY A 52 -0.62 2.59 8.77
C GLY A 52 -0.28 1.26 8.13
N PHE A 53 -0.79 0.18 8.71
CA PHE A 53 -0.53 -1.16 8.19
C PHE A 53 -1.73 -1.68 7.40
N PHE A 54 -1.49 -2.68 6.55
CA PHE A 54 -2.55 -3.26 5.73
C PHE A 54 -2.16 -4.66 5.26
N PRO A 55 -3.15 -5.55 5.17
CA PRO A 55 -2.94 -6.93 4.72
C PRO A 55 -2.59 -7.02 3.24
N ALA A 56 -1.68 -7.93 2.91
CA ALA A 56 -1.27 -8.12 1.53
C ALA A 56 -2.40 -8.68 0.68
N ASN A 57 -3.22 -9.53 1.29
CA ASN A 57 -4.35 -10.13 0.59
C ASN A 57 -5.31 -9.07 0.07
N PHE A 58 -5.27 -7.89 0.69
CA PHE A 58 -6.14 -6.79 0.28
C PHE A 58 -5.55 -6.05 -0.91
N VAL A 59 -4.22 -6.00 -0.97
CA VAL A 59 -3.54 -5.32 -2.07
C VAL A 59 -2.99 -6.32 -3.08
N GLN A 60 -2.62 -5.83 -4.25
CA GLN A 60 -2.07 -6.68 -5.30
C GLN A 60 -0.89 -6.01 -6.00
N ARG A 61 0.28 -6.62 -5.88
CA ARG A 61 1.49 -6.08 -6.50
C ARG A 61 1.18 -5.54 -7.90
N LEU A 62 1.74 -4.37 -8.21
CA LEU A 62 1.53 -3.76 -9.52
C LEU A 62 2.70 -4.06 -10.46
N SER A 63 2.56 -5.12 -11.23
CA SER A 63 3.60 -5.53 -12.17
C SER A 63 3.51 -4.71 -13.46
N GLY A 64 4.66 -4.21 -13.92
CA GLY A 64 4.68 -3.43 -15.13
C GLY A 64 5.09 -4.24 -16.35
N PRO A 65 4.54 -3.87 -17.51
CA PRO A 65 4.84 -4.56 -18.77
C PRO A 65 6.26 -4.32 -19.25
N SER A 66 7.00 -3.51 -18.51
CA SER A 66 8.37 -3.19 -18.85
C SER A 66 9.34 -4.23 -18.29
N SER A 67 9.69 -5.21 -19.11
CA SER A 67 10.59 -6.28 -18.70
C SER A 67 11.86 -6.28 -19.55
N GLY A 68 12.92 -5.67 -19.02
CA GLY A 68 14.18 -5.61 -19.76
C GLY A 68 14.76 -6.98 -20.01
N GLY A 1 19.35 16.17 -2.66
CA GLY A 1 18.29 15.30 -3.11
C GLY A 1 18.69 13.83 -3.08
N SER A 2 17.73 12.96 -2.78
CA SER A 2 17.98 11.53 -2.72
C SER A 2 17.32 10.80 -3.88
N SER A 3 17.57 9.50 -3.99
CA SER A 3 17.00 8.70 -5.06
C SER A 3 16.22 7.51 -4.49
N GLY A 4 15.10 7.20 -5.14
CA GLY A 4 14.27 6.10 -4.68
C GLY A 4 14.91 4.74 -4.95
N SER A 5 15.70 4.26 -4.00
CA SER A 5 16.37 2.97 -4.16
C SER A 5 15.43 1.93 -4.75
N SER A 6 14.16 2.01 -4.37
CA SER A 6 13.15 1.08 -4.86
C SER A 6 11.84 1.79 -5.15
N GLY A 7 11.22 1.46 -6.28
CA GLY A 7 9.96 2.08 -6.64
C GLY A 7 8.83 1.08 -6.74
N ASN A 8 8.50 0.44 -5.61
CA ASN A 8 7.43 -0.54 -5.57
C ASN A 8 6.08 0.13 -5.34
N THR A 9 5.06 -0.37 -6.01
CA THR A 9 3.70 0.17 -5.87
C THR A 9 2.68 -0.94 -5.67
N TYR A 10 1.59 -0.61 -4.98
CA TYR A 10 0.54 -1.57 -4.71
C TYR A 10 -0.83 -0.89 -4.64
N VAL A 11 -1.77 -1.37 -5.44
CA VAL A 11 -3.12 -0.80 -5.46
C VAL A 11 -4.04 -1.56 -4.52
N ALA A 12 -4.97 -0.83 -3.90
CA ALA A 12 -5.92 -1.44 -2.98
C ALA A 12 -7.07 -2.11 -3.73
N LEU A 13 -7.27 -3.40 -3.48
CA LEU A 13 -8.33 -4.15 -4.13
C LEU A 13 -9.69 -3.81 -3.54
N TYR A 14 -9.78 -3.84 -2.21
CA TYR A 14 -11.02 -3.53 -1.51
C TYR A 14 -10.80 -2.47 -0.45
N LYS A 15 -11.89 -1.96 0.11
CA LYS A 15 -11.81 -0.93 1.15
C LYS A 15 -11.50 -1.56 2.50
N PHE A 16 -10.38 -1.15 3.09
CA PHE A 16 -9.96 -1.66 4.39
C PHE A 16 -10.50 -0.79 5.52
N VAL A 17 -10.85 -1.42 6.63
CA VAL A 17 -11.37 -0.71 7.78
C VAL A 17 -10.50 -0.93 9.02
N PRO A 18 -9.58 0.02 9.27
CA PRO A 18 -8.66 -0.05 10.42
C PRO A 18 -9.39 0.15 11.74
N GLN A 19 -9.44 -0.90 12.54
CA GLN A 19 -10.10 -0.85 13.84
C GLN A 19 -9.37 0.11 14.78
N GLU A 20 -8.05 0.11 14.69
CA GLU A 20 -7.23 0.99 15.53
C GLU A 20 -6.32 1.87 14.68
N ASN A 21 -5.89 2.99 15.25
CA ASN A 21 -5.01 3.91 14.55
C ASN A 21 -3.90 3.17 13.82
N GLU A 22 -3.21 2.29 14.54
CA GLU A 22 -2.12 1.51 13.96
C GLU A 22 -2.46 1.09 12.53
N ASP A 23 -3.65 0.55 12.35
CA ASP A 23 -4.10 0.10 11.03
C ASP A 23 -4.24 1.27 10.08
N LEU A 24 -4.31 0.98 8.79
CA LEU A 24 -4.45 2.02 7.77
C LEU A 24 -5.74 1.85 6.99
N GLU A 25 -6.37 2.96 6.64
CA GLU A 25 -7.62 2.93 5.89
C GLU A 25 -7.37 3.20 4.40
N MET A 26 -7.64 2.20 3.57
CA MET A 26 -7.45 2.32 2.14
C MET A 26 -8.72 1.96 1.38
N ARG A 27 -8.87 2.51 0.19
CA ARG A 27 -10.05 2.26 -0.64
C ARG A 27 -9.66 1.55 -1.93
N PRO A 28 -10.63 0.86 -2.55
CA PRO A 28 -10.42 0.15 -3.81
C PRO A 28 -10.20 1.08 -5.00
N GLY A 29 -8.94 1.23 -5.40
CA GLY A 29 -8.62 2.10 -6.51
C GLY A 29 -7.52 3.09 -6.19
N ASP A 30 -7.22 3.23 -4.90
CA ASP A 30 -6.18 4.15 -4.45
C ASP A 30 -4.80 3.53 -4.61
N ILE A 31 -3.76 4.35 -4.46
CA ILE A 31 -2.39 3.87 -4.59
C ILE A 31 -1.69 3.85 -3.24
N ILE A 32 -0.89 2.81 -3.00
CA ILE A 32 -0.17 2.69 -1.75
C ILE A 32 1.33 2.42 -2.01
N THR A 33 2.17 3.20 -1.36
CA THR A 33 3.62 3.05 -1.52
C THR A 33 4.19 2.08 -0.49
N LEU A 34 4.49 0.87 -0.93
CA LEU A 34 5.05 -0.14 -0.05
C LEU A 34 6.35 0.32 0.57
N LEU A 35 6.33 0.59 1.88
CA LEU A 35 7.52 1.04 2.59
C LEU A 35 8.19 -0.11 3.32
N GLU A 36 7.42 -0.79 4.17
CA GLU A 36 7.95 -1.92 4.93
C GLU A 36 7.30 -3.22 4.49
N ASP A 37 8.08 -4.07 3.83
CA ASP A 37 7.57 -5.35 3.35
C ASP A 37 8.18 -6.51 4.15
N SER A 38 8.59 -6.21 5.37
CA SER A 38 9.18 -7.23 6.24
C SER A 38 8.20 -8.35 6.52
N ASN A 39 6.97 -7.98 6.84
CA ASN A 39 5.93 -8.95 7.14
C ASN A 39 5.00 -9.14 5.93
N GLU A 40 4.99 -10.35 5.38
CA GLU A 40 4.15 -10.65 4.23
C GLU A 40 2.67 -10.50 4.58
N ASP A 41 2.22 -11.27 5.56
CA ASP A 41 0.83 -11.23 6.00
C ASP A 41 0.32 -9.80 6.02
N TRP A 42 1.11 -8.89 6.58
CA TRP A 42 0.74 -7.49 6.67
C TRP A 42 1.86 -6.59 6.15
N TRP A 43 1.57 -5.84 5.10
CA TRP A 43 2.56 -4.93 4.51
C TRP A 43 2.28 -3.49 4.91
N LYS A 44 3.34 -2.71 5.04
CA LYS A 44 3.22 -1.30 5.42
C LYS A 44 3.47 -0.40 4.22
N GLY A 45 2.68 0.68 4.11
CA GLY A 45 2.83 1.60 3.02
C GLY A 45 2.56 3.03 3.43
N LYS A 46 2.37 3.90 2.45
CA LYS A 46 2.09 5.32 2.71
C LYS A 46 1.06 5.87 1.74
N ILE A 47 0.00 6.46 2.26
CA ILE A 47 -1.05 7.03 1.44
C ILE A 47 -1.00 8.55 1.45
N GLN A 48 -1.66 9.17 0.47
CA GLN A 48 -1.69 10.62 0.39
C GLN A 48 -1.68 11.27 1.77
N ASP A 49 -2.81 11.20 2.46
CA ASP A 49 -2.92 11.78 3.80
C ASP A 49 -3.16 10.68 4.83
N ARG A 50 -2.94 9.43 4.44
CA ARG A 50 -3.14 8.30 5.33
C ARG A 50 -1.88 7.45 5.43
N ILE A 51 -1.69 6.82 6.58
CA ILE A 51 -0.50 5.98 6.81
C ILE A 51 -0.78 4.93 7.88
N GLY A 52 -0.22 3.74 7.69
CA GLY A 52 -0.41 2.67 8.66
C GLY A 52 -0.13 1.30 8.07
N PHE A 53 -0.63 0.27 8.73
CA PHE A 53 -0.44 -1.10 8.26
C PHE A 53 -1.67 -1.62 7.53
N PHE A 54 -1.51 -2.73 6.81
CA PHE A 54 -2.60 -3.32 6.06
C PHE A 54 -2.20 -4.68 5.49
N PRO A 55 -3.20 -5.55 5.28
CA PRO A 55 -2.98 -6.89 4.75
C PRO A 55 -2.57 -6.87 3.28
N ALA A 56 -1.75 -7.83 2.89
CA ALA A 56 -1.27 -7.93 1.50
C ALA A 56 -2.38 -8.44 0.59
N ASN A 57 -3.19 -9.36 1.10
CA ASN A 57 -4.28 -9.95 0.33
C ASN A 57 -5.24 -8.85 -0.16
N PHE A 58 -5.28 -7.74 0.57
CA PHE A 58 -6.16 -6.63 0.22
C PHE A 58 -5.59 -5.86 -0.99
N VAL A 59 -4.27 -5.75 -1.05
CA VAL A 59 -3.62 -5.04 -2.14
C VAL A 59 -3.03 -6.02 -3.16
N GLN A 60 -2.71 -5.51 -4.34
CA GLN A 60 -2.14 -6.34 -5.39
C GLN A 60 -0.94 -5.67 -6.03
N ARG A 61 0.13 -6.44 -6.23
CA ARG A 61 1.35 -5.90 -6.83
C ARG A 61 1.08 -5.36 -8.22
N LEU A 62 1.57 -4.15 -8.49
CA LEU A 62 1.39 -3.52 -9.79
C LEU A 62 2.71 -3.36 -10.51
N SER A 63 2.67 -3.35 -11.84
CA SER A 63 3.87 -3.20 -12.65
C SER A 63 4.36 -1.76 -12.65
N GLY A 64 5.63 -1.57 -12.95
CA GLY A 64 6.21 -0.24 -12.98
C GLY A 64 6.63 0.18 -14.38
N PRO A 65 7.06 1.45 -14.51
CA PRO A 65 7.49 2.00 -15.79
C PRO A 65 8.81 1.41 -16.26
N SER A 66 9.54 0.80 -15.33
CA SER A 66 10.84 0.19 -15.66
C SER A 66 11.11 -1.00 -14.74
N SER A 67 12.18 -1.73 -15.04
CA SER A 67 12.56 -2.90 -14.24
C SER A 67 13.85 -2.64 -13.47
N GLY A 68 14.93 -2.38 -14.21
CA GLY A 68 16.21 -2.12 -13.57
C GLY A 68 17.37 -2.47 -14.48
N GLY A 1 11.80 20.13 -8.81
CA GLY A 1 11.49 20.40 -7.41
C GLY A 1 11.21 19.15 -6.62
N SER A 2 10.20 18.38 -7.05
CA SER A 2 9.83 17.16 -6.37
C SER A 2 10.26 15.93 -7.17
N SER A 3 11.26 15.22 -6.68
CA SER A 3 11.77 14.04 -7.35
C SER A 3 11.00 12.80 -6.94
N GLY A 4 11.01 12.51 -5.63
CA GLY A 4 10.31 11.35 -5.12
C GLY A 4 11.21 10.14 -4.96
N SER A 5 10.66 8.95 -5.15
CA SER A 5 11.42 7.72 -5.01
C SER A 5 10.84 6.62 -5.90
N SER A 6 11.72 5.79 -6.46
CA SER A 6 11.30 4.70 -7.33
C SER A 6 11.32 3.38 -6.58
N GLY A 7 10.16 2.96 -6.09
CA GLY A 7 10.07 1.71 -5.35
C GLY A 7 8.97 0.81 -5.89
N ASN A 8 8.30 0.10 -4.98
CA ASN A 8 7.22 -0.81 -5.37
C ASN A 8 5.86 -0.19 -5.07
N THR A 9 4.98 -0.19 -6.07
CA THR A 9 3.64 0.37 -5.92
C THR A 9 2.61 -0.74 -5.80
N TYR A 10 1.62 -0.52 -4.93
CA TYR A 10 0.55 -1.50 -4.73
C TYR A 10 -0.81 -0.83 -4.73
N VAL A 11 -1.76 -1.39 -5.47
CA VAL A 11 -3.11 -0.85 -5.54
C VAL A 11 -4.05 -1.59 -4.61
N ALA A 12 -4.98 -0.85 -4.01
CA ALA A 12 -5.95 -1.44 -3.09
C ALA A 12 -7.12 -2.06 -3.85
N LEU A 13 -7.38 -3.33 -3.59
CA LEU A 13 -8.48 -4.04 -4.25
C LEU A 13 -9.81 -3.70 -3.61
N TYR A 14 -9.86 -3.74 -2.28
CA TYR A 14 -11.08 -3.43 -1.55
C TYR A 14 -10.82 -2.38 -0.48
N LYS A 15 -11.89 -1.81 0.07
CA LYS A 15 -11.78 -0.80 1.10
C LYS A 15 -11.46 -1.43 2.46
N PHE A 16 -10.43 -0.90 3.12
CA PHE A 16 -10.03 -1.42 4.42
C PHE A 16 -10.55 -0.53 5.54
N VAL A 17 -10.90 -1.16 6.67
CA VAL A 17 -11.41 -0.42 7.82
C VAL A 17 -10.54 -0.65 9.05
N PRO A 18 -9.60 0.28 9.30
CA PRO A 18 -8.69 0.21 10.43
C PRO A 18 -9.41 0.44 11.77
N GLN A 19 -9.41 -0.59 12.62
CA GLN A 19 -10.06 -0.49 13.91
C GLN A 19 -9.32 0.47 14.83
N GLU A 20 -8.00 0.50 14.70
CA GLU A 20 -7.17 1.39 15.52
C GLU A 20 -6.18 2.15 14.65
N ASN A 21 -5.66 3.25 15.17
CA ASN A 21 -4.69 4.07 14.45
C ASN A 21 -3.65 3.20 13.77
N GLU A 22 -3.06 2.28 14.52
CA GLU A 22 -2.04 1.38 13.99
C GLU A 22 -2.39 0.95 12.57
N ASP A 23 -3.65 0.55 12.37
CA ASP A 23 -4.11 0.12 11.06
C ASP A 23 -4.17 1.28 10.08
N LEU A 24 -4.24 0.98 8.80
CA LEU A 24 -4.30 2.00 7.76
C LEU A 24 -5.57 1.86 6.92
N GLU A 25 -6.14 3.00 6.54
CA GLU A 25 -7.36 3.00 5.74
C GLU A 25 -7.03 3.16 4.26
N MET A 26 -7.60 2.29 3.43
CA MET A 26 -7.38 2.33 1.99
C MET A 26 -8.67 2.08 1.23
N ARG A 27 -8.75 2.61 0.01
CA ARG A 27 -9.93 2.44 -0.81
C ARG A 27 -9.59 1.70 -2.11
N PRO A 28 -10.60 1.03 -2.69
CA PRO A 28 -10.42 0.27 -3.92
C PRO A 28 -10.20 1.17 -5.14
N GLY A 29 -8.94 1.39 -5.48
CA GLY A 29 -8.61 2.23 -6.61
C GLY A 29 -7.52 3.23 -6.30
N ASP A 30 -7.05 3.21 -5.06
CA ASP A 30 -6.00 4.13 -4.62
C ASP A 30 -4.62 3.50 -4.79
N ILE A 31 -3.58 4.32 -4.74
CA ILE A 31 -2.22 3.83 -4.89
C ILE A 31 -1.46 3.93 -3.57
N ILE A 32 -0.97 2.80 -3.07
CA ILE A 32 -0.22 2.76 -1.83
C ILE A 32 1.27 2.55 -2.09
N THR A 33 2.10 3.22 -1.29
CA THR A 33 3.55 3.12 -1.42
C THR A 33 4.13 2.13 -0.41
N LEU A 34 4.57 0.98 -0.91
CA LEU A 34 5.14 -0.04 -0.04
C LEU A 34 6.34 0.50 0.74
N LEU A 35 6.12 0.81 2.01
CA LEU A 35 7.18 1.34 2.86
C LEU A 35 8.04 0.21 3.44
N GLU A 36 7.40 -0.69 4.19
CA GLU A 36 8.11 -1.81 4.79
C GLU A 36 7.48 -3.14 4.35
N ASP A 37 8.29 -3.97 3.70
CA ASP A 37 7.81 -5.27 3.23
C ASP A 37 8.57 -6.40 3.91
N SER A 38 8.89 -6.21 5.19
CA SER A 38 9.62 -7.20 5.96
C SER A 38 8.72 -8.40 6.28
N ASN A 39 7.46 -8.12 6.57
CA ASN A 39 6.50 -9.17 6.89
C ASN A 39 5.95 -9.82 5.62
N GLU A 40 4.99 -10.71 5.79
CA GLU A 40 4.37 -11.40 4.67
C GLU A 40 2.85 -11.32 4.74
N ASP A 41 2.31 -11.46 5.94
CA ASP A 41 0.87 -11.40 6.15
C ASP A 41 0.35 -9.97 5.95
N TRP A 42 1.00 -9.01 6.61
CA TRP A 42 0.61 -7.62 6.52
C TRP A 42 1.81 -6.74 6.16
N TRP A 43 1.61 -5.85 5.19
CA TRP A 43 2.67 -4.95 4.75
C TRP A 43 2.33 -3.50 5.08
N LYS A 44 3.36 -2.68 5.23
CA LYS A 44 3.17 -1.27 5.54
C LYS A 44 3.21 -0.42 4.27
N GLY A 45 2.43 0.65 4.26
CA GLY A 45 2.39 1.54 3.11
C GLY A 45 2.11 2.97 3.49
N LYS A 46 2.18 3.87 2.51
CA LYS A 46 1.93 5.29 2.73
C LYS A 46 0.92 5.84 1.73
N ILE A 47 -0.02 6.63 2.22
CA ILE A 47 -1.04 7.22 1.36
C ILE A 47 -1.17 8.72 1.62
N GLN A 48 -1.82 9.42 0.70
CA GLN A 48 -2.02 10.86 0.83
C GLN A 48 -2.09 11.27 2.29
N ASP A 49 -3.22 10.96 2.93
CA ASP A 49 -3.42 11.29 4.33
C ASP A 49 -3.71 10.04 5.16
N ARG A 50 -3.42 8.88 4.58
CA ARG A 50 -3.66 7.61 5.25
C ARG A 50 -2.38 6.78 5.33
N ILE A 51 -1.88 6.57 6.54
CA ILE A 51 -0.66 5.79 6.74
C ILE A 51 -0.84 4.77 7.87
N GLY A 52 -0.22 3.60 7.68
CA GLY A 52 -0.32 2.57 8.69
C GLY A 52 -0.11 1.18 8.11
N PHE A 53 -0.55 0.16 8.84
CA PHE A 53 -0.39 -1.22 8.39
C PHE A 53 -1.62 -1.68 7.61
N PHE A 54 -1.43 -2.68 6.77
CA PHE A 54 -2.53 -3.22 5.95
C PHE A 54 -2.19 -4.60 5.42
N PRO A 55 -3.22 -5.43 5.22
CA PRO A 55 -3.05 -6.80 4.70
C PRO A 55 -2.62 -6.81 3.24
N ALA A 56 -1.86 -7.84 2.86
CA ALA A 56 -1.40 -7.98 1.48
C ALA A 56 -2.50 -8.52 0.59
N ASN A 57 -3.33 -9.40 1.13
CA ASN A 57 -4.42 -10.00 0.38
C ASN A 57 -5.38 -8.93 -0.12
N PHE A 58 -5.36 -7.77 0.53
CA PHE A 58 -6.24 -6.67 0.15
C PHE A 58 -5.69 -5.93 -1.07
N VAL A 59 -4.37 -5.85 -1.16
CA VAL A 59 -3.72 -5.17 -2.26
C VAL A 59 -3.10 -6.17 -3.23
N GLN A 60 -2.68 -5.68 -4.40
CA GLN A 60 -2.08 -6.54 -5.41
C GLN A 60 -0.86 -5.87 -6.03
N ARG A 61 0.26 -6.60 -6.08
CA ARG A 61 1.49 -6.08 -6.64
C ARG A 61 1.27 -5.58 -8.07
N LEU A 62 1.85 -4.41 -8.37
CA LEU A 62 1.71 -3.82 -9.69
C LEU A 62 3.00 -3.98 -10.50
N SER A 63 3.12 -5.12 -11.19
CA SER A 63 4.31 -5.39 -12.00
C SER A 63 4.21 -4.70 -13.35
N GLY A 64 4.98 -3.62 -13.52
CA GLY A 64 4.97 -2.89 -14.77
C GLY A 64 3.76 -2.00 -14.90
N PRO A 65 3.70 -1.23 -16.02
CA PRO A 65 2.59 -0.32 -16.29
C PRO A 65 1.29 -1.06 -16.60
N SER A 66 1.36 -2.38 -16.61
CA SER A 66 0.19 -3.20 -16.90
C SER A 66 -0.27 -3.98 -15.66
N SER A 67 -1.56 -4.27 -15.60
CA SER A 67 -2.11 -5.00 -14.47
C SER A 67 -1.64 -6.45 -14.46
N GLY A 68 -0.94 -6.84 -13.40
CA GLY A 68 -0.43 -8.19 -13.29
C GLY A 68 -1.39 -9.21 -13.87
N GLY A 1 12.56 16.15 -13.82
CA GLY A 1 11.89 15.87 -15.08
C GLY A 1 10.77 14.86 -14.93
N SER A 2 11.14 13.58 -14.83
CA SER A 2 10.16 12.51 -14.70
C SER A 2 9.35 12.67 -13.41
N SER A 3 8.14 12.13 -13.40
CA SER A 3 7.27 12.22 -12.24
C SER A 3 6.66 10.86 -11.92
N GLY A 4 6.91 10.38 -10.70
CA GLY A 4 6.37 9.09 -10.29
C GLY A 4 6.94 8.63 -8.96
N SER A 5 7.34 7.37 -8.90
CA SER A 5 7.90 6.80 -7.68
C SER A 5 8.89 5.69 -8.00
N SER A 6 10.06 5.75 -7.38
CA SER A 6 11.10 4.75 -7.60
C SER A 6 11.00 3.61 -6.59
N GLY A 7 9.76 3.18 -6.33
CA GLY A 7 9.54 2.10 -5.37
C GLY A 7 8.36 1.24 -5.76
N ASN A 8 8.32 0.02 -5.23
CA ASN A 8 7.24 -0.92 -5.51
C ASN A 8 5.89 -0.30 -5.17
N THR A 9 4.99 -0.28 -6.14
CA THR A 9 3.66 0.28 -5.94
C THR A 9 2.61 -0.82 -5.83
N TYR A 10 1.57 -0.55 -5.05
CA TYR A 10 0.49 -1.52 -4.86
C TYR A 10 -0.87 -0.83 -4.85
N VAL A 11 -1.81 -1.39 -5.61
CA VAL A 11 -3.16 -0.83 -5.68
C VAL A 11 -4.10 -1.54 -4.71
N ALA A 12 -5.02 -0.77 -4.13
CA ALA A 12 -5.98 -1.33 -3.18
C ALA A 12 -7.16 -1.97 -3.91
N LEU A 13 -7.41 -3.24 -3.62
CA LEU A 13 -8.51 -3.97 -4.24
C LEU A 13 -9.84 -3.64 -3.57
N TYR A 14 -9.82 -3.61 -2.24
CA TYR A 14 -11.02 -3.30 -1.47
C TYR A 14 -10.73 -2.28 -0.38
N LYS A 15 -11.78 -1.66 0.14
CA LYS A 15 -11.64 -0.66 1.20
C LYS A 15 -11.33 -1.33 2.53
N PHE A 16 -10.36 -0.77 3.26
CA PHE A 16 -9.96 -1.30 4.55
C PHE A 16 -10.43 -0.40 5.69
N VAL A 17 -11.00 -1.00 6.73
CA VAL A 17 -11.49 -0.25 7.87
C VAL A 17 -10.62 -0.48 9.10
N PRO A 18 -9.62 0.39 9.30
CA PRO A 18 -8.69 0.30 10.43
C PRO A 18 -9.37 0.62 11.75
N GLN A 19 -9.50 -0.39 12.60
CA GLN A 19 -10.14 -0.20 13.91
C GLN A 19 -9.30 0.72 14.80
N GLU A 20 -7.99 0.58 14.71
CA GLU A 20 -7.07 1.42 15.49
C GLU A 20 -6.04 2.09 14.61
N ASN A 21 -5.48 3.19 15.09
CA ASN A 21 -4.47 3.93 14.33
C ASN A 21 -3.49 2.98 13.66
N GLU A 22 -3.00 2.00 14.42
CA GLU A 22 -2.05 1.02 13.89
C GLU A 22 -2.41 0.66 12.45
N ASP A 23 -3.66 0.31 12.22
CA ASP A 23 -4.13 -0.06 10.89
C ASP A 23 -4.16 1.14 9.96
N LEU A 24 -4.23 0.90 8.66
CA LEU A 24 -4.27 1.96 7.67
C LEU A 24 -5.54 1.88 6.82
N GLU A 25 -6.16 3.03 6.59
CA GLU A 25 -7.38 3.07 5.79
C GLU A 25 -7.05 3.26 4.31
N MET A 26 -7.64 2.40 3.48
CA MET A 26 -7.41 2.46 2.04
C MET A 26 -8.71 2.22 1.27
N ARG A 27 -8.74 2.68 0.02
CA ARG A 27 -9.92 2.53 -0.82
C ARG A 27 -9.59 1.77 -2.09
N PRO A 28 -10.59 1.08 -2.65
CA PRO A 28 -10.43 0.30 -3.88
C PRO A 28 -10.22 1.19 -5.11
N GLY A 29 -8.96 1.51 -5.39
CA GLY A 29 -8.65 2.35 -6.53
C GLY A 29 -7.54 3.33 -6.24
N ASP A 30 -7.08 3.36 -4.99
CA ASP A 30 -6.01 4.26 -4.60
C ASP A 30 -4.64 3.61 -4.82
N ILE A 31 -3.59 4.41 -4.71
CA ILE A 31 -2.23 3.92 -4.89
C ILE A 31 -1.44 3.96 -3.58
N ILE A 32 -1.07 2.79 -3.08
CA ILE A 32 -0.32 2.70 -1.84
C ILE A 32 1.17 2.49 -2.12
N THR A 33 2.02 3.10 -1.28
CA THR A 33 3.46 2.98 -1.43
C THR A 33 4.04 2.02 -0.41
N LEU A 34 4.51 0.87 -0.89
CA LEU A 34 5.09 -0.14 -0.02
C LEU A 34 6.38 0.38 0.63
N LEU A 35 6.30 0.68 1.93
CA LEU A 35 7.46 1.18 2.65
C LEU A 35 8.21 0.04 3.33
N GLU A 36 7.51 -0.69 4.20
CA GLU A 36 8.12 -1.81 4.91
C GLU A 36 7.55 -3.14 4.42
N ASP A 37 8.43 -4.03 3.99
CA ASP A 37 8.01 -5.34 3.49
C ASP A 37 8.73 -6.46 4.24
N SER A 38 9.05 -6.20 5.51
CA SER A 38 9.73 -7.19 6.34
C SER A 38 8.85 -8.40 6.60
N ASN A 39 7.56 -8.14 6.84
CA ASN A 39 6.61 -9.22 7.10
C ASN A 39 6.12 -9.85 5.80
N GLU A 40 5.25 -10.84 5.91
CA GLU A 40 4.72 -11.53 4.75
C GLU A 40 3.20 -11.38 4.68
N ASP A 41 2.53 -11.67 5.78
CA ASP A 41 1.07 -11.56 5.84
C ASP A 41 0.62 -10.14 5.51
N TRP A 42 0.89 -9.22 6.42
CA TRP A 42 0.51 -7.82 6.23
C TRP A 42 1.74 -6.95 5.97
N TRP A 43 1.56 -5.93 5.13
CA TRP A 43 2.66 -5.02 4.81
C TRP A 43 2.29 -3.57 5.13
N LYS A 44 3.31 -2.74 5.29
CA LYS A 44 3.10 -1.33 5.61
C LYS A 44 3.21 -0.47 4.36
N GLY A 45 2.56 0.69 4.38
CA GLY A 45 2.61 1.59 3.24
C GLY A 45 2.19 3.00 3.60
N LYS A 46 2.07 3.86 2.59
CA LYS A 46 1.67 5.25 2.79
C LYS A 46 0.55 5.64 1.84
N ILE A 47 -0.24 6.62 2.25
CA ILE A 47 -1.35 7.09 1.43
C ILE A 47 -1.48 8.60 1.50
N GLN A 48 -2.23 9.18 0.55
CA GLN A 48 -2.44 10.62 0.52
C GLN A 48 -2.36 11.22 1.91
N ASP A 49 -3.40 11.02 2.70
CA ASP A 49 -3.44 11.54 4.07
C ASP A 49 -3.67 10.42 5.08
N ARG A 50 -3.40 9.19 4.65
CA ARG A 50 -3.58 8.03 5.52
C ARG A 50 -2.29 7.23 5.62
N ILE A 51 -1.99 6.73 6.82
CA ILE A 51 -0.78 5.95 7.05
C ILE A 51 -1.01 4.91 8.12
N GLY A 52 -0.40 3.74 7.94
CA GLY A 52 -0.55 2.66 8.91
C GLY A 52 -0.22 1.30 8.33
N PHE A 53 -0.85 0.26 8.87
CA PHE A 53 -0.61 -1.10 8.39
C PHE A 53 -1.81 -1.61 7.61
N PHE A 54 -1.59 -2.65 6.81
CA PHE A 54 -2.65 -3.24 6.01
C PHE A 54 -2.23 -4.60 5.45
N PRO A 55 -3.21 -5.48 5.22
CA PRO A 55 -2.97 -6.82 4.68
C PRO A 55 -2.51 -6.79 3.23
N ALA A 56 -1.77 -7.83 2.82
CA ALA A 56 -1.28 -7.93 1.46
C ALA A 56 -2.34 -8.48 0.53
N ASN A 57 -3.13 -9.41 1.04
CA ASN A 57 -4.19 -10.04 0.25
C ASN A 57 -5.17 -8.99 -0.27
N PHE A 58 -5.29 -7.88 0.46
CA PHE A 58 -6.19 -6.80 0.07
C PHE A 58 -5.65 -6.06 -1.15
N VAL A 59 -4.34 -5.90 -1.21
CA VAL A 59 -3.70 -5.21 -2.33
C VAL A 59 -3.08 -6.20 -3.30
N GLN A 60 -2.78 -5.73 -4.51
CA GLN A 60 -2.18 -6.58 -5.53
C GLN A 60 -0.92 -5.95 -6.08
N ARG A 61 0.17 -6.72 -6.08
CA ARG A 61 1.46 -6.23 -6.59
C ARG A 61 1.32 -5.70 -8.01
N LEU A 62 1.86 -4.51 -8.25
CA LEU A 62 1.81 -3.90 -9.57
C LEU A 62 3.21 -3.64 -10.12
N SER A 63 3.73 -4.60 -10.89
CA SER A 63 5.05 -4.47 -11.48
C SER A 63 4.97 -4.01 -12.93
N GLY A 64 5.10 -2.70 -13.14
CA GLY A 64 5.03 -2.16 -14.48
C GLY A 64 6.39 -1.73 -15.01
N PRO A 65 6.57 -1.82 -16.33
CA PRO A 65 7.84 -1.45 -16.98
C PRO A 65 8.08 0.06 -16.94
N SER A 66 9.25 0.45 -16.45
CA SER A 66 9.60 1.86 -16.37
C SER A 66 9.82 2.46 -17.75
N SER A 67 8.77 3.07 -18.29
CA SER A 67 8.83 3.67 -19.61
C SER A 67 8.22 5.08 -19.60
N GLY A 68 9.02 6.07 -19.98
CA GLY A 68 8.55 7.44 -20.00
C GLY A 68 8.93 8.16 -21.28
N GLY A 1 11.29 19.83 -14.27
CA GLY A 1 10.45 18.67 -14.43
C GLY A 1 10.42 17.80 -13.20
N SER A 2 9.44 16.90 -13.13
CA SER A 2 9.31 16.00 -11.98
C SER A 2 9.50 14.55 -12.40
N SER A 3 9.77 13.69 -11.43
CA SER A 3 9.99 12.27 -11.70
C SER A 3 9.83 11.46 -10.42
N GLY A 4 9.07 10.37 -10.51
CA GLY A 4 8.85 9.51 -9.37
C GLY A 4 8.99 8.04 -9.69
N SER A 5 7.86 7.39 -9.95
CA SER A 5 7.86 5.97 -10.28
C SER A 5 8.96 5.23 -9.52
N SER A 6 9.11 5.57 -8.25
CA SER A 6 10.13 4.95 -7.41
C SER A 6 9.50 4.11 -6.31
N GLY A 7 10.12 2.99 -5.99
CA GLY A 7 9.60 2.11 -4.96
C GLY A 7 8.40 1.32 -5.42
N ASN A 8 8.33 0.06 -5.02
CA ASN A 8 7.22 -0.81 -5.40
C ASN A 8 5.89 -0.21 -4.96
N THR A 9 4.97 -0.08 -5.92
CA THR A 9 3.64 0.49 -5.63
C THR A 9 2.58 -0.60 -5.62
N TYR A 10 1.59 -0.44 -4.75
CA TYR A 10 0.51 -1.40 -4.63
C TYR A 10 -0.85 -0.70 -4.58
N VAL A 11 -1.84 -1.27 -5.26
CA VAL A 11 -3.18 -0.70 -5.28
C VAL A 11 -4.13 -1.50 -4.38
N ALA A 12 -5.01 -0.78 -3.69
CA ALA A 12 -5.97 -1.40 -2.80
C ALA A 12 -7.10 -2.06 -3.58
N LEU A 13 -7.24 -3.37 -3.45
CA LEU A 13 -8.28 -4.11 -4.14
C LEU A 13 -9.65 -3.86 -3.51
N TYR A 14 -9.68 -3.83 -2.18
CA TYR A 14 -10.91 -3.59 -1.45
C TYR A 14 -10.71 -2.55 -0.36
N LYS A 15 -11.83 -2.02 0.15
CA LYS A 15 -11.78 -1.01 1.21
C LYS A 15 -11.43 -1.65 2.55
N PHE A 16 -10.52 -1.01 3.27
CA PHE A 16 -10.10 -1.51 4.58
C PHE A 16 -10.60 -0.61 5.70
N VAL A 17 -11.07 -1.22 6.77
CA VAL A 17 -11.59 -0.47 7.91
C VAL A 17 -10.72 -0.67 9.15
N PRO A 18 -9.76 0.24 9.36
CA PRO A 18 -8.85 0.18 10.50
C PRO A 18 -9.55 0.47 11.82
N GLN A 19 -9.76 -0.58 12.62
CA GLN A 19 -10.41 -0.44 13.91
C GLN A 19 -9.59 0.43 14.85
N GLU A 20 -8.27 0.29 14.76
CA GLU A 20 -7.36 1.07 15.62
C GLU A 20 -6.42 1.92 14.77
N ASN A 21 -6.00 3.05 15.31
CA ASN A 21 -5.10 3.95 14.61
C ASN A 21 -4.00 3.17 13.89
N GLU A 22 -3.38 2.24 14.61
CA GLU A 22 -2.31 1.43 14.04
C GLU A 22 -2.65 1.02 12.61
N ASP A 23 -3.87 0.52 12.42
CA ASP A 23 -4.32 0.08 11.10
C ASP A 23 -4.42 1.27 10.15
N LEU A 24 -4.49 0.98 8.85
CA LEU A 24 -4.60 2.02 7.84
C LEU A 24 -5.91 1.90 7.06
N GLU A 25 -6.46 3.05 6.66
CA GLU A 25 -7.71 3.07 5.92
C GLU A 25 -7.45 3.25 4.42
N MET A 26 -7.75 2.21 3.65
CA MET A 26 -7.56 2.26 2.21
C MET A 26 -8.85 1.95 1.47
N ARG A 27 -8.94 2.41 0.22
CA ARG A 27 -10.13 2.19 -0.59
C ARG A 27 -9.77 1.57 -1.93
N PRO A 28 -10.77 0.96 -2.59
CA PRO A 28 -10.58 0.32 -3.89
C PRO A 28 -10.31 1.33 -5.01
N GLY A 29 -9.08 1.38 -5.49
CA GLY A 29 -8.73 2.30 -6.55
C GLY A 29 -7.65 3.28 -6.13
N ASP A 30 -7.36 3.31 -4.84
CA ASP A 30 -6.33 4.21 -4.31
C ASP A 30 -4.94 3.61 -4.48
N ILE A 31 -3.93 4.48 -4.48
CA ILE A 31 -2.54 4.03 -4.63
C ILE A 31 -1.83 4.00 -3.28
N ILE A 32 -1.00 2.99 -3.09
CA ILE A 32 -0.24 2.84 -1.85
C ILE A 32 1.23 2.56 -2.13
N THR A 33 2.11 3.28 -1.42
CA THR A 33 3.54 3.11 -1.58
C THR A 33 4.11 2.15 -0.55
N LEU A 34 4.43 0.93 -0.98
CA LEU A 34 4.98 -0.08 -0.09
C LEU A 34 6.38 0.30 0.37
N LEU A 35 6.53 0.54 1.67
CA LEU A 35 7.82 0.92 2.24
C LEU A 35 8.51 -0.29 2.87
N GLU A 36 7.79 -0.99 3.73
CA GLU A 36 8.33 -2.17 4.40
C GLU A 36 7.63 -3.44 3.91
N ASP A 37 8.43 -4.46 3.61
CA ASP A 37 7.89 -5.73 3.14
C ASP A 37 8.54 -6.90 3.88
N SER A 38 8.92 -6.66 5.12
CA SER A 38 9.55 -7.70 5.94
C SER A 38 8.58 -8.82 6.25
N ASN A 39 7.34 -8.46 6.58
CA ASN A 39 6.31 -9.43 6.89
C ASN A 39 5.74 -10.06 5.62
N GLU A 40 4.99 -11.15 5.79
CA GLU A 40 4.39 -11.83 4.66
C GLU A 40 2.87 -11.65 4.65
N ASP A 41 2.29 -11.56 5.83
CA ASP A 41 0.86 -11.38 5.97
C ASP A 41 0.45 -9.93 5.69
N TRP A 42 0.82 -9.04 6.59
CA TRP A 42 0.50 -7.62 6.43
C TRP A 42 1.76 -6.80 6.15
N TRP A 43 1.61 -5.78 5.31
CA TRP A 43 2.74 -4.93 4.97
C TRP A 43 2.48 -3.49 5.40
N LYS A 44 3.44 -2.61 5.11
CA LYS A 44 3.32 -1.20 5.48
C LYS A 44 3.53 -0.31 4.26
N GLY A 45 2.74 0.77 4.17
CA GLY A 45 2.86 1.69 3.06
C GLY A 45 2.57 3.12 3.45
N LYS A 46 2.33 3.97 2.46
CA LYS A 46 2.04 5.37 2.71
C LYS A 46 1.04 5.91 1.68
N ILE A 47 -0.14 6.29 2.14
CA ILE A 47 -1.17 6.82 1.26
C ILE A 47 -1.13 8.34 1.22
N GLN A 48 -1.78 8.93 0.21
CA GLN A 48 -1.82 10.37 0.07
C GLN A 48 -1.82 11.06 1.43
N ASP A 49 -2.96 11.00 2.11
CA ASP A 49 -3.10 11.62 3.42
C ASP A 49 -3.37 10.57 4.49
N ARG A 50 -3.14 9.31 4.14
CA ARG A 50 -3.36 8.20 5.07
C ARG A 50 -2.09 7.36 5.23
N ILE A 51 -1.91 6.82 6.43
CA ILE A 51 -0.74 5.99 6.72
C ILE A 51 -1.04 4.95 7.78
N GLY A 52 -0.36 3.82 7.72
CA GLY A 52 -0.57 2.76 8.69
C GLY A 52 -0.33 1.38 8.11
N PHE A 53 -0.63 0.34 8.89
CA PHE A 53 -0.43 -1.02 8.45
C PHE A 53 -1.64 -1.53 7.66
N PHE A 54 -1.43 -2.56 6.85
CA PHE A 54 -2.50 -3.13 6.04
C PHE A 54 -2.10 -4.48 5.48
N PRO A 55 -3.09 -5.35 5.26
CA PRO A 55 -2.86 -6.70 4.72
C PRO A 55 -2.42 -6.68 3.26
N ALA A 56 -1.65 -7.69 2.87
CA ALA A 56 -1.16 -7.77 1.50
C ALA A 56 -2.23 -8.34 0.56
N ASN A 57 -3.04 -9.25 1.09
CA ASN A 57 -4.11 -9.85 0.31
C ASN A 57 -5.09 -8.81 -0.19
N PHE A 58 -5.13 -7.67 0.50
CA PHE A 58 -6.03 -6.58 0.12
C PHE A 58 -5.47 -5.80 -1.07
N VAL A 59 -4.15 -5.63 -1.08
CA VAL A 59 -3.48 -4.90 -2.15
C VAL A 59 -2.81 -5.85 -3.14
N GLN A 60 -2.26 -5.30 -4.21
CA GLN A 60 -1.59 -6.11 -5.22
C GLN A 60 -0.37 -5.38 -5.78
N ARG A 61 0.66 -6.14 -6.12
CA ARG A 61 1.89 -5.57 -6.67
C ARG A 61 1.66 -5.04 -8.08
N LEU A 62 1.98 -3.76 -8.28
CA LEU A 62 1.81 -3.13 -9.59
C LEU A 62 3.15 -3.03 -10.32
N SER A 63 3.21 -3.60 -11.51
CA SER A 63 4.43 -3.58 -12.31
C SER A 63 4.15 -4.00 -13.75
N GLY A 64 5.14 -3.81 -14.61
CA GLY A 64 4.97 -4.17 -16.01
C GLY A 64 6.29 -4.46 -16.69
N PRO A 65 6.33 -4.31 -18.03
CA PRO A 65 7.53 -4.55 -18.83
C PRO A 65 8.61 -3.50 -18.58
N SER A 66 9.73 -3.64 -19.28
CA SER A 66 10.84 -2.71 -19.13
C SER A 66 11.83 -2.86 -20.29
N SER A 67 12.13 -1.76 -20.96
CA SER A 67 13.06 -1.77 -22.08
C SER A 67 14.51 -1.65 -21.59
N GLY A 68 14.79 -0.54 -20.91
CA GLY A 68 16.13 -0.32 -20.39
C GLY A 68 16.14 0.52 -19.13
N GLY A 1 15.37 13.85 -6.65
CA GLY A 1 14.19 13.56 -7.44
C GLY A 1 13.94 12.06 -7.57
N SER A 2 14.61 11.44 -8.54
CA SER A 2 14.45 10.01 -8.77
C SER A 2 15.40 9.21 -7.89
N SER A 3 14.91 8.83 -6.71
CA SER A 3 15.72 8.06 -5.77
C SER A 3 14.83 7.14 -4.92
N GLY A 4 15.47 6.28 -4.14
CA GLY A 4 14.73 5.37 -3.29
C GLY A 4 14.82 3.94 -3.77
N SER A 5 15.82 3.20 -3.27
CA SER A 5 16.02 1.81 -3.66
C SER A 5 14.68 1.07 -3.72
N SER A 6 13.95 1.10 -2.62
CA SER A 6 12.65 0.43 -2.55
C SER A 6 11.51 1.40 -2.82
N GLY A 7 10.89 1.28 -3.99
CA GLY A 7 9.79 2.15 -4.34
C GLY A 7 8.72 1.44 -5.14
N ASN A 8 8.15 0.39 -4.58
CA ASN A 8 7.11 -0.38 -5.24
C ASN A 8 5.73 0.22 -4.96
N THR A 9 4.86 0.18 -5.96
CA THR A 9 3.51 0.71 -5.83
C THR A 9 2.48 -0.41 -5.77
N TYR A 10 1.52 -0.29 -4.86
CA TYR A 10 0.48 -1.30 -4.71
C TYR A 10 -0.90 -0.65 -4.73
N VAL A 11 -1.84 -1.30 -5.41
CA VAL A 11 -3.20 -0.80 -5.53
C VAL A 11 -4.14 -1.57 -4.61
N ALA A 12 -4.89 -0.84 -3.77
CA ALA A 12 -5.83 -1.46 -2.86
C ALA A 12 -7.00 -2.08 -3.60
N LEU A 13 -7.12 -3.41 -3.51
CA LEU A 13 -8.20 -4.12 -4.18
C LEU A 13 -9.55 -3.77 -3.56
N TYR A 14 -9.60 -3.74 -2.24
CA TYR A 14 -10.84 -3.41 -1.53
C TYR A 14 -10.59 -2.37 -0.45
N LYS A 15 -11.66 -1.81 0.09
CA LYS A 15 -11.56 -0.81 1.15
C LYS A 15 -11.24 -1.46 2.49
N PHE A 16 -10.30 -0.86 3.21
CA PHE A 16 -9.91 -1.38 4.52
C PHE A 16 -10.42 -0.49 5.63
N VAL A 17 -10.87 -1.12 6.72
CA VAL A 17 -11.39 -0.37 7.88
C VAL A 17 -10.48 -0.54 9.09
N PRO A 18 -9.55 0.41 9.26
CA PRO A 18 -8.61 0.40 10.37
C PRO A 18 -9.28 0.70 11.70
N GLN A 19 -9.44 -0.33 12.52
CA GLN A 19 -10.07 -0.19 13.83
C GLN A 19 -9.33 0.82 14.68
N GLU A 20 -8.00 0.81 14.59
CA GLU A 20 -7.17 1.73 15.36
C GLU A 20 -6.14 2.42 14.46
N ASN A 21 -5.64 3.56 14.92
CA ASN A 21 -4.65 4.31 14.16
C ASN A 21 -3.61 3.38 13.53
N GLU A 22 -3.09 2.46 14.34
CA GLU A 22 -2.09 1.51 13.85
C GLU A 22 -2.41 1.06 12.43
N ASP A 23 -3.66 0.66 12.22
CA ASP A 23 -4.11 0.19 10.91
C ASP A 23 -4.10 1.34 9.91
N LEU A 24 -4.17 0.99 8.62
CA LEU A 24 -4.17 1.99 7.55
C LEU A 24 -5.43 1.87 6.70
N GLU A 25 -6.08 3.00 6.47
CA GLU A 25 -7.30 3.03 5.67
C GLU A 25 -6.98 3.14 4.18
N MET A 26 -7.65 2.32 3.38
CA MET A 26 -7.44 2.32 1.94
C MET A 26 -8.75 2.11 1.19
N ARG A 27 -8.78 2.53 -0.07
CA ARG A 27 -9.97 2.39 -0.89
C ARG A 27 -9.67 1.65 -2.18
N PRO A 28 -10.70 1.02 -2.77
CA PRO A 28 -10.56 0.26 -4.01
C PRO A 28 -10.31 1.16 -5.21
N GLY A 29 -9.04 1.35 -5.55
CA GLY A 29 -8.68 2.20 -6.67
C GLY A 29 -7.72 3.31 -6.29
N ASP A 30 -7.06 3.15 -5.16
CA ASP A 30 -6.11 4.16 -4.68
C ASP A 30 -4.68 3.68 -4.85
N ILE A 31 -3.73 4.59 -4.69
CA ILE A 31 -2.31 4.27 -4.83
C ILE A 31 -1.61 4.25 -3.48
N ILE A 32 -0.97 3.13 -3.16
CA ILE A 32 -0.26 3.00 -1.90
C ILE A 32 1.23 2.79 -2.13
N THR A 33 2.05 3.39 -1.27
CA THR A 33 3.51 3.26 -1.38
C THR A 33 4.04 2.23 -0.39
N LEU A 34 4.51 1.11 -0.91
CA LEU A 34 5.06 0.05 -0.06
C LEU A 34 6.30 0.53 0.69
N LEU A 35 6.12 0.84 1.97
CA LEU A 35 7.22 1.32 2.80
C LEU A 35 8.04 0.15 3.33
N GLU A 36 7.36 -0.79 3.97
CA GLU A 36 8.03 -1.96 4.53
C GLU A 36 7.41 -3.25 4.01
N ASP A 37 8.25 -4.20 3.64
CA ASP A 37 7.78 -5.48 3.13
C ASP A 37 8.48 -6.64 3.81
N SER A 38 8.93 -6.41 5.04
CA SER A 38 9.63 -7.44 5.81
C SER A 38 8.72 -8.62 6.09
N ASN A 39 7.60 -8.36 6.76
CA ASN A 39 6.65 -9.40 7.10
C ASN A 39 6.20 -10.15 5.85
N GLU A 40 5.24 -11.06 6.03
CA GLU A 40 4.72 -11.84 4.91
C GLU A 40 3.21 -11.72 4.82
N ASP A 41 2.55 -11.78 5.97
CA ASP A 41 1.09 -11.68 6.03
C ASP A 41 0.63 -10.27 5.66
N TRP A 42 0.94 -9.31 6.51
CA TRP A 42 0.55 -7.91 6.28
C TRP A 42 1.78 -7.06 5.98
N TRP A 43 1.57 -5.97 5.24
CA TRP A 43 2.66 -5.07 4.88
C TRP A 43 2.35 -3.65 5.34
N LYS A 44 3.31 -2.75 5.15
CA LYS A 44 3.14 -1.35 5.54
C LYS A 44 3.29 -0.43 4.34
N GLY A 45 2.33 0.48 4.17
CA GLY A 45 2.39 1.41 3.05
C GLY A 45 2.03 2.82 3.46
N LYS A 46 2.01 3.73 2.49
CA LYS A 46 1.68 5.12 2.76
C LYS A 46 0.63 5.64 1.77
N ILE A 47 -0.15 6.61 2.21
CA ILE A 47 -1.19 7.20 1.37
C ILE A 47 -1.29 8.70 1.57
N GLN A 48 -1.96 9.38 0.64
CA GLN A 48 -2.13 10.82 0.71
C GLN A 48 -2.10 11.30 2.16
N ASP A 49 -3.13 10.94 2.92
CA ASP A 49 -3.23 11.33 4.32
C ASP A 49 -3.55 10.13 5.20
N ARG A 50 -3.32 8.94 4.67
CA ARG A 50 -3.58 7.70 5.40
C ARG A 50 -2.33 6.83 5.49
N ILE A 51 -1.89 6.55 6.71
CA ILE A 51 -0.71 5.73 6.92
C ILE A 51 -0.94 4.71 8.04
N GLY A 52 -0.34 3.54 7.90
CA GLY A 52 -0.48 2.50 8.90
C GLY A 52 -0.17 1.12 8.35
N PHE A 53 -0.89 0.11 8.84
CA PHE A 53 -0.68 -1.26 8.41
C PHE A 53 -1.90 -1.78 7.65
N PHE A 54 -1.70 -2.84 6.87
CA PHE A 54 -2.78 -3.44 6.09
C PHE A 54 -2.38 -4.80 5.55
N PRO A 55 -3.37 -5.67 5.32
CA PRO A 55 -3.15 -7.02 4.80
C PRO A 55 -2.67 -7.00 3.35
N ALA A 56 -1.86 -7.99 2.99
CA ALA A 56 -1.34 -8.10 1.63
C ALA A 56 -2.41 -8.63 0.67
N ASN A 57 -3.28 -9.49 1.18
CA ASN A 57 -4.35 -10.07 0.38
C ASN A 57 -5.27 -8.97 -0.16
N PHE A 58 -5.33 -7.85 0.55
CA PHE A 58 -6.16 -6.73 0.15
C PHE A 58 -5.55 -5.98 -1.04
N VAL A 59 -4.22 -5.94 -1.08
CA VAL A 59 -3.51 -5.25 -2.15
C VAL A 59 -2.94 -6.25 -3.16
N GLN A 60 -2.60 -5.76 -4.34
CA GLN A 60 -2.06 -6.61 -5.39
C GLN A 60 -0.88 -5.92 -6.09
N ARG A 61 0.30 -6.47 -5.92
CA ARG A 61 1.51 -5.90 -6.53
C ARG A 61 1.19 -5.35 -7.92
N LEU A 62 1.75 -4.19 -8.23
CA LEU A 62 1.54 -3.56 -9.53
C LEU A 62 2.79 -3.65 -10.40
N SER A 63 2.62 -4.15 -11.62
CA SER A 63 3.74 -4.31 -12.54
C SER A 63 3.50 -3.50 -13.82
N GLY A 64 4.52 -2.77 -14.25
CA GLY A 64 4.39 -1.96 -15.44
C GLY A 64 5.74 -1.53 -16.00
N PRO A 65 5.71 -0.72 -17.06
CA PRO A 65 6.94 -0.21 -17.70
C PRO A 65 7.67 0.79 -16.83
N SER A 66 7.15 1.03 -15.62
CA SER A 66 7.76 1.97 -14.70
C SER A 66 9.28 1.93 -14.80
N SER A 67 9.88 3.07 -15.08
CA SER A 67 11.33 3.16 -15.20
C SER A 67 12.03 2.29 -14.16
N GLY A 68 11.38 2.12 -13.01
CA GLY A 68 11.94 1.30 -11.96
C GLY A 68 10.93 0.96 -10.88
N GLY A 1 8.89 19.73 -0.73
CA GLY A 1 9.06 18.29 -0.73
C GLY A 1 9.67 17.78 -2.02
N SER A 2 10.00 16.49 -2.05
CA SER A 2 10.60 15.88 -3.23
C SER A 2 9.66 15.96 -4.42
N SER A 3 10.22 15.82 -5.62
CA SER A 3 9.43 15.89 -6.85
C SER A 3 9.49 14.57 -7.60
N GLY A 4 8.66 13.62 -7.16
CA GLY A 4 8.62 12.32 -7.81
C GLY A 4 8.86 11.18 -6.83
N SER A 5 8.38 9.99 -7.18
CA SER A 5 8.54 8.83 -6.32
C SER A 5 8.79 7.57 -7.17
N SER A 6 9.47 6.60 -6.57
CA SER A 6 9.79 5.36 -7.25
C SER A 6 9.99 4.22 -6.25
N GLY A 7 9.90 2.99 -6.74
CA GLY A 7 10.08 1.84 -5.88
C GLY A 7 8.98 0.81 -6.04
N ASN A 8 8.54 0.24 -4.93
CA ASN A 8 7.48 -0.77 -4.95
C ASN A 8 6.12 -0.14 -4.67
N THR A 9 5.19 -0.30 -5.62
CA THR A 9 3.85 0.27 -5.48
C THR A 9 2.79 -0.83 -5.47
N TYR A 10 1.65 -0.56 -4.85
CA TYR A 10 0.57 -1.52 -4.77
C TYR A 10 -0.79 -0.82 -4.77
N VAL A 11 -1.78 -1.46 -5.39
CA VAL A 11 -3.12 -0.89 -5.47
C VAL A 11 -4.11 -1.74 -4.67
N ALA A 12 -4.98 -1.07 -3.92
CA ALA A 12 -5.98 -1.75 -3.11
C ALA A 12 -7.05 -2.37 -3.99
N LEU A 13 -7.67 -3.45 -3.50
CA LEU A 13 -8.72 -4.14 -4.24
C LEU A 13 -10.08 -3.93 -3.58
N TYR A 14 -10.07 -3.85 -2.24
CA TYR A 14 -11.30 -3.66 -1.48
C TYR A 14 -11.14 -2.54 -0.46
N LYS A 15 -12.26 -2.08 0.07
CA LYS A 15 -12.25 -1.01 1.06
C LYS A 15 -11.89 -1.55 2.44
N PHE A 16 -10.75 -1.11 2.97
CA PHE A 16 -10.29 -1.55 4.27
C PHE A 16 -10.58 -0.49 5.33
N VAL A 17 -10.87 -0.94 6.55
CA VAL A 17 -11.16 -0.03 7.65
C VAL A 17 -10.31 -0.36 8.87
N PRO A 18 -9.47 0.60 9.28
CA PRO A 18 -8.58 0.46 10.44
C PRO A 18 -9.34 0.43 11.75
N GLN A 19 -9.39 -0.74 12.39
CA GLN A 19 -10.10 -0.89 13.66
C GLN A 19 -9.45 -0.04 14.74
N GLU A 20 -8.12 -0.07 14.80
CA GLU A 20 -7.37 0.69 15.79
C GLU A 20 -6.70 1.90 15.14
N ASN A 21 -5.99 2.68 15.96
CA ASN A 21 -5.29 3.86 15.48
C ASN A 21 -3.89 3.50 14.97
N GLU A 22 -3.77 2.31 14.40
CA GLU A 22 -2.49 1.84 13.88
C GLU A 22 -2.63 1.35 12.44
N ASP A 23 -3.82 0.83 12.11
CA ASP A 23 -4.08 0.33 10.77
C ASP A 23 -4.11 1.46 9.76
N LEU A 24 -4.02 1.11 8.48
CA LEU A 24 -4.03 2.10 7.41
C LEU A 24 -5.33 2.02 6.62
N GLU A 25 -6.03 3.15 6.54
CA GLU A 25 -7.30 3.20 5.80
C GLU A 25 -7.04 3.30 4.30
N MET A 26 -7.66 2.40 3.54
CA MET A 26 -7.51 2.38 2.09
C MET A 26 -8.83 2.06 1.41
N ARG A 27 -8.90 2.35 0.11
CA ARG A 27 -10.12 2.08 -0.66
C ARG A 27 -9.79 1.32 -1.94
N PRO A 28 -10.82 0.69 -2.53
CA PRO A 28 -10.67 -0.09 -3.76
C PRO A 28 -10.38 0.80 -4.97
N GLY A 29 -9.11 1.07 -5.21
CA GLY A 29 -8.73 1.90 -6.34
C GLY A 29 -7.67 2.92 -5.97
N ASP A 30 -7.25 2.91 -4.71
CA ASP A 30 -6.23 3.85 -4.24
C ASP A 30 -4.83 3.27 -4.41
N ILE A 31 -3.84 4.15 -4.43
CA ILE A 31 -2.45 3.71 -4.60
C ILE A 31 -1.69 3.79 -3.27
N ILE A 32 -1.06 2.69 -2.89
CA ILE A 32 -0.30 2.64 -1.65
C ILE A 32 1.19 2.45 -1.93
N THR A 33 2.02 3.23 -1.25
CA THR A 33 3.46 3.15 -1.42
C THR A 33 4.08 2.16 -0.43
N LEU A 34 4.49 1.00 -0.95
CA LEU A 34 5.09 -0.03 -0.11
C LEU A 34 6.38 0.49 0.55
N LEU A 35 6.36 0.54 1.88
CA LEU A 35 7.51 1.01 2.63
C LEU A 35 8.23 -0.15 3.32
N GLU A 36 7.46 -0.97 4.02
CA GLU A 36 8.02 -2.13 4.72
C GLU A 36 7.46 -3.43 4.16
N ASP A 37 8.35 -4.39 3.91
CA ASP A 37 7.94 -5.68 3.37
C ASP A 37 8.58 -6.82 4.16
N SER A 38 8.74 -6.63 5.46
CA SER A 38 9.34 -7.63 6.32
C SER A 38 8.32 -8.73 6.68
N ASN A 39 7.08 -8.32 6.88
CA ASN A 39 6.01 -9.27 7.23
C ASN A 39 5.13 -9.54 6.03
N GLU A 40 5.49 -10.56 5.25
CA GLU A 40 4.72 -10.94 4.07
C GLU A 40 3.22 -10.83 4.34
N ASP A 41 2.82 -11.20 5.55
CA ASP A 41 1.41 -11.15 5.93
C ASP A 41 0.87 -9.72 5.85
N TRP A 42 1.49 -8.82 6.62
CA TRP A 42 1.08 -7.43 6.64
C TRP A 42 2.17 -6.53 6.07
N TRP A 43 1.79 -5.63 5.19
CA TRP A 43 2.74 -4.70 4.58
C TRP A 43 2.42 -3.26 4.95
N LYS A 44 3.46 -2.48 5.25
CA LYS A 44 3.29 -1.09 5.62
C LYS A 44 3.51 -0.17 4.42
N GLY A 45 2.64 0.83 4.28
CA GLY A 45 2.76 1.76 3.17
C GLY A 45 2.37 3.18 3.55
N LYS A 46 2.65 4.12 2.67
CA LYS A 46 2.34 5.53 2.92
C LYS A 46 1.37 6.06 1.87
N ILE A 47 0.17 6.43 2.31
CA ILE A 47 -0.84 6.97 1.40
C ILE A 47 -0.85 8.49 1.42
N GLN A 48 -1.46 9.08 0.41
CA GLN A 48 -1.54 10.53 0.31
C GLN A 48 -1.63 11.17 1.69
N ASP A 49 -2.76 10.97 2.35
CA ASP A 49 -2.98 11.53 3.69
C ASP A 49 -3.28 10.42 4.69
N ARG A 50 -3.00 9.18 4.30
CA ARG A 50 -3.25 8.03 5.17
C ARG A 50 -1.97 7.22 5.38
N ILE A 51 -1.81 6.67 6.58
CA ILE A 51 -0.63 5.87 6.89
C ILE A 51 -0.97 4.79 7.92
N GLY A 52 -0.25 3.68 7.84
CA GLY A 52 -0.48 2.58 8.76
C GLY A 52 -0.27 1.22 8.12
N PHE A 53 -0.60 0.16 8.84
CA PHE A 53 -0.45 -1.20 8.33
C PHE A 53 -1.66 -1.61 7.51
N PHE A 54 -1.48 -2.64 6.68
CA PHE A 54 -2.56 -3.13 5.83
C PHE A 54 -2.25 -4.53 5.30
N PRO A 55 -3.29 -5.34 5.10
CA PRO A 55 -3.14 -6.71 4.60
C PRO A 55 -2.72 -6.75 3.14
N ALA A 56 -1.70 -7.56 2.84
CA ALA A 56 -1.21 -7.69 1.47
C ALA A 56 -2.21 -8.43 0.58
N ASN A 57 -3.22 -9.02 1.21
CA ASN A 57 -4.24 -9.77 0.48
C ASN A 57 -5.34 -8.83 -0.02
N PHE A 58 -5.28 -7.57 0.41
CA PHE A 58 -6.27 -6.58 0.00
C PHE A 58 -5.79 -5.79 -1.21
N VAL A 59 -4.47 -5.73 -1.38
CA VAL A 59 -3.88 -5.01 -2.50
C VAL A 59 -3.34 -5.97 -3.55
N GLN A 60 -2.83 -5.42 -4.65
CA GLN A 60 -2.28 -6.23 -5.73
C GLN A 60 -1.15 -5.50 -6.44
N ARG A 61 0.02 -6.14 -6.50
CA ARG A 61 1.18 -5.55 -7.15
C ARG A 61 0.82 -5.01 -8.53
N LEU A 62 1.38 -3.85 -8.87
CA LEU A 62 1.11 -3.24 -10.17
C LEU A 62 2.20 -3.59 -11.18
N SER A 63 1.80 -4.23 -12.27
CA SER A 63 2.74 -4.63 -13.32
C SER A 63 3.09 -3.45 -14.21
N GLY A 64 4.14 -2.71 -13.84
CA GLY A 64 4.56 -1.57 -14.62
C GLY A 64 5.25 -0.51 -13.79
N PRO A 65 6.23 0.18 -14.39
CA PRO A 65 6.99 1.22 -13.70
C PRO A 65 6.15 2.47 -13.43
N SER A 66 5.49 2.96 -14.47
CA SER A 66 4.66 4.15 -14.35
C SER A 66 3.36 3.83 -13.61
N SER A 67 3.39 3.98 -12.28
CA SER A 67 2.22 3.71 -11.46
C SER A 67 1.66 5.00 -10.87
N GLY A 68 0.34 5.04 -10.69
CA GLY A 68 -0.30 6.22 -10.13
C GLY A 68 -1.72 6.40 -10.64
N GLY A 1 3.46 21.56 -5.06
CA GLY A 1 2.36 20.84 -4.43
C GLY A 1 2.73 19.40 -4.12
N SER A 2 2.93 18.60 -5.16
CA SER A 2 3.29 17.19 -5.00
C SER A 2 4.80 17.00 -5.04
N SER A 3 5.24 15.78 -4.74
CA SER A 3 6.67 15.46 -4.74
C SER A 3 6.95 14.26 -5.64
N GLY A 4 6.25 13.16 -5.39
CA GLY A 4 6.44 11.96 -6.18
C GLY A 4 7.52 11.06 -5.60
N SER A 5 7.57 9.82 -6.07
CA SER A 5 8.55 8.85 -5.60
C SER A 5 8.68 7.69 -6.57
N SER A 6 9.69 6.85 -6.36
CA SER A 6 9.94 5.71 -7.22
C SER A 6 10.19 4.45 -6.39
N GLY A 7 9.54 3.36 -6.77
CA GLY A 7 9.71 2.10 -6.05
C GLY A 7 8.57 1.14 -6.31
N ASN A 8 8.25 0.33 -5.31
CA ASN A 8 7.18 -0.65 -5.44
C ASN A 8 5.82 -0.02 -5.13
N THR A 9 4.90 -0.11 -6.09
CA THR A 9 3.57 0.45 -5.93
C THR A 9 2.52 -0.65 -5.84
N TYR A 10 1.43 -0.35 -5.13
CA TYR A 10 0.35 -1.32 -4.96
C TYR A 10 -1.01 -0.63 -5.00
N VAL A 11 -1.97 -1.26 -5.66
CA VAL A 11 -3.32 -0.71 -5.77
C VAL A 11 -4.28 -1.43 -4.83
N ALA A 12 -4.92 -0.66 -3.95
CA ALA A 12 -5.88 -1.23 -3.00
C ALA A 12 -7.03 -1.93 -3.72
N LEU A 13 -7.08 -3.25 -3.61
CA LEU A 13 -8.13 -4.03 -4.25
C LEU A 13 -9.50 -3.67 -3.69
N TYR A 14 -9.57 -3.51 -2.37
CA TYR A 14 -10.82 -3.17 -1.71
C TYR A 14 -10.57 -2.21 -0.55
N LYS A 15 -11.66 -1.66 -0.01
CA LYS A 15 -11.57 -0.71 1.10
C LYS A 15 -11.26 -1.44 2.41
N PHE A 16 -10.43 -0.82 3.24
CA PHE A 16 -10.05 -1.41 4.52
C PHE A 16 -10.52 -0.53 5.67
N VAL A 17 -10.96 -1.18 6.75
CA VAL A 17 -11.45 -0.46 7.93
C VAL A 17 -10.55 -0.73 9.14
N PRO A 18 -9.62 0.19 9.40
CA PRO A 18 -8.69 0.07 10.53
C PRO A 18 -9.39 0.25 11.88
N GLN A 19 -9.42 -0.82 12.67
CA GLN A 19 -10.05 -0.77 13.99
C GLN A 19 -9.32 0.18 14.92
N GLU A 20 -8.01 0.30 14.72
CA GLU A 20 -7.19 1.18 15.54
C GLU A 20 -6.26 2.03 14.67
N ASN A 21 -5.80 3.16 15.22
CA ASN A 21 -4.91 4.05 14.50
C ASN A 21 -3.81 3.26 13.79
N GLU A 22 -3.14 2.38 14.53
CA GLU A 22 -2.08 1.56 13.96
C GLU A 22 -2.40 1.13 12.54
N ASP A 23 -3.62 0.60 12.36
CA ASP A 23 -4.06 0.15 11.04
C ASP A 23 -4.22 1.33 10.09
N LEU A 24 -4.28 1.03 8.80
CA LEU A 24 -4.44 2.07 7.78
C LEU A 24 -5.71 1.85 6.97
N GLU A 25 -6.40 2.94 6.66
CA GLU A 25 -7.63 2.87 5.88
C GLU A 25 -7.36 3.15 4.40
N MET A 26 -7.77 2.22 3.54
CA MET A 26 -7.57 2.38 2.10
C MET A 26 -8.88 2.15 1.35
N ARG A 27 -8.88 2.49 0.06
CA ARG A 27 -10.07 2.33 -0.77
C ARG A 27 -9.73 1.61 -2.06
N PRO A 28 -10.76 1.04 -2.72
CA PRO A 28 -10.59 0.32 -3.98
C PRO A 28 -10.25 1.26 -5.14
N GLY A 29 -8.97 1.30 -5.51
CA GLY A 29 -8.55 2.15 -6.60
C GLY A 29 -7.52 3.18 -6.17
N ASP A 30 -7.02 3.03 -4.94
CA ASP A 30 -6.04 3.96 -4.41
C ASP A 30 -4.65 3.30 -4.35
N ILE A 31 -3.63 4.08 -4.63
CA ILE A 31 -2.25 3.57 -4.61
C ILE A 31 -1.70 3.56 -3.19
N ILE A 32 -0.83 2.59 -2.90
CA ILE A 32 -0.22 2.46 -1.58
C ILE A 32 1.29 2.31 -1.69
N THR A 33 2.01 3.33 -1.21
CA THR A 33 3.46 3.31 -1.24
C THR A 33 4.03 2.34 -0.21
N LEU A 34 4.50 1.19 -0.68
CA LEU A 34 5.06 0.18 0.20
C LEU A 34 6.27 0.73 0.95
N LEU A 35 6.18 0.73 2.28
CA LEU A 35 7.27 1.23 3.12
C LEU A 35 8.12 0.08 3.64
N GLU A 36 7.50 -0.82 4.40
CA GLU A 36 8.21 -1.96 4.96
C GLU A 36 7.52 -3.27 4.57
N ASP A 37 8.18 -4.06 3.73
CA ASP A 37 7.63 -5.33 3.28
C ASP A 37 8.36 -6.50 3.94
N SER A 38 9.02 -6.22 5.07
CA SER A 38 9.76 -7.25 5.80
C SER A 38 8.84 -8.40 6.20
N ASN A 39 7.55 -8.11 6.29
CA ASN A 39 6.56 -9.11 6.67
C ASN A 39 6.09 -9.90 5.45
N GLU A 40 5.24 -10.89 5.70
CA GLU A 40 4.71 -11.72 4.62
C GLU A 40 3.19 -11.61 4.54
N ASP A 41 2.54 -11.65 5.70
CA ASP A 41 1.08 -11.56 5.77
C ASP A 41 0.62 -10.12 5.54
N TRP A 42 1.05 -9.22 6.43
CA TRP A 42 0.68 -7.82 6.34
C TRP A 42 1.90 -6.95 6.08
N TRP A 43 1.71 -5.88 5.31
CA TRP A 43 2.80 -4.97 4.98
C TRP A 43 2.42 -3.53 5.33
N LYS A 44 3.43 -2.67 5.42
CA LYS A 44 3.21 -1.26 5.72
C LYS A 44 3.33 -0.40 4.48
N GLY A 45 2.46 0.60 4.37
CA GLY A 45 2.49 1.49 3.21
C GLY A 45 2.16 2.92 3.57
N LYS A 46 2.34 3.83 2.62
CA LYS A 46 2.07 5.24 2.84
C LYS A 46 1.11 5.77 1.79
N ILE A 47 -0.04 6.27 2.22
CA ILE A 47 -1.04 6.81 1.30
C ILE A 47 -1.00 8.34 1.29
N GLN A 48 -1.62 8.94 0.28
CA GLN A 48 -1.66 10.39 0.16
C GLN A 48 -1.68 11.05 1.54
N ASP A 49 -2.83 10.98 2.19
CA ASP A 49 -2.99 11.57 3.52
C ASP A 49 -3.31 10.50 4.56
N ARG A 50 -3.11 9.23 4.18
CA ARG A 50 -3.39 8.12 5.08
C ARG A 50 -2.16 7.24 5.25
N ILE A 51 -1.98 6.70 6.45
CA ILE A 51 -0.84 5.84 6.75
C ILE A 51 -1.20 4.80 7.78
N GLY A 52 -0.39 3.73 7.84
CA GLY A 52 -0.64 2.67 8.80
C GLY A 52 -0.44 1.29 8.21
N PHE A 53 -0.80 0.25 8.96
CA PHE A 53 -0.64 -1.12 8.50
C PHE A 53 -1.84 -1.55 7.67
N PHE A 54 -1.67 -2.62 6.90
CA PHE A 54 -2.74 -3.14 6.06
C PHE A 54 -2.40 -4.55 5.56
N PRO A 55 -3.44 -5.36 5.34
CA PRO A 55 -3.28 -6.73 4.85
C PRO A 55 -2.82 -6.79 3.40
N ALA A 56 -1.80 -7.60 3.14
CA ALA A 56 -1.27 -7.74 1.79
C ALA A 56 -2.25 -8.49 0.89
N ASN A 57 -3.32 -9.01 1.49
CA ASN A 57 -4.33 -9.74 0.75
C ASN A 57 -5.39 -8.80 0.17
N PHE A 58 -5.27 -7.52 0.51
CA PHE A 58 -6.21 -6.51 0.03
C PHE A 58 -5.60 -5.69 -1.09
N VAL A 59 -4.35 -5.99 -1.43
CA VAL A 59 -3.65 -5.27 -2.49
C VAL A 59 -3.08 -6.24 -3.52
N GLN A 60 -2.87 -5.75 -4.73
CA GLN A 60 -2.32 -6.56 -5.81
C GLN A 60 -1.08 -5.92 -6.40
N ARG A 61 0.08 -6.53 -6.15
CA ARG A 61 1.34 -6.01 -6.65
C ARG A 61 1.18 -5.49 -8.08
N LEU A 62 1.71 -4.30 -8.34
CA LEU A 62 1.62 -3.69 -9.66
C LEU A 62 2.98 -3.70 -10.35
N SER A 63 3.31 -4.81 -11.00
CA SER A 63 4.58 -4.94 -11.70
C SER A 63 4.47 -4.44 -13.14
N GLY A 64 5.39 -3.56 -13.53
CA GLY A 64 5.36 -3.02 -14.88
C GLY A 64 5.08 -1.53 -14.90
N PRO A 65 5.70 -0.82 -15.86
CA PRO A 65 5.53 0.62 -16.01
C PRO A 65 4.13 1.00 -16.49
N SER A 66 3.40 0.01 -16.99
CA SER A 66 2.05 0.23 -17.50
C SER A 66 1.20 0.95 -16.46
N SER A 67 0.26 1.77 -16.93
CA SER A 67 -0.61 2.53 -16.05
C SER A 67 -1.97 2.78 -16.72
N GLY A 68 -3.01 2.90 -15.90
CA GLY A 68 -4.34 3.15 -16.42
C GLY A 68 -5.43 2.67 -15.48
N GLY A 1 21.22 16.80 -1.94
CA GLY A 1 20.35 15.76 -2.46
C GLY A 1 19.19 15.46 -1.53
N SER A 2 18.28 14.61 -1.98
CA SER A 2 17.11 14.24 -1.17
C SER A 2 16.68 12.81 -1.47
N SER A 3 15.65 12.35 -0.76
CA SER A 3 15.14 11.00 -0.94
C SER A 3 14.45 10.86 -2.29
N GLY A 4 15.17 10.32 -3.26
CA GLY A 4 14.62 10.14 -4.60
C GLY A 4 14.92 8.76 -5.17
N SER A 5 14.12 7.78 -4.79
CA SER A 5 14.32 6.42 -5.27
C SER A 5 12.97 5.73 -5.52
N SER A 6 12.74 5.34 -6.77
CA SER A 6 11.50 4.67 -7.14
C SER A 6 11.28 3.41 -6.30
N GLY A 7 10.03 3.19 -5.91
CA GLY A 7 9.70 2.03 -5.11
C GLY A 7 8.58 1.21 -5.71
N ASN A 8 8.18 0.15 -5.01
CA ASN A 8 7.10 -0.72 -5.47
C ASN A 8 5.74 -0.14 -5.10
N THR A 9 4.88 0.05 -6.09
CA THR A 9 3.56 0.59 -5.87
C THR A 9 2.49 -0.51 -5.91
N TYR A 10 1.51 -0.41 -5.02
CA TYR A 10 0.44 -1.39 -4.95
C TYR A 10 -0.93 -0.72 -5.00
N VAL A 11 -1.90 -1.41 -5.60
CA VAL A 11 -3.25 -0.88 -5.71
C VAL A 11 -4.22 -1.65 -4.84
N ALA A 12 -4.82 -0.97 -3.86
CA ALA A 12 -5.77 -1.61 -2.96
C ALA A 12 -6.96 -2.17 -3.73
N LEU A 13 -7.24 -3.46 -3.50
CA LEU A 13 -8.35 -4.13 -4.17
C LEU A 13 -9.68 -3.79 -3.49
N TYR A 14 -9.67 -3.81 -2.17
CA TYR A 14 -10.88 -3.50 -1.40
C TYR A 14 -10.59 -2.44 -0.33
N LYS A 15 -11.66 -1.86 0.22
CA LYS A 15 -11.53 -0.84 1.25
C LYS A 15 -11.24 -1.47 2.60
N PHE A 16 -10.24 -0.94 3.30
CA PHE A 16 -9.87 -1.44 4.62
C PHE A 16 -10.36 -0.51 5.73
N VAL A 17 -10.87 -1.10 6.80
CA VAL A 17 -11.38 -0.33 7.93
C VAL A 17 -10.49 -0.51 9.16
N PRO A 18 -9.50 0.39 9.31
CA PRO A 18 -8.57 0.34 10.45
C PRO A 18 -9.24 0.72 11.77
N GLN A 19 -9.41 -0.27 12.63
CA GLN A 19 -10.04 -0.06 13.93
C GLN A 19 -9.16 0.80 14.83
N GLU A 20 -7.85 0.60 14.75
CA GLU A 20 -6.90 1.36 15.55
C GLU A 20 -5.84 2.01 14.67
N ASN A 21 -5.34 3.16 15.11
CA ASN A 21 -4.33 3.88 14.36
C ASN A 21 -3.38 2.92 13.66
N GLU A 22 -2.97 1.87 14.36
CA GLU A 22 -2.07 0.87 13.80
C GLU A 22 -2.48 0.50 12.38
N ASP A 23 -3.77 0.22 12.19
CA ASP A 23 -4.28 -0.15 10.88
C ASP A 23 -4.34 1.06 9.95
N LEU A 24 -4.41 0.80 8.66
CA LEU A 24 -4.46 1.87 7.67
C LEU A 24 -5.77 1.83 6.89
N GLU A 25 -6.29 3.00 6.53
CA GLU A 25 -7.52 3.09 5.77
C GLU A 25 -7.25 3.27 4.29
N MET A 26 -7.64 2.29 3.49
CA MET A 26 -7.44 2.33 2.05
C MET A 26 -8.74 2.05 1.31
N ARG A 27 -8.77 2.41 0.03
CA ARG A 27 -9.96 2.20 -0.80
C ARG A 27 -9.60 1.48 -2.10
N PRO A 28 -10.60 0.86 -2.73
CA PRO A 28 -10.41 0.13 -3.99
C PRO A 28 -10.13 1.07 -5.16
N GLY A 29 -8.85 1.26 -5.46
CA GLY A 29 -8.45 2.12 -6.55
C GLY A 29 -7.51 3.23 -6.11
N ASP A 30 -6.81 3.00 -5.01
CA ASP A 30 -5.86 3.98 -4.49
C ASP A 30 -4.42 3.53 -4.71
N ILE A 31 -3.48 4.43 -4.51
CA ILE A 31 -2.06 4.13 -4.69
C ILE A 31 -1.33 4.10 -3.36
N ILE A 32 -0.91 2.90 -2.95
CA ILE A 32 -0.19 2.74 -1.69
C ILE A 32 1.29 2.48 -1.94
N THR A 33 2.13 3.28 -1.30
CA THR A 33 3.58 3.14 -1.44
C THR A 33 4.14 2.16 -0.42
N LEU A 34 4.62 1.02 -0.90
CA LEU A 34 5.19 0.00 -0.03
C LEU A 34 6.35 0.56 0.79
N LEU A 35 6.20 0.55 2.10
CA LEU A 35 7.23 1.07 3.00
C LEU A 35 8.09 -0.07 3.55
N GLU A 36 7.45 -1.01 4.25
CA GLU A 36 8.16 -2.14 4.81
C GLU A 36 7.53 -3.47 4.37
N ASP A 37 8.36 -4.37 3.87
CA ASP A 37 7.89 -5.67 3.40
C ASP A 37 8.27 -6.77 4.39
N SER A 38 8.74 -6.37 5.57
CA SER A 38 9.14 -7.32 6.60
C SER A 38 8.01 -8.30 6.91
N ASN A 39 6.80 -7.78 7.00
CA ASN A 39 5.62 -8.60 7.29
C ASN A 39 4.95 -9.08 6.01
N GLU A 40 5.26 -10.30 5.61
CA GLU A 40 4.69 -10.88 4.40
C GLU A 40 3.17 -10.82 4.44
N ASP A 41 2.59 -11.28 5.54
CA ASP A 41 1.14 -11.28 5.70
C ASP A 41 0.57 -9.88 5.48
N TRP A 42 1.05 -8.92 6.25
CA TRP A 42 0.60 -7.53 6.14
C TRP A 42 1.75 -6.61 5.78
N TRP A 43 1.52 -5.77 4.77
CA TRP A 43 2.54 -4.82 4.32
C TRP A 43 2.16 -3.39 4.69
N LYS A 44 3.16 -2.59 5.05
CA LYS A 44 2.92 -1.21 5.43
C LYS A 44 3.09 -0.28 4.23
N GLY A 45 2.39 0.85 4.26
CA GLY A 45 2.47 1.81 3.17
C GLY A 45 2.13 3.21 3.60
N LYS A 46 2.32 4.17 2.70
CA LYS A 46 2.03 5.57 2.99
C LYS A 46 1.05 6.15 1.97
N ILE A 47 -0.13 6.53 2.43
CA ILE A 47 -1.15 7.10 1.55
C ILE A 47 -1.16 8.62 1.64
N GLN A 48 -1.79 9.26 0.66
CA GLN A 48 -1.87 10.71 0.63
C GLN A 48 -1.96 11.28 2.04
N ASP A 49 -3.11 11.12 2.67
CA ASP A 49 -3.33 11.61 4.02
C ASP A 49 -3.58 10.47 4.99
N ARG A 50 -3.37 9.24 4.52
CA ARG A 50 -3.57 8.06 5.34
C ARG A 50 -2.26 7.30 5.53
N ILE A 51 -2.08 6.73 6.72
CA ILE A 51 -0.87 5.98 7.03
C ILE A 51 -1.17 4.84 8.01
N GLY A 52 -0.45 3.73 7.85
CA GLY A 52 -0.64 2.60 8.73
C GLY A 52 -0.33 1.27 8.05
N PHE A 53 -0.63 0.17 8.73
CA PHE A 53 -0.38 -1.15 8.18
C PHE A 53 -1.61 -1.68 7.45
N PHE A 54 -1.40 -2.70 6.61
CA PHE A 54 -2.49 -3.30 5.85
C PHE A 54 -2.09 -4.67 5.33
N PRO A 55 -3.09 -5.55 5.15
CA PRO A 55 -2.87 -6.91 4.66
C PRO A 55 -2.46 -6.93 3.19
N ALA A 56 -1.72 -7.97 2.81
CA ALA A 56 -1.26 -8.12 1.43
C ALA A 56 -2.35 -8.69 0.54
N ASN A 57 -3.21 -9.51 1.13
CA ASN A 57 -4.30 -10.14 0.39
C ASN A 57 -5.28 -9.08 -0.13
N PHE A 58 -5.30 -7.93 0.54
CA PHE A 58 -6.19 -6.84 0.15
C PHE A 58 -5.63 -6.10 -1.06
N VAL A 59 -4.31 -6.00 -1.14
CA VAL A 59 -3.66 -5.32 -2.25
C VAL A 59 -3.10 -6.32 -3.26
N GLN A 60 -2.89 -5.86 -4.49
CA GLN A 60 -2.35 -6.71 -5.54
C GLN A 60 -1.15 -6.06 -6.22
N ARG A 61 0.00 -6.72 -6.16
CA ARG A 61 1.22 -6.20 -6.77
C ARG A 61 0.96 -5.76 -8.21
N LEU A 62 1.38 -4.54 -8.54
CA LEU A 62 1.19 -4.01 -9.88
C LEU A 62 2.39 -4.33 -10.77
N SER A 63 2.11 -4.73 -12.01
CA SER A 63 3.16 -5.08 -12.95
C SER A 63 3.21 -4.07 -14.09
N GLY A 64 2.06 -3.86 -14.75
CA GLY A 64 2.00 -2.91 -15.85
C GLY A 64 0.71 -2.13 -15.87
N PRO A 65 0.69 -1.03 -16.63
CA PRO A 65 -0.48 -0.17 -16.76
C PRO A 65 -1.62 -0.83 -17.52
N SER A 66 -2.56 -1.42 -16.79
CA SER A 66 -3.70 -2.10 -17.40
C SER A 66 -4.96 -1.24 -17.30
N SER A 67 -5.99 -1.62 -18.06
CA SER A 67 -7.25 -0.89 -18.06
C SER A 67 -8.36 -1.72 -17.42
N GLY A 68 -8.75 -1.34 -16.21
CA GLY A 68 -9.80 -2.07 -15.52
C GLY A 68 -9.27 -3.21 -14.69
N GLY A 1 18.78 15.99 -5.55
CA GLY A 1 18.20 14.65 -5.48
C GLY A 1 17.11 14.55 -4.44
N SER A 2 15.87 14.41 -4.88
CA SER A 2 14.73 14.30 -3.97
C SER A 2 13.91 13.06 -4.27
N SER A 3 14.01 12.07 -3.39
CA SER A 3 13.28 10.82 -3.56
C SER A 3 13.60 10.19 -4.91
N GLY A 4 14.86 10.25 -5.31
CA GLY A 4 15.27 9.67 -6.58
C GLY A 4 14.81 8.24 -6.75
N SER A 5 15.26 7.37 -5.85
CA SER A 5 14.89 5.96 -5.91
C SER A 5 13.39 5.80 -6.16
N SER A 6 13.01 4.65 -6.69
CA SER A 6 11.61 4.37 -6.98
C SER A 6 11.15 3.10 -6.27
N GLY A 7 10.31 3.27 -5.25
CA GLY A 7 9.81 2.13 -4.49
C GLY A 7 8.67 1.43 -5.20
N ASN A 8 8.35 0.23 -4.74
CA ASN A 8 7.26 -0.55 -5.33
C ASN A 8 5.90 0.01 -4.92
N THR A 9 4.99 0.11 -5.88
CA THR A 9 3.65 0.63 -5.62
C THR A 9 2.62 -0.49 -5.60
N TYR A 10 1.62 -0.36 -4.73
CA TYR A 10 0.57 -1.36 -4.62
C TYR A 10 -0.80 -0.71 -4.54
N VAL A 11 -1.75 -1.23 -5.31
CA VAL A 11 -3.11 -0.70 -5.32
C VAL A 11 -4.02 -1.49 -4.40
N ALA A 12 -5.00 -0.82 -3.82
CA ALA A 12 -5.95 -1.46 -2.92
C ALA A 12 -7.09 -2.11 -3.69
N LEU A 13 -7.40 -3.36 -3.36
CA LEU A 13 -8.47 -4.09 -4.03
C LEU A 13 -9.80 -3.86 -3.31
N TYR A 14 -9.76 -3.77 -1.99
CA TYR A 14 -10.96 -3.56 -1.20
C TYR A 14 -10.74 -2.46 -0.16
N LYS A 15 -11.83 -1.84 0.28
CA LYS A 15 -11.76 -0.78 1.28
C LYS A 15 -11.50 -1.35 2.66
N PHE A 16 -10.45 -0.86 3.32
CA PHE A 16 -10.08 -1.33 4.65
C PHE A 16 -10.62 -0.38 5.72
N VAL A 17 -10.97 -0.94 6.88
CA VAL A 17 -11.49 -0.14 7.99
C VAL A 17 -10.66 -0.33 9.24
N PRO A 18 -9.76 0.64 9.50
CA PRO A 18 -8.87 0.62 10.67
C PRO A 18 -9.64 0.83 11.97
N GLN A 19 -9.69 -0.21 12.80
CA GLN A 19 -10.38 -0.12 14.07
C GLN A 19 -9.65 0.81 15.04
N GLU A 20 -8.33 0.71 15.05
CA GLU A 20 -7.50 1.54 15.93
C GLU A 20 -6.58 2.44 15.11
N ASN A 21 -5.70 3.17 15.81
CA ASN A 21 -4.77 4.07 15.16
C ASN A 21 -3.54 3.32 14.68
N GLU A 22 -3.72 2.07 14.26
CA GLU A 22 -2.63 1.25 13.78
C GLU A 22 -2.85 0.83 12.33
N ASP A 23 -4.09 0.50 12.01
CA ASP A 23 -4.45 0.08 10.65
C ASP A 23 -4.43 1.27 9.69
N LEU A 24 -4.38 0.98 8.40
CA LEU A 24 -4.36 2.02 7.37
C LEU A 24 -5.65 2.01 6.56
N GLU A 25 -6.35 3.13 6.58
CA GLU A 25 -7.60 3.26 5.85
C GLU A 25 -7.35 3.36 4.35
N MET A 26 -7.64 2.29 3.62
CA MET A 26 -7.43 2.26 2.18
C MET A 26 -8.75 2.03 1.45
N ARG A 27 -8.77 2.33 0.16
CA ARG A 27 -9.97 2.15 -0.65
C ARG A 27 -9.63 1.49 -1.99
N PRO A 28 -10.62 0.85 -2.60
CA PRO A 28 -10.46 0.17 -3.89
C PRO A 28 -10.25 1.14 -5.05
N GLY A 29 -8.98 1.43 -5.35
CA GLY A 29 -8.68 2.35 -6.43
C GLY A 29 -7.68 3.41 -6.01
N ASP A 30 -7.06 3.23 -4.86
CA ASP A 30 -6.09 4.17 -4.34
C ASP A 30 -4.66 3.68 -4.59
N ILE A 31 -3.70 4.58 -4.48
CA ILE A 31 -2.30 4.23 -4.69
C ILE A 31 -1.54 4.19 -3.36
N ILE A 32 -0.94 3.04 -3.07
CA ILE A 32 -0.18 2.88 -1.83
C ILE A 32 1.30 2.64 -2.13
N THR A 33 2.17 3.21 -1.29
CA THR A 33 3.60 3.06 -1.45
C THR A 33 4.19 2.14 -0.39
N LEU A 34 4.69 0.98 -0.81
CA LEU A 34 5.28 0.01 0.11
C LEU A 34 6.51 0.60 0.79
N LEU A 35 6.52 0.55 2.12
CA LEU A 35 7.64 1.07 2.89
C LEU A 35 8.35 -0.05 3.66
N GLU A 36 7.58 -0.78 4.46
CA GLU A 36 8.14 -1.89 5.24
C GLU A 36 7.63 -3.23 4.72
N ASP A 37 8.49 -3.94 4.00
CA ASP A 37 8.14 -5.23 3.44
C ASP A 37 8.89 -6.35 4.15
N SER A 38 9.16 -6.16 5.44
CA SER A 38 9.88 -7.15 6.23
C SER A 38 9.00 -8.37 6.52
N ASN A 39 7.69 -8.13 6.60
CA ASN A 39 6.74 -9.20 6.88
C ASN A 39 6.32 -9.90 5.58
N GLU A 40 5.38 -10.83 5.70
CA GLU A 40 4.90 -11.58 4.55
C GLU A 40 3.39 -11.42 4.40
N ASP A 41 2.65 -11.78 5.44
CA ASP A 41 1.19 -11.68 5.42
C ASP A 41 0.76 -10.25 5.17
N TRP A 42 0.95 -9.39 6.16
CA TRP A 42 0.56 -7.98 6.04
C TRP A 42 1.78 -7.12 5.72
N TRP A 43 1.55 -6.07 4.94
CA TRP A 43 2.63 -5.16 4.56
C TRP A 43 2.30 -3.72 4.96
N LYS A 44 3.34 -2.89 5.05
CA LYS A 44 3.15 -1.49 5.43
C LYS A 44 3.41 -0.57 4.24
N GLY A 45 2.53 0.42 4.06
CA GLY A 45 2.67 1.35 2.96
C GLY A 45 2.24 2.76 3.33
N LYS A 46 2.18 3.64 2.33
CA LYS A 46 1.77 5.02 2.56
C LYS A 46 0.64 5.41 1.61
N ILE A 47 -0.07 6.47 1.96
CA ILE A 47 -1.18 6.96 1.14
C ILE A 47 -1.25 8.48 1.15
N GLN A 48 -2.00 9.04 0.21
CA GLN A 48 -2.15 10.49 0.11
C GLN A 48 -2.04 11.14 1.48
N ASP A 49 -3.07 10.95 2.30
CA ASP A 49 -3.09 11.53 3.64
C ASP A 49 -3.33 10.45 4.69
N ARG A 50 -3.15 9.19 4.29
CA ARG A 50 -3.35 8.06 5.19
C ARG A 50 -2.10 7.19 5.26
N ILE A 51 -1.81 6.68 6.45
CA ILE A 51 -0.65 5.83 6.65
C ILE A 51 -0.91 4.77 7.72
N GLY A 52 -0.29 3.60 7.55
CA GLY A 52 -0.47 2.53 8.50
C GLY A 52 -0.20 1.16 7.91
N PHE A 53 -0.63 0.11 8.60
CA PHE A 53 -0.43 -1.25 8.12
C PHE A 53 -1.68 -1.77 7.40
N PHE A 54 -1.50 -2.81 6.59
CA PHE A 54 -2.60 -3.39 5.84
C PHE A 54 -2.22 -4.76 5.29
N PRO A 55 -3.23 -5.63 5.10
CA PRO A 55 -3.03 -6.98 4.59
C PRO A 55 -2.62 -6.98 3.12
N ALA A 56 -1.83 -7.98 2.72
CA ALA A 56 -1.38 -8.10 1.35
C ALA A 56 -2.50 -8.62 0.44
N ASN A 57 -3.36 -9.46 1.00
CA ASN A 57 -4.47 -10.03 0.24
C ASN A 57 -5.41 -8.94 -0.25
N PHE A 58 -5.41 -7.81 0.45
CA PHE A 58 -6.27 -6.68 0.09
C PHE A 58 -5.69 -5.92 -1.09
N VAL A 59 -4.36 -5.88 -1.17
CA VAL A 59 -3.67 -5.18 -2.25
C VAL A 59 -3.12 -6.16 -3.29
N GLN A 60 -2.68 -5.63 -4.42
CA GLN A 60 -2.14 -6.47 -5.48
C GLN A 60 -0.93 -5.80 -6.13
N ARG A 61 0.22 -6.49 -6.08
CA ARG A 61 1.45 -5.96 -6.66
C ARG A 61 1.19 -5.35 -8.03
N LEU A 62 1.78 -4.19 -8.27
CA LEU A 62 1.61 -3.50 -9.55
C LEU A 62 2.83 -3.69 -10.45
N SER A 63 3.37 -4.91 -10.44
CA SER A 63 4.54 -5.23 -11.25
C SER A 63 4.47 -4.53 -12.61
N GLY A 64 3.40 -4.79 -13.35
CA GLY A 64 3.23 -4.18 -14.66
C GLY A 64 2.67 -5.15 -15.69
N PRO A 65 2.54 -4.67 -16.93
CA PRO A 65 2.01 -5.49 -18.03
C PRO A 65 2.97 -6.59 -18.45
N SER A 66 2.80 -7.77 -17.88
CA SER A 66 3.66 -8.92 -18.19
C SER A 66 3.64 -9.22 -19.69
N SER A 67 2.45 -9.54 -20.19
CA SER A 67 2.29 -9.86 -21.61
C SER A 67 1.24 -8.95 -22.25
N GLY A 68 1.58 -8.41 -23.43
CA GLY A 68 0.67 -7.54 -24.13
C GLY A 68 1.37 -6.43 -24.87
#